data_8PR5
#
_entry.id   8PR5
#
_cell.length_a   1.00
_cell.length_b   1.00
_cell.length_c   1.00
_cell.angle_alpha   90.00
_cell.angle_beta   90.00
_cell.angle_gamma   90.00
#
_symmetry.space_group_name_H-M   'P 1'
#
_entity_poly.entity_id   1
_entity_poly.type   'polypeptide(L)'
_entity_poly.pdbx_seq_one_letter_code
;SKEEEGLRAQVRDLEEKLETLRLKRAEDKAKLKELEKHKIQLEQVQEWKSKMQEQQADLQRRLKEARKEAKEALEAKERY
MEEMADTADAIEMATLDKEMAEERAESLQQEVEALKERVDELTTDLEILKAEIEEKGSDGAASSYQLKQLEEQNARLKDA
LVRMRDLSSSEKQEHVKLQKLMEKKNQELEVVRQQRERLQEELSQAESTIDELKEQVDAALGAEEMVEMLTDRNLNLEEK
VRELRETVGDLEAMNEMNDELQENARETELELREQLDMAGARVREAQKRVEAAQETVADYQQTIKKYRQLTAHLQDVNRE
LTNQQEASVERQQQPPPETFDFKIKFAETKAHAKAIEMELRQMEVAQANRHMSLLTAFMPDSFLRPGGDHDCVLVLLLMP
RLICKAELIRKQAQEKFDLSENCSERPGLRGAAGEQLSFAAGLVYSLSLLQATLHRYEHALSQCSVDVYKKVGSLYPEMS
AHERSLDFLIELLHKDQLDETVNVEPLTKAIKYYQHLYSIHLAEQPEDSTMQLADHIKFTQSALDCMSVEVGRLRAFLQG
GQEASDIALLLRDLETSCSDIRQFCKKIRRRMPGTDAPGIPAALAFGAQVSDTLLDCRKHLTWVVAVLQEVAAAAAQLIA
PLAENEGLPVAALEELAFKASEQIYGTPSSSPYECLRQSCNILISTMNKLATAMQEGEYDAERPPSKPPPVELRAAALRA
EITDAEGLGLKLEDRETVIKELKKSLKIKGEELSEANVRLSLLEKKLDSAAKDADERIEKVQTRLEETQALLRKKEKEFE
ETMDALQADIDQLEAEKAELKQRLNSQSKRTIEGIRGP
;
_entity_poly.pdbx_strand_id   A,B
#
# COMPACT_ATOMS: atom_id res chain seq x y z
N SER A 1 -0.53 9.46 -19.65
CA SER A 1 0.35 10.13 -18.71
C SER A 1 0.09 9.69 -17.27
N LYS A 2 1.12 9.78 -16.43
CA LYS A 2 0.98 9.42 -15.03
C LYS A 2 -0.02 10.34 -14.31
N GLU A 3 0.02 11.63 -14.63
CA GLU A 3 -0.79 12.62 -13.92
C GLU A 3 -2.29 12.42 -14.18
N GLU A 4 -2.67 12.03 -15.40
CA GLU A 4 -4.08 11.79 -15.69
C GLU A 4 -4.63 10.64 -14.84
N GLU A 5 -3.87 9.55 -14.75
CA GLU A 5 -4.29 8.41 -13.93
C GLU A 5 -4.37 8.80 -12.46
N GLY A 6 -3.39 9.55 -11.97
CA GLY A 6 -3.45 10.00 -10.58
C GLY A 6 -4.66 10.87 -10.30
N LEU A 7 -4.97 11.79 -11.21
CA LEU A 7 -6.15 12.65 -11.04
C LEU A 7 -7.44 11.84 -11.07
N ARG A 8 -7.53 10.84 -11.96
CA ARG A 8 -8.72 10.01 -12.00
C ARG A 8 -8.90 9.23 -10.70
N ALA A 9 -7.81 8.69 -10.16
CA ALA A 9 -7.90 7.98 -8.89
C ALA A 9 -8.35 8.91 -7.77
N GLN A 10 -7.82 10.13 -7.73
CA GLN A 10 -8.23 11.07 -6.70
C GLN A 10 -9.70 11.46 -6.85
N VAL A 11 -10.17 11.62 -8.08
CA VAL A 11 -11.59 11.91 -8.30
C VAL A 11 -12.45 10.79 -7.77
N ARG A 12 -12.07 9.54 -8.05
CA ARG A 12 -12.82 8.39 -7.56
C ARG A 12 -12.86 8.37 -6.03
N ASP A 13 -11.72 8.64 -5.39
CA ASP A 13 -11.67 8.65 -3.93
C ASP A 13 -12.56 9.74 -3.33
N LEU A 14 -12.43 10.97 -3.84
CA LEU A 14 -13.33 12.06 -3.46
C LEU A 14 -14.78 11.68 -3.63
N GLU A 15 -15.15 11.07 -4.76
CA GLU A 15 -16.54 10.70 -4.99
C GLU A 15 -17.04 9.70 -3.95
N GLU A 16 -16.21 8.69 -3.64
CA GLU A 16 -16.64 7.71 -2.63
C GLU A 16 -16.79 8.34 -1.26
N LYS A 17 -15.87 9.26 -0.89
CA LYS A 17 -15.99 9.95 0.39
C LYS A 17 -17.27 10.77 0.46
N LEU A 18 -17.57 11.53 -0.59
CA LEU A 18 -18.83 12.27 -0.63
C LEU A 18 -20.03 11.34 -0.56
N GLU A 19 -20.01 10.20 -1.24
CA GLU A 19 -21.19 9.34 -1.20
C GLU A 19 -21.40 8.72 0.18
N THR A 20 -20.31 8.32 0.85
CA THR A 20 -20.47 7.79 2.21
C THR A 20 -21.03 8.84 3.14
N LEU A 21 -20.48 10.05 3.13
CA LEU A 21 -20.97 10.98 4.13
C LEU A 21 -22.29 11.61 3.65
N ARG A 22 -22.63 11.46 2.37
CA ARG A 22 -23.97 11.78 1.89
C ARG A 22 -25.00 10.78 2.38
N LEU A 23 -24.63 9.51 2.47
CA LEU A 23 -25.57 8.52 3.02
C LEU A 23 -25.75 8.72 4.51
N LYS A 24 -24.68 9.07 5.23
CA LYS A 24 -24.83 9.43 6.63
C LYS A 24 -25.64 10.72 6.79
N ARG A 25 -25.36 11.73 5.95
CA ARG A 25 -26.21 12.92 5.81
C ARG A 25 -27.66 12.55 5.56
N ALA A 26 -27.91 11.51 4.75
CA ALA A 26 -29.29 11.18 4.36
C ALA A 26 -30.04 10.55 5.53
N GLU A 27 -29.39 9.67 6.28
CA GLU A 27 -30.00 9.21 7.51
C GLU A 27 -30.27 10.38 8.44
N ASP A 28 -29.29 11.26 8.59
CA ASP A 28 -29.47 12.42 9.46
C ASP A 28 -30.61 13.30 8.96
N LYS A 29 -30.83 13.38 7.65
CA LYS A 29 -31.85 14.30 7.17
C LYS A 29 -33.23 13.64 7.21
N ALA A 30 -33.28 12.31 7.19
CA ALA A 30 -34.52 11.65 7.58
C ALA A 30 -34.89 11.99 9.02
N LYS A 31 -33.91 11.93 9.91
CA LYS A 31 -34.15 12.35 11.28
C LYS A 31 -34.48 13.84 11.36
N LEU A 32 -33.88 14.65 10.49
CA LEU A 32 -34.21 16.08 10.40
C LEU A 32 -35.66 16.30 9.97
N LYS A 33 -36.15 15.53 9.00
CA LYS A 33 -37.58 15.53 8.69
C LYS A 33 -38.38 15.21 9.93
N GLU A 34 -37.90 14.27 10.73
CA GLU A 34 -38.55 13.87 11.96
C GLU A 34 -38.64 15.09 12.90
N LEU A 35 -37.51 15.80 13.06
CA LEU A 35 -37.44 17.07 13.79
C LEU A 35 -38.47 18.05 13.29
N GLU A 36 -38.58 18.15 11.98
CA GLU A 36 -39.12 19.34 11.39
C GLU A 36 -40.64 19.23 11.36
N LYS A 37 -41.16 18.00 11.34
CA LYS A 37 -42.57 17.86 11.70
C LYS A 37 -42.75 17.85 13.22
N HIS A 38 -41.74 17.43 14.01
CA HIS A 38 -41.85 17.58 15.46
C HIS A 38 -41.98 19.05 15.86
N LYS A 39 -41.30 19.94 15.14
CA LYS A 39 -41.38 21.37 15.42
C LYS A 39 -42.71 21.94 14.94
N ILE A 40 -43.17 21.52 13.76
CA ILE A 40 -44.50 21.97 13.32
C ILE A 40 -45.57 21.58 14.33
N GLN A 41 -45.56 20.34 14.78
CA GLN A 41 -46.62 19.93 15.71
C GLN A 41 -46.28 20.21 17.17
N LEU A 42 -45.07 20.70 17.45
CA LEU A 42 -44.86 21.39 18.72
C LEU A 42 -45.52 22.77 18.71
N GLU A 43 -45.36 23.54 17.62
CA GLU A 43 -46.11 24.80 17.54
C GLU A 43 -47.61 24.56 17.52
N GLN A 44 -48.06 23.51 16.85
CA GLN A 44 -49.50 23.25 16.82
C GLN A 44 -50.02 22.91 18.21
N VAL A 45 -49.36 21.98 18.91
CA VAL A 45 -49.82 21.64 20.25
C VAL A 45 -49.59 22.80 21.22
N GLN A 46 -48.67 23.73 20.91
CA GLN A 46 -48.46 24.87 21.80
C GLN A 46 -49.52 25.95 21.61
N GLU A 47 -49.89 26.23 20.36
CA GLU A 47 -51.06 27.06 20.12
C GLU A 47 -52.27 26.46 20.81
N TRP A 48 -52.39 25.14 20.73
CA TRP A 48 -53.49 24.42 21.35
C TRP A 48 -53.45 24.55 22.89
N LYS A 49 -52.26 24.38 23.47
CA LYS A 49 -52.07 24.51 24.92
C LYS A 49 -52.40 25.92 25.40
N SER A 50 -51.88 26.93 24.71
CA SER A 50 -52.10 28.32 25.12
C SER A 50 -53.57 28.69 24.98
N LYS A 51 -54.18 28.35 23.84
CA LYS A 51 -55.59 28.63 23.60
C LYS A 51 -56.46 27.96 24.66
N MET A 52 -56.14 26.72 25.01
CA MET A 52 -57.01 26.01 25.91
C MET A 52 -56.71 26.37 27.37
N GLN A 53 -55.52 26.91 27.63
CA GLN A 53 -55.28 27.58 28.90
C GLN A 53 -56.19 28.80 29.04
N GLU A 54 -56.34 29.56 27.96
CA GLU A 54 -57.29 30.68 27.96
C GLU A 54 -58.70 30.19 28.28
N GLN A 55 -59.12 29.11 27.61
CA GLN A 55 -60.46 28.55 27.86
C GLN A 55 -60.60 28.06 29.31
N GLN A 56 -59.57 27.41 29.84
CA GLN A 56 -59.61 26.94 31.22
C GLN A 56 -59.69 28.09 32.20
N ALA A 57 -58.98 29.17 31.93
CA ALA A 57 -59.07 30.34 32.80
C ALA A 57 -60.49 30.88 32.83
N ASP A 58 -61.15 30.92 31.67
CA ASP A 58 -62.55 31.35 31.65
C ASP A 58 -63.43 30.41 32.46
N LEU A 59 -63.23 29.10 32.31
CA LEU A 59 -63.99 28.14 33.12
C LEU A 59 -63.74 28.28 34.60
N GLN A 60 -62.48 28.53 35.00
CA GLN A 60 -62.18 28.73 36.42
C GLN A 60 -62.93 29.94 36.95
N ARG A 61 -62.93 31.03 36.17
CA ARG A 61 -63.69 32.21 36.51
C ARG A 61 -65.17 31.88 36.73
N ARG A 62 -65.75 31.15 35.77
CA ARG A 62 -67.18 30.81 35.85
C ARG A 62 -67.47 29.95 37.06
N LEU A 63 -66.60 28.98 37.37
CA LEU A 63 -66.85 28.08 38.48
C LEU A 63 -66.73 28.79 39.82
N LYS A 64 -65.72 29.67 39.95
CA LYS A 64 -65.64 30.55 41.11
C LYS A 64 -66.95 31.29 41.32
N GLU A 65 -67.47 31.88 40.24
CA GLU A 65 -68.74 32.61 40.32
C GLU A 65 -69.90 31.70 40.70
N ALA A 66 -69.92 30.48 40.16
CA ALA A 66 -71.05 29.58 40.41
C ALA A 66 -71.06 29.07 41.84
N ARG A 67 -69.88 28.80 42.40
CA ARG A 67 -69.80 28.42 43.82
C ARG A 67 -70.25 29.58 44.71
N LYS A 68 -69.68 30.76 44.47
CA LYS A 68 -70.19 32.02 45.01
C LYS A 68 -71.71 32.04 45.02
N GLU A 69 -72.31 31.79 43.86
CA GLU A 69 -73.74 32.02 43.65
C GLU A 69 -74.59 30.98 44.34
N ALA A 70 -74.17 29.71 44.29
CA ALA A 70 -74.90 28.67 45.00
C ALA A 70 -74.87 28.92 46.50
N LYS A 71 -73.70 29.31 47.02
CA LYS A 71 -73.58 29.63 48.44
C LYS A 71 -74.51 30.77 48.82
N GLU A 72 -74.54 31.83 47.99
CA GLU A 72 -75.39 32.97 48.31
C GLU A 72 -76.87 32.64 48.18
N ALA A 73 -77.26 31.82 47.19
CA ALA A 73 -78.66 31.44 47.07
C ALA A 73 -79.11 30.60 48.25
N LEU A 74 -78.26 29.67 48.70
CA LEU A 74 -78.58 28.90 49.90
C LEU A 74 -78.70 29.79 51.12
N GLU A 75 -77.77 30.74 51.29
CA GLU A 75 -77.84 31.64 52.42
C GLU A 75 -79.09 32.51 52.36
N ALA A 76 -79.48 32.96 51.17
CA ALA A 76 -80.70 33.75 51.01
C ALA A 76 -81.92 32.93 51.39
N LYS A 77 -81.99 31.67 50.94
CA LYS A 77 -83.10 30.80 51.31
C LYS A 77 -83.16 30.64 52.83
N GLU A 78 -82.01 30.49 53.47
CA GLU A 78 -81.99 30.26 54.92
C GLU A 78 -82.43 31.50 55.69
N ARG A 79 -81.86 32.66 55.38
CA ARG A 79 -82.32 33.89 56.02
C ARG A 79 -83.80 34.10 55.75
N TYR A 80 -84.26 33.63 54.60
CA TYR A 80 -85.62 33.93 54.18
C TYR A 80 -86.60 33.00 54.88
N MET A 81 -86.16 31.81 55.29
CA MET A 81 -87.01 30.95 56.12
C MET A 81 -86.92 31.31 57.61
N GLU A 82 -85.80 31.91 58.01
CA GLU A 82 -85.81 32.70 59.24
C GLU A 82 -86.92 33.74 59.19
N GLU A 83 -87.04 34.42 58.05
CA GLU A 83 -88.06 35.46 57.91
C GLU A 83 -89.47 34.87 57.85
N MET A 84 -89.62 33.67 57.27
CA MET A 84 -90.91 32.97 57.36
C MET A 84 -91.33 32.80 58.81
N ALA A 85 -90.42 32.28 59.63
CA ALA A 85 -90.72 32.12 61.05
C ALA A 85 -91.07 33.46 61.69
N ASP A 86 -90.25 34.48 61.43
CA ASP A 86 -90.50 35.80 62.00
C ASP A 86 -91.85 36.35 61.55
N THR A 87 -92.21 36.14 60.28
CA THR A 87 -93.46 36.65 59.75
C THR A 87 -94.66 35.92 60.34
N ALA A 88 -94.54 34.60 60.54
CA ALA A 88 -95.59 33.88 61.22
C ALA A 88 -95.80 34.41 62.64
N ASP A 89 -94.70 34.66 63.34
CA ASP A 89 -94.81 35.25 64.68
C ASP A 89 -95.45 36.63 64.62
N ALA A 90 -95.06 37.45 63.64
CA ALA A 90 -95.63 38.77 63.48
C ALA A 90 -97.12 38.71 63.19
N ILE A 91 -97.55 37.77 62.34
CA ILE A 91 -98.98 37.57 62.10
C ILE A 91 -99.69 37.24 63.40
N GLU A 92 -99.19 36.23 64.11
CA GLU A 92 -99.89 35.75 65.29
C GLU A 92 -100.06 36.86 66.30
N MET A 93 -98.99 37.58 66.62
CA MET A 93 -99.16 38.48 67.74
C MET A 93 -99.49 39.89 67.24
N ALA A 94 -99.56 40.10 65.92
CA ALA A 94 -100.34 41.21 65.38
C ALA A 94 -101.83 40.97 65.56
N THR A 95 -102.28 39.74 65.36
CA THR A 95 -103.67 39.39 65.66
C THR A 95 -103.95 39.55 67.15
N LEU A 96 -103.05 39.06 67.99
CA LEU A 96 -103.21 39.21 69.43
C LEU A 96 -103.20 40.68 69.85
N ASP A 97 -102.28 41.47 69.29
CA ASP A 97 -102.24 42.90 69.58
C ASP A 97 -103.49 43.60 69.08
N LYS A 98 -104.05 43.13 67.96
CA LYS A 98 -105.31 43.68 67.48
C LYS A 98 -106.40 43.46 68.51
N GLU A 99 -106.46 42.26 69.11
CA GLU A 99 -107.47 42.01 70.12
C GLU A 99 -107.24 42.84 71.38
N MET A 100 -105.98 42.92 71.86
CA MET A 100 -105.72 43.78 73.02
C MET A 100 -106.07 45.23 72.73
N ALA A 101 -105.63 45.75 71.58
CA ALA A 101 -105.91 47.14 71.23
C ALA A 101 -107.39 47.36 71.09
N GLU A 102 -108.13 46.33 70.67
CA GLU A 102 -109.59 46.47 70.59
C GLU A 102 -110.20 46.63 71.97
N GLU A 103 -109.85 45.78 72.96
CA GLU A 103 -110.59 46.00 74.20
C GLU A 103 -110.00 47.19 74.94
N ARG A 104 -108.76 47.56 74.64
CA ARG A 104 -108.18 48.78 75.18
C ARG A 104 -108.94 50.01 74.67
N ALA A 105 -109.23 50.02 73.38
CA ALA A 105 -110.05 51.10 72.82
C ALA A 105 -111.45 51.08 73.41
N GLU A 106 -112.00 49.89 73.66
CA GLU A 106 -113.34 49.81 74.26
C GLU A 106 -113.34 50.31 75.70
N SER A 107 -112.28 49.98 76.45
CA SER A 107 -112.14 50.49 77.82
C SER A 107 -111.98 52.01 77.82
N LEU A 108 -111.12 52.53 76.93
CA LEU A 108 -110.96 53.97 76.81
C LEU A 108 -112.24 54.63 76.31
N GLN A 109 -113.05 53.90 75.55
CA GLN A 109 -114.34 54.40 75.10
C GLN A 109 -115.30 54.55 76.27
N GLN A 110 -115.33 53.55 77.15
CA GLN A 110 -116.12 53.68 78.37
C GLN A 110 -115.61 54.83 79.23
N GLU A 111 -114.30 55.02 79.29
CA GLU A 111 -113.71 56.14 80.02
C GLU A 111 -114.07 57.47 79.38
N VAL A 112 -114.07 57.54 78.05
CA VAL A 112 -114.47 58.76 77.34
C VAL A 112 -115.92 59.09 77.64
N GLU A 113 -116.78 58.07 77.64
CA GLU A 113 -118.19 58.30 77.97
C GLU A 113 -118.34 58.83 79.39
N ALA A 114 -117.63 58.22 80.35
CA ALA A 114 -117.69 58.68 81.73
C ALA A 114 -117.17 60.11 81.86
N LEU A 115 -116.10 60.45 81.15
CA LEU A 115 -115.53 61.78 81.23
C LEU A 115 -116.39 62.82 80.53
N LYS A 116 -117.05 62.45 79.44
CA LYS A 116 -117.98 63.38 78.81
C LYS A 116 -119.21 63.61 79.68
N GLU A 117 -119.62 62.57 80.42
CA GLU A 117 -120.64 62.76 81.44
C GLU A 117 -120.15 63.70 82.53
N ARG A 118 -118.89 63.58 82.94
CA ARG A 118 -118.36 64.48 83.96
C ARG A 118 -118.22 65.91 83.44
N VAL A 119 -117.91 66.07 82.15
CA VAL A 119 -117.87 67.40 81.55
C VAL A 119 -119.27 68.01 81.52
N ASP A 120 -120.28 67.20 81.19
CA ASP A 120 -121.67 67.67 81.29
C ASP A 120 -122.02 68.06 82.72
N GLU A 121 -121.61 67.24 83.69
CA GLU A 121 -121.85 67.53 85.09
C GLU A 121 -121.20 68.84 85.51
N LEU A 122 -119.95 69.05 85.11
CA LEU A 122 -119.25 70.26 85.49
C LEU A 122 -119.83 71.48 84.80
N THR A 123 -120.26 71.35 83.54
CA THR A 123 -120.94 72.46 82.90
C THR A 123 -122.21 72.83 83.64
N THR A 124 -122.99 71.82 84.05
CA THR A 124 -124.20 72.10 84.82
C THR A 124 -123.86 72.71 86.18
N ASP A 125 -122.79 72.25 86.83
CA ASP A 125 -122.40 72.78 88.13
C ASP A 125 -121.92 74.22 88.02
N LEU A 126 -121.17 74.53 86.97
CA LEU A 126 -120.75 75.91 86.74
C LEU A 126 -121.95 76.81 86.47
N GLU A 127 -122.93 76.31 85.71
CA GLU A 127 -124.14 77.07 85.51
C GLU A 127 -124.90 77.27 86.81
N ILE A 128 -124.91 76.27 87.68
CA ILE A 128 -125.55 76.39 88.99
C ILE A 128 -124.83 77.43 89.84
N LEU A 129 -123.50 77.42 89.83
CA LEU A 129 -122.75 78.42 90.58
C LEU A 129 -122.95 79.82 90.01
N LYS A 130 -123.04 79.92 88.69
CA LYS A 130 -123.38 81.19 88.04
C LYS A 130 -124.71 81.70 88.55
N ALA A 131 -125.73 80.84 88.54
CA ALA A 131 -127.06 81.24 89.00
C ALA A 131 -127.03 81.62 90.47
N GLU A 132 -126.28 80.86 91.29
CA GLU A 132 -126.20 81.15 92.72
C GLU A 132 -125.53 82.49 92.98
N ILE A 133 -124.47 82.81 92.25
CA ILE A 133 -123.81 84.09 92.49
C ILE A 133 -124.59 85.24 91.86
N GLU A 134 -125.35 84.98 90.80
CA GLU A 134 -126.24 86.01 90.28
C GLU A 134 -127.37 86.28 91.27
N GLU A 135 -127.77 85.25 92.02
CA GLU A 135 -128.78 85.37 93.08
C GLU A 135 -128.20 86.08 94.31
N LYS A 136 -126.99 85.70 94.72
CA LYS A 136 -126.36 86.30 95.89
C LYS A 136 -126.03 87.76 95.64
N GLY A 137 -125.17 88.01 94.67
CA GLY A 137 -124.68 89.34 94.39
C GLY A 137 -123.65 89.73 95.44
N SER A 138 -124.13 90.09 96.62
CA SER A 138 -123.25 90.29 97.76
C SER A 138 -122.67 88.95 98.17
N ASP A 139 -121.38 88.95 98.51
CA ASP A 139 -120.68 87.69 98.68
C ASP A 139 -119.57 87.85 99.71
N GLY A 140 -119.16 86.72 100.29
CA GLY A 140 -118.09 86.72 101.26
C GLY A 140 -117.64 85.31 101.57
N ALA A 141 -116.32 85.17 101.73
CA ALA A 141 -115.64 83.98 102.22
C ALA A 141 -115.63 82.81 101.24
N ALA A 142 -116.43 82.89 100.18
CA ALA A 142 -116.41 81.82 99.18
C ALA A 142 -115.30 82.02 98.16
N SER A 143 -114.61 83.15 98.22
CA SER A 143 -113.52 83.46 97.31
C SER A 143 -112.17 82.97 97.80
N SER A 144 -112.12 82.27 98.94
CA SER A 144 -110.84 81.83 99.47
C SER A 144 -110.40 80.47 98.91
N TYR A 145 -111.28 79.47 98.99
CA TYR A 145 -110.92 78.12 98.58
C TYR A 145 -110.53 78.06 97.11
N GLN A 146 -111.26 78.76 96.25
CA GLN A 146 -110.94 78.74 94.83
C GLN A 146 -109.59 79.41 94.55
N LEU A 147 -109.26 80.50 95.27
CA LEU A 147 -107.92 81.10 95.19
C LEU A 147 -106.82 80.10 95.53
N LYS A 148 -107.00 79.35 96.62
CA LYS A 148 -105.98 78.40 97.03
C LYS A 148 -105.82 77.31 95.98
N GLN A 149 -106.95 76.82 95.46
CA GLN A 149 -106.89 75.84 94.37
C GLN A 149 -106.13 76.42 93.19
N LEU A 150 -106.18 77.74 93.00
CA LEU A 150 -105.56 78.30 91.80
C LEU A 150 -104.08 78.66 91.94
N GLU A 151 -103.56 79.16 93.09
CA GLU A 151 -102.10 79.01 93.20
C GLU A 151 -101.67 77.55 93.14
N GLU A 152 -102.36 76.65 93.84
CA GLU A 152 -101.86 75.29 93.86
C GLU A 152 -101.89 74.69 92.47
N GLN A 153 -102.84 75.11 91.64
CA GLN A 153 -102.87 74.60 90.28
C GLN A 153 -101.84 75.29 89.38
N ASN A 154 -101.58 76.59 89.58
CA ASN A 154 -100.48 77.22 88.84
C ASN A 154 -99.17 76.51 89.13
N ALA A 155 -98.89 76.26 90.41
CA ALA A 155 -97.69 75.53 90.79
C ALA A 155 -97.73 74.09 90.28
N ARG A 156 -98.88 73.44 90.36
CA ARG A 156 -99.00 72.05 89.92
C ARG A 156 -98.79 71.94 88.41
N LEU A 157 -99.27 72.94 87.65
CA LEU A 157 -99.13 72.92 86.20
C LEU A 157 -97.71 73.27 85.78
N LYS A 158 -97.08 74.24 86.43
CA LYS A 158 -95.68 74.52 86.14
C LYS A 158 -94.81 73.32 86.52
N ASP A 159 -95.12 72.66 87.64
CA ASP A 159 -94.36 71.49 88.07
C ASP A 159 -94.60 70.31 87.13
N ALA A 160 -95.83 70.16 86.62
CA ALA A 160 -96.11 69.06 85.69
C ALA A 160 -95.48 69.34 84.32
N LEU A 161 -95.46 70.62 83.92
CA LEU A 161 -94.67 71.03 82.76
C LEU A 161 -93.22 70.59 82.91
N VAL A 162 -92.57 71.06 83.98
CA VAL A 162 -91.18 70.68 84.24
C VAL A 162 -91.07 69.17 84.40
N ARG A 163 -92.13 68.54 84.87
CA ARG A 163 -92.08 67.15 85.27
C ARG A 163 -92.02 66.26 84.03
N MET A 164 -92.88 66.51 83.04
CA MET A 164 -92.76 65.62 81.89
C MET A 164 -91.93 66.29 80.81
N ARG A 165 -91.41 67.50 81.07
CA ARG A 165 -90.21 67.96 80.39
C ARG A 165 -89.00 67.15 80.80
N ASP A 166 -88.84 66.93 82.11
CA ASP A 166 -87.79 66.04 82.60
C ASP A 166 -87.99 64.63 82.08
N LEU A 167 -89.25 64.18 82.04
CA LEU A 167 -89.55 62.87 81.48
C LEU A 167 -89.20 62.80 79.99
N SER A 168 -89.52 63.86 79.24
CA SER A 168 -89.15 63.91 77.82
C SER A 168 -87.64 63.93 77.66
N SER A 169 -86.93 64.65 78.53
CA SER A 169 -85.48 64.71 78.45
C SER A 169 -84.85 63.38 78.84
N SER A 170 -85.46 62.65 79.78
CA SER A 170 -84.96 61.32 80.12
C SER A 170 -85.24 60.33 79.01
N GLU A 171 -86.42 60.41 78.40
CA GLU A 171 -86.72 59.59 77.22
C GLU A 171 -85.75 59.92 76.10
N LYS A 172 -85.38 61.18 75.96
CA LYS A 172 -84.41 61.56 74.95
C LYS A 172 -82.99 61.17 75.34
N GLN A 173 -82.70 61.08 76.64
CA GLN A 173 -81.42 60.53 77.07
C GLN A 173 -81.32 59.06 76.69
N GLU A 174 -82.36 58.29 77.01
CA GLU A 174 -82.41 56.89 76.59
C GLU A 174 -82.35 56.79 75.07
N HIS A 175 -83.05 57.68 74.39
CA HIS A 175 -83.17 57.65 72.94
C HIS A 175 -81.85 58.04 72.28
N VAL A 176 -81.10 58.94 72.90
CA VAL A 176 -79.80 59.36 72.40
C VAL A 176 -78.74 58.32 72.70
N LYS A 177 -78.75 57.75 73.91
CA LYS A 177 -77.85 56.65 74.22
C LYS A 177 -78.12 55.47 73.29
N LEU A 178 -79.41 55.20 73.04
CA LEU A 178 -79.79 54.22 72.04
C LEU A 178 -79.22 54.58 70.68
N GLN A 179 -79.48 55.80 70.21
CA GLN A 179 -79.07 56.21 68.86
C GLN A 179 -77.56 56.17 68.70
N LYS A 180 -76.82 56.51 69.75
CA LYS A 180 -75.38 56.40 69.67
C LYS A 180 -74.94 54.95 69.81
N LEU A 181 -75.80 54.10 70.37
CA LEU A 181 -75.56 52.66 70.29
C LEU A 181 -75.79 52.13 68.87
N MET A 182 -76.88 52.55 68.19
CA MET A 182 -76.88 52.54 66.72
C MET A 182 -75.54 52.91 66.13
N GLU A 183 -75.10 54.13 66.36
CA GLU A 183 -74.01 54.66 65.55
C GLU A 183 -72.74 53.85 65.79
N LYS A 184 -72.50 53.47 67.04
CA LYS A 184 -71.37 52.59 67.35
C LYS A 184 -71.55 51.22 66.69
N LYS A 185 -72.77 50.67 66.72
CA LYS A 185 -73.00 49.36 66.13
C LYS A 185 -72.89 49.42 64.61
N ASN A 186 -73.31 50.54 64.01
CA ASN A 186 -73.20 50.73 62.58
C ASN A 186 -71.74 50.89 62.17
N GLN A 187 -70.96 51.59 62.99
CA GLN A 187 -69.52 51.66 62.75
C GLN A 187 -68.86 50.30 62.93
N GLU A 188 -69.27 49.54 63.94
CA GLU A 188 -68.77 48.19 64.12
C GLU A 188 -69.13 47.33 62.93
N LEU A 189 -70.38 47.45 62.45
CA LEU A 189 -70.83 46.70 61.28
C LEU A 189 -70.05 47.11 60.04
N GLU A 190 -69.75 48.41 59.91
CA GLU A 190 -68.96 48.88 58.79
C GLU A 190 -67.54 48.33 58.84
N VAL A 191 -66.94 48.29 60.04
CA VAL A 191 -65.59 47.76 60.18
C VAL A 191 -65.57 46.27 59.89
N VAL A 192 -66.56 45.54 60.39
CA VAL A 192 -66.65 44.10 60.12
C VAL A 192 -66.91 43.87 58.63
N ARG A 193 -67.70 44.73 58.01
CA ARG A 193 -67.91 44.65 56.57
C ARG A 193 -66.62 44.87 55.81
N GLN A 194 -65.82 45.86 56.23
CA GLN A 194 -64.54 46.11 55.60
C GLN A 194 -63.61 44.92 55.77
N GLN A 195 -63.58 44.35 56.97
CA GLN A 195 -62.77 43.16 57.22
C GLN A 195 -63.22 42.02 56.33
N ARG A 196 -64.53 41.82 56.22
CA ARG A 196 -65.09 40.77 55.38
C ARG A 196 -64.71 40.98 53.92
N GLU A 197 -64.78 42.22 53.45
CA GLU A 197 -64.43 42.54 52.07
C GLU A 197 -62.94 42.28 51.81
N ARG A 198 -62.09 42.70 52.76
CA ARG A 198 -60.66 42.46 52.61
C ARG A 198 -60.36 40.97 52.61
N LEU A 199 -61.01 40.23 53.51
CA LEU A 199 -60.84 38.78 53.56
C LEU A 199 -61.29 38.14 52.25
N GLN A 200 -62.38 38.64 51.67
CA GLN A 200 -62.90 38.06 50.45
C GLN A 200 -61.98 38.35 49.26
N GLU A 201 -61.38 39.55 49.22
CA GLU A 201 -60.39 39.85 48.20
C GLU A 201 -59.17 38.96 48.33
N GLU A 202 -58.67 38.81 49.56
CA GLU A 202 -57.50 37.96 49.79
C GLU A 202 -57.81 36.50 49.46
N LEU A 203 -59.04 36.06 49.77
CA LEU A 203 -59.46 34.72 49.41
C LEU A 203 -59.53 34.54 47.89
N SER A 204 -60.00 35.57 47.17
CA SER A 204 -60.03 35.50 45.71
C SER A 204 -58.63 35.35 45.14
N GLN A 205 -57.68 36.13 45.66
CA GLN A 205 -56.29 36.00 45.23
C GLN A 205 -55.75 34.61 45.52
N ALA A 206 -56.05 34.09 46.71
CA ALA A 206 -55.60 32.75 47.08
C ALA A 206 -56.21 31.70 46.16
N GLU A 207 -57.47 31.89 45.78
CA GLU A 207 -58.13 30.93 44.89
C GLU A 207 -57.50 30.94 43.50
N SER A 208 -57.17 32.13 43.00
CA SER A 208 -56.44 32.22 41.73
C SER A 208 -55.11 31.47 41.81
N THR A 209 -54.38 31.69 42.91
CA THR A 209 -53.11 30.99 43.10
C THR A 209 -53.32 29.48 43.16
N ILE A 210 -54.38 29.04 43.83
CA ILE A 210 -54.69 27.63 43.96
C ILE A 210 -54.93 27.01 42.58
N ASP A 211 -55.72 27.69 41.76
CA ASP A 211 -56.01 27.17 40.42
C ASP A 211 -54.74 27.04 39.60
N GLU A 212 -53.88 28.06 39.67
CA GLU A 212 -52.63 28.01 38.92
C GLU A 212 -51.74 26.86 39.40
N LEU A 213 -51.66 26.67 40.73
CA LEU A 213 -50.86 25.56 41.26
C LEU A 213 -51.44 24.20 40.85
N LYS A 214 -52.77 24.07 40.89
CA LYS A 214 -53.41 22.83 40.47
C LYS A 214 -53.08 22.53 39.03
N GLU A 215 -53.01 23.56 38.19
CA GLU A 215 -52.65 23.37 36.78
C GLU A 215 -51.18 22.98 36.61
N GLN A 216 -50.28 23.57 37.40
CA GLN A 216 -48.89 23.12 37.39
C GLN A 216 -48.81 21.64 37.71
N VAL A 217 -49.54 21.24 38.75
CA VAL A 217 -49.65 19.86 39.19
C VAL A 217 -50.13 19.01 38.02
N ASP A 218 -51.05 19.55 37.23
CA ASP A 218 -51.56 18.82 36.06
C ASP A 218 -50.45 18.53 35.04
N ALA A 219 -49.72 19.58 34.64
CA ALA A 219 -48.61 19.38 33.71
C ALA A 219 -47.64 18.34 34.24
N ALA A 220 -47.39 18.37 35.54
CA ALA A 220 -46.35 17.49 36.07
C ALA A 220 -46.86 16.07 36.34
N LEU A 221 -48.18 15.90 36.47
CA LEU A 221 -48.76 14.56 36.42
C LEU A 221 -48.53 13.94 35.05
N GLY A 222 -48.72 14.74 34.00
CA GLY A 222 -48.30 14.28 32.68
C GLY A 222 -46.82 13.92 32.66
N ALA A 223 -45.99 14.72 33.33
CA ALA A 223 -44.56 14.42 33.40
C ALA A 223 -44.31 13.06 34.06
N GLU A 224 -45.08 12.71 35.08
CA GLU A 224 -44.95 11.38 35.70
C GLU A 224 -45.24 10.28 34.68
N GLU A 225 -46.28 10.49 33.86
CA GLU A 225 -46.56 9.51 32.81
C GLU A 225 -45.39 9.39 31.83
N MET A 226 -44.72 10.50 31.50
CA MET A 226 -43.46 10.36 30.74
C MET A 226 -42.39 9.62 31.51
N VAL A 227 -42.30 9.83 32.82
CA VAL A 227 -41.25 9.15 33.57
C VAL A 227 -41.30 7.67 33.29
N GLU A 228 -42.50 7.09 33.36
CA GLU A 228 -42.58 5.64 33.16
C GLU A 228 -42.63 5.23 31.68
N MET A 229 -43.14 6.10 30.78
CA MET A 229 -42.81 5.92 29.35
C MET A 229 -41.31 5.73 29.14
N LEU A 230 -40.53 6.74 29.55
CA LEU A 230 -39.12 6.83 29.24
C LEU A 230 -38.33 5.75 29.96
N THR A 231 -38.75 5.38 31.17
CA THR A 231 -38.08 4.30 31.87
C THR A 231 -38.19 3.00 31.08
N ASP A 232 -39.40 2.70 30.60
CA ASP A 232 -39.54 1.49 29.78
C ASP A 232 -38.69 1.57 28.52
N ARG A 233 -38.77 2.70 27.82
CA ARG A 233 -38.01 2.88 26.59
C ARG A 233 -36.51 2.75 26.85
N ASN A 234 -36.06 3.23 28.00
CA ASN A 234 -34.64 3.28 28.32
C ASN A 234 -34.11 1.89 28.64
N LEU A 235 -34.89 1.11 29.38
CA LEU A 235 -34.54 -0.30 29.59
C LEU A 235 -34.49 -1.05 28.26
N ASN A 236 -35.50 -0.86 27.41
CA ASN A 236 -35.52 -1.56 26.13
C ASN A 236 -34.35 -1.15 25.25
N LEU A 237 -34.00 0.14 25.26
CA LEU A 237 -32.89 0.60 24.42
C LEU A 237 -31.55 0.13 24.94
N GLU A 238 -31.40 0.02 26.26
CA GLU A 238 -30.17 -0.56 26.79
C GLU A 238 -30.04 -2.02 26.37
N GLU A 239 -31.14 -2.77 26.45
CA GLU A 239 -31.11 -4.15 25.98
C GLU A 239 -30.82 -4.21 24.48
N LYS A 240 -31.36 -3.27 23.71
CA LYS A 240 -31.14 -3.26 22.26
C LYS A 240 -29.71 -2.89 21.92
N VAL A 241 -29.11 -1.95 22.67
CA VAL A 241 -27.70 -1.64 22.47
C VAL A 241 -26.84 -2.86 22.76
N ARG A 242 -27.15 -3.57 23.85
CA ARG A 242 -26.41 -4.77 24.19
C ARG A 242 -26.56 -5.83 23.10
N GLU A 243 -27.80 -6.04 22.61
CA GLU A 243 -28.05 -7.02 21.56
C GLU A 243 -27.36 -6.64 20.26
N LEU A 244 -27.40 -5.35 19.90
CA LEU A 244 -26.76 -4.90 18.67
C LEU A 244 -25.24 -5.02 18.76
N ARG A 245 -24.67 -4.73 19.92
CA ARG A 245 -23.24 -4.92 20.11
C ARG A 245 -22.88 -6.39 20.03
N GLU A 246 -23.71 -7.26 20.59
CA GLU A 246 -23.47 -8.69 20.48
C GLU A 246 -23.56 -9.17 19.04
N THR A 247 -24.54 -8.65 18.27
CA THR A 247 -24.65 -9.02 16.87
C THR A 247 -23.47 -8.50 16.07
N VAL A 248 -23.01 -7.28 16.36
CA VAL A 248 -21.80 -6.76 15.75
C VAL A 248 -20.62 -7.69 16.03
N GLY A 249 -20.50 -8.13 17.28
CA GLY A 249 -19.44 -9.05 17.64
C GLY A 249 -19.54 -10.38 16.92
N ASP A 250 -20.76 -10.93 16.82
CA ASP A 250 -20.94 -12.20 16.11
C ASP A 250 -20.59 -12.06 14.64
N LEU A 251 -21.05 -10.98 14.00
CA LEU A 251 -20.74 -10.74 12.59
C LEU A 251 -19.25 -10.55 12.39
N GLU A 252 -18.60 -9.78 13.27
CA GLU A 252 -17.15 -9.62 13.20
C GLU A 252 -16.44 -10.95 13.38
N ALA A 253 -16.95 -11.80 14.28
CA ALA A 253 -16.31 -13.08 14.55
C ALA A 253 -16.41 -14.03 13.36
N MET A 254 -17.59 -14.14 12.71
CA MET A 254 -17.58 -15.09 11.61
C MET A 254 -17.05 -14.44 10.33
N ASN A 255 -16.95 -13.11 10.28
CA ASN A 255 -16.07 -12.51 9.28
C ASN A 255 -14.63 -12.95 9.50
N GLU A 256 -14.23 -13.04 10.78
CA GLU A 256 -12.86 -13.45 11.10
C GLU A 256 -12.61 -14.90 10.71
N MET A 257 -13.57 -15.84 10.99
CA MET A 257 -13.31 -17.16 10.38
C MET A 257 -13.32 -17.07 8.88
N ASN A 258 -14.18 -16.24 8.29
CA ASN A 258 -14.29 -16.32 6.84
C ASN A 258 -12.96 -15.92 6.20
N ASP A 259 -12.28 -14.95 6.79
CA ASP A 259 -10.92 -14.63 6.36
C ASP A 259 -9.96 -15.80 6.61
N GLU A 260 -10.01 -16.41 7.80
CA GLU A 260 -9.10 -17.53 8.08
C GLU A 260 -9.37 -18.71 7.16
N LEU A 261 -10.64 -18.98 6.88
CA LEU A 261 -11.03 -20.09 6.03
C LEU A 261 -10.66 -19.83 4.59
N GLN A 262 -10.73 -18.57 4.16
CA GLN A 262 -10.20 -18.23 2.84
C GLN A 262 -8.72 -18.51 2.76
N GLU A 263 -7.97 -18.15 3.81
CA GLU A 263 -6.54 -18.44 3.81
C GLU A 263 -6.27 -19.94 3.80
N ASN A 264 -7.02 -20.71 4.61
CA ASN A 264 -6.85 -22.15 4.62
C ASN A 264 -7.24 -22.78 3.29
N ALA A 265 -8.29 -22.25 2.65
CA ALA A 265 -8.67 -22.73 1.34
C ALA A 265 -7.59 -22.43 0.31
N ARG A 266 -6.97 -21.25 0.39
CA ARG A 266 -5.86 -20.93 -0.49
C ARG A 266 -4.68 -21.86 -0.25
N GLU A 267 -4.41 -22.19 1.01
CA GLU A 267 -3.31 -23.09 1.33
C GLU A 267 -3.58 -24.51 0.84
N THR A 268 -4.79 -25.02 1.09
CA THR A 268 -5.16 -26.33 0.58
C THR A 268 -5.17 -26.33 -0.94
N GLU A 269 -5.62 -25.23 -1.53
CA GLU A 269 -5.60 -25.09 -2.98
C GLU A 269 -4.17 -25.18 -3.51
N LEU A 270 -3.23 -24.53 -2.84
CA LEU A 270 -1.86 -24.59 -3.34
C LEU A 270 -1.23 -25.94 -3.03
N GLU A 271 -1.63 -26.62 -1.97
CA GLU A 271 -1.14 -27.98 -1.76
C GLU A 271 -1.70 -28.91 -2.83
N LEU A 272 -2.97 -28.72 -3.20
CA LEU A 272 -3.55 -29.45 -4.32
C LEU A 272 -2.88 -29.06 -5.62
N ARG A 273 -2.41 -27.81 -5.73
CA ARG A 273 -1.72 -27.38 -6.94
C ARG A 273 -0.28 -27.86 -6.96
N GLU A 274 0.33 -28.07 -5.79
CA GLU A 274 1.64 -28.72 -5.72
C GLU A 274 1.50 -30.20 -6.04
N GLN A 275 0.41 -30.82 -5.58
CA GLN A 275 0.13 -32.19 -5.93
C GLN A 275 -0.27 -32.31 -7.39
N LEU A 276 -0.89 -31.26 -7.93
CA LEU A 276 -1.18 -31.19 -9.35
C LEU A 276 0.08 -30.87 -10.14
N ASP A 277 1.03 -30.17 -9.53
CA ASP A 277 2.29 -29.89 -10.19
C ASP A 277 3.27 -31.02 -10.03
N MET A 278 3.04 -31.94 -9.10
CA MET A 278 3.84 -33.15 -9.07
C MET A 278 3.12 -34.29 -9.79
N ALA A 279 1.80 -34.19 -9.95
CA ALA A 279 1.13 -34.99 -10.97
C ALA A 279 1.47 -34.49 -12.37
N GLY A 280 1.62 -33.18 -12.53
CA GLY A 280 2.03 -32.64 -13.81
C GLY A 280 3.52 -32.64 -13.98
N ALA A 281 4.27 -32.73 -12.88
CA ALA A 281 5.70 -32.99 -12.95
C ALA A 281 5.95 -34.47 -13.16
N ARG A 282 5.01 -35.31 -12.71
CA ARG A 282 5.03 -36.71 -13.10
C ARG A 282 4.54 -36.86 -14.53
N VAL A 283 3.68 -35.96 -14.99
CA VAL A 283 3.28 -35.95 -16.39
C VAL A 283 4.40 -35.42 -17.25
N ARG A 284 5.13 -34.42 -16.76
CA ARG A 284 6.30 -33.89 -17.46
C ARG A 284 7.47 -34.83 -17.33
N GLU A 285 7.54 -35.59 -16.24
CA GLU A 285 8.63 -36.53 -16.03
C GLU A 285 8.34 -37.86 -16.71
N ALA A 286 7.10 -38.33 -16.61
CA ALA A 286 6.63 -39.41 -17.46
C ALA A 286 6.59 -38.98 -18.90
N GLN A 287 6.47 -37.68 -19.17
CA GLN A 287 6.66 -37.21 -20.52
C GLN A 287 8.13 -37.31 -20.88
N LYS A 288 9.00 -36.53 -20.23
CA LYS A 288 10.43 -36.62 -20.52
C LYS A 288 10.92 -38.07 -20.49
N ARG A 289 10.19 -38.94 -19.77
CA ARG A 289 10.43 -40.38 -19.84
C ARG A 289 9.80 -40.99 -21.07
N VAL A 290 8.66 -40.46 -21.52
CA VAL A 290 8.06 -40.90 -22.77
C VAL A 290 8.84 -40.35 -23.96
N GLU A 291 9.20 -39.08 -23.90
CA GLU A 291 10.13 -38.48 -24.85
C GLU A 291 11.48 -39.17 -24.82
N ALA A 292 11.96 -39.55 -23.63
CA ALA A 292 13.24 -40.23 -23.51
C ALA A 292 13.13 -41.67 -23.94
N ALA A 293 12.02 -42.33 -23.59
CA ALA A 293 11.75 -43.68 -24.06
C ALA A 293 11.34 -43.66 -25.51
N GLN A 294 10.94 -42.51 -26.03
CA GLN A 294 10.51 -42.41 -27.42
C GLN A 294 11.69 -42.07 -28.32
N GLU A 295 12.62 -41.25 -27.84
CA GLU A 295 13.89 -41.14 -28.53
C GLU A 295 14.78 -42.33 -28.21
N THR A 296 14.44 -43.07 -27.15
CA THR A 296 15.06 -44.36 -26.90
C THR A 296 14.48 -45.42 -27.80
N VAL A 297 13.17 -45.33 -28.07
CA VAL A 297 12.53 -46.08 -29.15
C VAL A 297 13.05 -45.63 -30.49
N ALA A 298 13.36 -44.35 -30.65
CA ALA A 298 13.90 -43.86 -31.91
C ALA A 298 15.33 -44.34 -32.10
N ASP A 299 16.11 -44.34 -31.03
CA ASP A 299 17.47 -44.88 -31.10
C ASP A 299 17.46 -46.39 -31.17
N TYR A 300 16.56 -47.05 -30.44
CA TYR A 300 16.39 -48.49 -30.53
C TYR A 300 15.74 -48.88 -31.84
N GLN A 301 15.06 -47.95 -32.48
CA GLN A 301 14.35 -48.26 -33.70
C GLN A 301 15.26 -48.00 -34.88
N GLN A 302 16.15 -47.03 -34.74
CA GLN A 302 17.31 -46.91 -35.60
C GLN A 302 18.26 -48.08 -35.37
N THR A 303 18.31 -48.58 -34.13
CA THR A 303 19.14 -49.74 -33.83
C THR A 303 18.50 -51.03 -34.34
N ILE A 304 17.17 -51.12 -34.34
CA ILE A 304 16.50 -52.28 -34.90
C ILE A 304 16.38 -52.13 -36.40
N LYS A 305 16.46 -50.91 -36.91
CA LYS A 305 16.58 -50.74 -38.35
C LYS A 305 17.98 -51.11 -38.81
N LYS A 306 19.00 -50.76 -38.01
CA LYS A 306 20.35 -51.22 -38.28
C LYS A 306 20.48 -52.72 -38.08
N TYR A 307 19.81 -53.26 -37.05
CA TYR A 307 19.80 -54.69 -36.82
C TYR A 307 18.94 -55.40 -37.84
N ARG A 308 17.94 -54.70 -38.39
CA ARG A 308 17.10 -55.27 -39.44
C ARG A 308 17.84 -55.27 -40.76
N GLN A 309 18.57 -54.19 -41.05
CA GLN A 309 19.44 -54.18 -42.22
C GLN A 309 20.57 -55.17 -42.06
N LEU A 310 21.12 -55.28 -40.85
CA LEU A 310 22.20 -56.23 -40.59
C LEU A 310 21.69 -57.66 -40.59
N THR A 311 20.47 -57.88 -40.09
CA THR A 311 19.90 -59.21 -40.08
C THR A 311 19.40 -59.58 -41.45
N ALA A 312 18.93 -58.62 -42.23
CA ALA A 312 18.56 -58.86 -43.61
C ALA A 312 19.81 -59.11 -44.46
N HIS A 313 20.90 -58.40 -44.16
CA HIS A 313 22.16 -58.64 -44.85
C HIS A 313 22.77 -59.97 -44.43
N LEU A 314 22.74 -60.29 -43.15
CA LEU A 314 23.22 -61.57 -42.66
C LEU A 314 22.33 -62.70 -43.12
N GLN A 315 21.03 -62.44 -43.26
CA GLN A 315 20.11 -63.42 -43.78
C GLN A 315 20.26 -63.57 -45.28
N ASP A 316 20.64 -62.51 -45.98
CA ASP A 316 20.95 -62.62 -47.40
C ASP A 316 22.25 -63.39 -47.61
N VAL A 317 23.24 -63.14 -46.77
CA VAL A 317 24.49 -63.91 -46.82
C VAL A 317 24.24 -65.36 -46.43
N ASN A 318 23.51 -65.58 -45.33
CA ASN A 318 23.15 -66.93 -44.92
C ASN A 318 22.21 -67.57 -45.93
N ARG A 319 21.45 -66.78 -46.66
CA ARG A 319 20.48 -67.35 -47.59
C ARG A 319 21.15 -67.67 -48.92
N GLU A 320 22.19 -66.94 -49.30
CA GLU A 320 23.00 -67.39 -50.43
C GLU A 320 23.90 -68.55 -50.02
N LEU A 321 24.22 -68.62 -48.74
CA LEU A 321 24.98 -69.75 -48.25
C LEU A 321 23.97 -70.86 -48.19
N THR A 322 22.72 -70.49 -47.98
CA THR A 322 21.64 -71.48 -47.96
C THR A 322 21.13 -71.70 -49.37
N ASN A 323 21.62 -70.92 -50.31
CA ASN A 323 21.22 -71.10 -51.70
C ASN A 323 21.51 -72.54 -52.06
N GLN A 324 22.66 -73.04 -51.62
CA GLN A 324 23.01 -74.43 -51.87
C GLN A 324 22.60 -75.29 -50.68
N GLN A 325 22.04 -74.66 -49.65
CA GLN A 325 21.64 -75.40 -48.46
C GLN A 325 20.12 -75.60 -48.38
N GLU A 326 19.35 -74.54 -48.52
CA GLU A 326 17.89 -74.65 -48.41
C GLU A 326 17.14 -73.45 -48.95
N ALA A 327 15.92 -73.67 -49.42
CA ALA A 327 15.11 -72.56 -49.92
C ALA A 327 13.66 -72.86 -49.53
N SER A 328 12.96 -71.86 -49.00
CA SER A 328 11.62 -72.06 -48.44
C SER A 328 10.54 -71.61 -49.41
N VAL A 329 9.36 -72.23 -49.27
CA VAL A 329 8.19 -71.90 -50.09
C VAL A 329 7.00 -71.57 -49.20
N GLU A 330 6.70 -72.46 -48.25
CA GLU A 330 5.63 -72.31 -47.26
C GLU A 330 4.24 -72.41 -47.86
N ARG A 331 3.29 -72.98 -47.09
CA ARG A 331 1.90 -73.09 -47.51
C ARG A 331 1.20 -71.86 -46.96
N GLN A 332 -0.13 -71.83 -46.88
CA GLN A 332 -0.86 -70.71 -46.29
C GLN A 332 -0.56 -70.67 -44.79
N GLN A 333 -0.22 -69.47 -44.29
CA GLN A 333 -0.01 -69.20 -42.87
C GLN A 333 0.28 -67.71 -42.74
N GLN A 334 -0.05 -67.15 -41.58
CA GLN A 334 0.15 -65.71 -41.37
C GLN A 334 0.96 -65.32 -40.15
N PRO A 335 2.24 -65.70 -40.06
CA PRO A 335 3.14 -65.05 -39.12
C PRO A 335 3.72 -63.79 -39.74
N PRO A 336 3.38 -62.62 -39.22
CA PRO A 336 3.83 -61.37 -39.83
C PRO A 336 5.34 -61.26 -39.78
N PRO A 337 5.95 -60.65 -40.79
CA PRO A 337 7.42 -60.54 -40.81
C PRO A 337 7.90 -59.66 -39.67
N GLU A 338 8.64 -60.28 -38.75
CA GLU A 338 9.24 -59.61 -37.60
C GLU A 338 8.17 -59.22 -36.58
N THR A 339 8.48 -59.36 -35.29
CA THR A 339 7.50 -59.12 -34.25
C THR A 339 6.97 -57.69 -34.30
N PHE A 340 7.75 -56.78 -34.86
CA PHE A 340 7.40 -55.37 -34.81
C PHE A 340 7.16 -54.77 -36.17
N ASP A 341 6.64 -55.53 -37.14
CA ASP A 341 6.47 -54.92 -38.45
C ASP A 341 5.67 -53.63 -38.32
N PHE A 342 4.42 -53.66 -37.86
CA PHE A 342 3.90 -52.31 -37.70
C PHE A 342 4.06 -51.79 -36.29
N LYS A 343 4.61 -52.57 -35.36
CA LYS A 343 5.06 -51.90 -34.14
C LYS A 343 6.21 -50.94 -34.44
N ILE A 344 7.20 -51.40 -35.20
CA ILE A 344 8.24 -50.50 -35.68
C ILE A 344 7.65 -49.47 -36.63
N LYS A 345 6.66 -49.86 -37.43
CA LYS A 345 6.04 -48.90 -38.33
C LYS A 345 5.27 -47.81 -37.57
N PHE A 346 4.67 -48.17 -36.42
CA PHE A 346 3.94 -47.20 -35.62
C PHE A 346 4.92 -46.27 -34.90
N ALA A 347 5.95 -46.87 -34.29
CA ALA A 347 7.02 -46.06 -33.72
C ALA A 347 7.73 -45.26 -34.79
N GLU A 348 7.59 -45.65 -36.06
CA GLU A 348 8.15 -44.85 -37.13
C GLU A 348 7.21 -43.69 -37.46
N THR A 349 5.98 -43.96 -37.83
CA THR A 349 4.99 -42.90 -38.01
C THR A 349 5.12 -41.84 -36.92
N LYS A 350 5.41 -42.27 -35.69
CA LYS A 350 5.57 -41.37 -34.56
C LYS A 350 6.99 -40.82 -34.33
N ALA A 351 7.96 -41.67 -33.97
CA ALA A 351 9.33 -41.30 -33.63
C ALA A 351 10.31 -41.43 -34.80
N HIS A 352 9.87 -41.83 -35.99
CA HIS A 352 10.55 -41.47 -37.22
C HIS A 352 10.62 -39.96 -37.32
N ALA A 353 9.56 -39.30 -36.86
CA ALA A 353 9.61 -37.86 -36.64
C ALA A 353 10.70 -37.50 -35.62
N LYS A 354 10.88 -38.34 -34.59
CA LYS A 354 11.93 -38.06 -33.61
C LYS A 354 13.32 -38.25 -34.20
N ALA A 355 13.50 -39.25 -35.06
CA ALA A 355 14.77 -39.41 -35.76
C ALA A 355 15.06 -38.22 -36.67
N ILE A 356 14.04 -37.76 -37.39
CA ILE A 356 14.18 -36.56 -38.21
C ILE A 356 14.55 -35.36 -37.34
N GLU A 357 13.92 -35.24 -36.17
CA GLU A 357 14.20 -34.13 -35.27
C GLU A 357 15.63 -34.21 -34.73
N MET A 358 16.10 -35.41 -34.40
CA MET A 358 17.49 -35.61 -33.99
C MET A 358 18.44 -35.10 -35.07
N GLU A 359 18.21 -35.52 -36.32
CA GLU A 359 19.10 -35.11 -37.40
C GLU A 359 19.06 -33.61 -37.62
N LEU A 360 17.87 -33.02 -37.56
CA LEU A 360 17.73 -31.57 -37.73
C LEU A 360 18.45 -30.83 -36.61
N ARG A 361 18.34 -31.32 -35.38
CA ARG A 361 19.02 -30.69 -34.26
C ARG A 361 20.52 -30.80 -34.39
N GLN A 362 21.01 -31.94 -34.87
CA GLN A 362 22.44 -32.09 -35.09
C GLN A 362 22.95 -31.09 -36.12
N MET A 363 22.22 -30.94 -37.23
CA MET A 363 22.67 -29.98 -38.24
C MET A 363 22.49 -28.55 -37.77
N GLU A 364 21.51 -28.29 -36.89
CA GLU A 364 21.40 -26.97 -36.28
C GLU A 364 22.60 -26.68 -35.39
N VAL A 365 23.04 -27.67 -34.61
CA VAL A 365 24.20 -27.48 -33.75
C VAL A 365 25.45 -27.22 -34.59
N ALA A 366 25.62 -28.00 -35.66
CA ALA A 366 26.77 -27.78 -36.54
C ALA A 366 26.70 -26.41 -37.20
N GLN A 367 25.52 -25.98 -37.62
CA GLN A 367 25.34 -24.67 -38.22
C GLN A 367 25.67 -23.56 -37.23
N ALA A 368 25.21 -23.70 -35.99
CA ALA A 368 25.50 -22.67 -34.99
C ALA A 368 27.00 -22.60 -34.72
N ASN A 369 27.65 -23.74 -34.57
CA ASN A 369 29.09 -23.76 -34.33
C ASN A 369 29.85 -23.11 -35.49
N ARG A 370 29.47 -23.45 -36.73
CA ARG A 370 30.09 -22.84 -37.89
C ARG A 370 29.83 -21.33 -37.93
N HIS A 371 28.59 -20.94 -37.64
CA HIS A 371 28.20 -19.53 -37.72
C HIS A 371 29.00 -18.69 -36.75
N MET A 372 29.14 -19.16 -35.51
CA MET A 372 29.84 -18.40 -34.50
C MET A 372 31.37 -18.54 -34.61
N SER A 373 31.86 -19.59 -35.26
CA SER A 373 33.25 -19.58 -35.73
C SER A 373 33.48 -18.47 -36.77
N LEU A 374 32.60 -18.38 -37.76
CA LEU A 374 32.73 -17.37 -38.80
C LEU A 374 32.64 -15.97 -38.22
N LEU A 375 31.69 -15.76 -37.29
CA LEU A 375 31.57 -14.46 -36.65
C LEU A 375 32.79 -14.12 -35.81
N THR A 376 33.35 -15.11 -35.10
CA THR A 376 34.59 -14.89 -34.36
C THR A 376 35.71 -14.45 -35.30
N ALA A 377 35.72 -14.96 -36.53
CA ALA A 377 36.73 -14.53 -37.48
C ALA A 377 36.67 -13.02 -37.76
N PHE A 378 35.49 -12.40 -37.67
CA PHE A 378 35.35 -10.97 -37.93
C PHE A 378 35.59 -10.12 -36.68
N MET A 379 35.80 -10.75 -35.55
CA MET A 379 35.95 -9.97 -34.32
C MET A 379 37.41 -9.57 -34.18
N PRO A 380 37.69 -8.33 -33.77
CA PRO A 380 39.09 -7.89 -33.70
C PRO A 380 39.86 -8.68 -32.67
N ASP A 381 41.18 -8.72 -32.86
CA ASP A 381 42.04 -9.46 -31.95
C ASP A 381 41.93 -8.97 -30.52
N SER A 382 41.69 -7.67 -30.34
CA SER A 382 41.49 -7.12 -29.00
C SER A 382 40.31 -7.77 -28.30
N PHE A 383 39.28 -8.13 -29.07
CA PHE A 383 38.11 -8.79 -28.48
C PHE A 383 38.44 -10.20 -28.01
N LEU A 384 39.25 -10.92 -28.79
CA LEU A 384 39.48 -12.34 -28.53
C LEU A 384 40.67 -12.61 -27.62
N ARG A 385 41.46 -11.59 -27.28
CA ARG A 385 42.63 -11.82 -26.47
C ARG A 385 42.24 -12.28 -25.07
N PRO A 386 43.13 -13.01 -24.39
CA PRO A 386 42.82 -13.40 -23.01
C PRO A 386 42.54 -12.20 -22.13
N GLY A 387 41.47 -12.28 -21.35
CA GLY A 387 41.02 -11.16 -20.56
C GLY A 387 40.26 -10.10 -21.33
N GLY A 388 40.01 -10.33 -22.62
CA GLY A 388 39.28 -9.38 -23.42
C GLY A 388 37.78 -9.45 -23.20
N ASP A 389 37.05 -8.76 -24.08
CA ASP A 389 35.60 -8.73 -23.96
C ASP A 389 34.99 -10.10 -24.21
N HIS A 390 35.65 -10.94 -25.02
CA HIS A 390 35.14 -12.28 -25.27
C HIS A 390 35.05 -13.08 -23.98
N ASP A 391 36.06 -12.99 -23.13
CA ASP A 391 36.03 -13.71 -21.86
C ASP A 391 34.88 -13.23 -20.98
N CYS A 392 34.60 -11.93 -21.01
CA CYS A 392 33.47 -11.40 -20.25
C CYS A 392 32.15 -11.97 -20.75
N VAL A 393 31.96 -12.01 -22.07
CA VAL A 393 30.77 -12.64 -22.64
C VAL A 393 30.69 -14.11 -22.22
N LEU A 394 31.84 -14.78 -22.23
CA LEU A 394 31.89 -16.18 -21.85
C LEU A 394 31.49 -16.39 -20.41
N VAL A 395 31.82 -15.46 -19.52
CA VAL A 395 31.36 -15.53 -18.14
C VAL A 395 29.83 -15.44 -18.09
N LEU A 396 29.29 -14.43 -18.78
CA LEU A 396 27.84 -14.24 -18.83
C LEU A 396 27.13 -15.49 -19.34
N LEU A 397 27.80 -16.27 -20.17
CA LEU A 397 27.24 -17.54 -20.64
C LEU A 397 27.48 -18.67 -19.66
N LEU A 398 28.69 -18.75 -19.10
CA LEU A 398 29.07 -19.83 -18.21
C LEU A 398 28.08 -20.01 -17.08
N MET A 399 27.62 -18.91 -16.52
CA MET A 399 27.08 -19.04 -15.17
C MET A 399 25.58 -19.34 -15.13
N PRO A 400 24.74 -18.88 -16.09
CA PRO A 400 23.46 -19.59 -16.31
C PRO A 400 23.63 -21.04 -16.74
N ARG A 401 24.66 -21.35 -17.52
CA ARG A 401 24.96 -22.73 -17.87
C ARG A 401 25.20 -23.56 -16.62
N LEU A 402 25.97 -23.01 -15.69
CA LEU A 402 26.22 -23.68 -14.43
C LEU A 402 24.94 -23.89 -13.65
N ILE A 403 24.07 -22.89 -13.61
CA ILE A 403 22.79 -23.04 -12.90
C ILE A 403 21.97 -24.18 -13.49
N CYS A 404 21.89 -24.23 -14.83
CA CYS A 404 21.07 -25.25 -15.48
C CYS A 404 21.63 -26.65 -15.22
N LYS A 405 22.95 -26.82 -15.39
CA LYS A 405 23.56 -28.10 -15.03
C LYS A 405 23.30 -28.43 -13.58
N ALA A 406 23.29 -27.40 -12.73
CA ALA A 406 23.16 -27.61 -11.30
C ALA A 406 21.84 -28.26 -10.94
N GLU A 407 20.70 -27.72 -11.38
CA GLU A 407 19.56 -28.53 -10.94
C GLU A 407 19.17 -29.58 -11.97
N LEU A 408 19.86 -29.69 -13.10
CA LEU A 408 19.75 -30.95 -13.80
C LEU A 408 20.20 -32.08 -12.87
N ILE A 409 21.36 -31.89 -12.25
CA ILE A 409 21.88 -32.88 -11.32
C ILE A 409 20.99 -32.99 -10.08
N ARG A 410 20.60 -31.85 -9.50
CA ARG A 410 19.72 -31.87 -8.33
C ARG A 410 18.43 -32.62 -8.61
N LYS A 411 17.91 -32.44 -9.81
CA LYS A 411 16.56 -32.75 -10.17
C LYS A 411 16.48 -34.25 -10.45
N GLN A 412 17.49 -34.74 -11.20
CA GLN A 412 17.72 -36.17 -11.37
C GLN A 412 18.07 -36.87 -10.07
N ALA A 413 18.87 -36.25 -9.20
CA ALA A 413 19.27 -36.92 -7.96
C ALA A 413 18.08 -37.08 -7.03
N GLN A 414 17.22 -36.07 -6.96
CA GLN A 414 15.99 -36.19 -6.18
C GLN A 414 15.12 -37.32 -6.73
N GLU A 415 15.02 -37.43 -8.05
CA GLU A 415 14.22 -38.51 -8.60
C GLU A 415 14.85 -39.89 -8.37
N LYS A 416 16.16 -40.01 -8.56
CA LYS A 416 16.82 -41.31 -8.50
C LYS A 416 16.77 -41.89 -7.10
N PHE A 417 17.03 -41.07 -6.08
CA PHE A 417 17.05 -41.54 -4.70
C PHE A 417 15.72 -41.32 -3.99
N ASP A 418 14.70 -40.84 -4.71
CA ASP A 418 13.36 -40.66 -4.17
C ASP A 418 13.38 -39.83 -2.89
N LEU A 419 14.13 -38.73 -2.93
CA LEU A 419 14.18 -37.81 -1.81
C LEU A 419 12.82 -37.16 -1.65
N SER A 420 12.13 -37.52 -0.57
CA SER A 420 10.79 -36.99 -0.29
C SER A 420 10.76 -36.44 1.13
N GLU A 421 9.65 -35.80 1.47
CA GLU A 421 9.49 -35.23 2.80
C GLU A 421 9.44 -36.30 3.89
N ASN A 422 9.08 -37.52 3.54
CA ASN A 422 8.94 -38.61 4.50
C ASN A 422 10.14 -39.55 4.49
N CYS A 423 11.33 -39.03 4.20
CA CYS A 423 12.52 -39.88 4.15
C CYS A 423 12.93 -40.37 5.54
N SER A 424 12.51 -39.68 6.61
CA SER A 424 12.87 -40.10 7.95
C SER A 424 12.20 -41.42 8.35
N GLU A 425 11.08 -41.76 7.72
CA GLU A 425 10.34 -42.96 8.06
C GLU A 425 10.64 -44.12 7.12
N ARG A 426 11.58 -43.95 6.20
CA ARG A 426 11.91 -45.02 5.27
C ARG A 426 12.58 -46.18 6.01
N PRO A 427 12.27 -47.41 5.66
CA PRO A 427 12.93 -48.55 6.30
C PRO A 427 14.39 -48.67 5.86
N GLY A 428 15.18 -49.31 6.71
CA GLY A 428 16.57 -49.59 6.38
C GLY A 428 17.52 -48.42 6.48
N LEU A 429 17.16 -47.38 7.24
CA LEU A 429 18.03 -46.22 7.41
C LEU A 429 19.31 -46.56 8.15
N ARG A 430 19.35 -47.70 8.85
CA ARG A 430 20.55 -48.10 9.56
C ARG A 430 21.66 -48.54 8.60
N GLY A 431 21.29 -49.12 7.47
CA GLY A 431 22.24 -49.74 6.56
C GLY A 431 22.56 -48.87 5.36
N ALA A 432 22.71 -49.53 4.20
CA ALA A 432 23.14 -48.85 2.98
C ALA A 432 22.10 -47.84 2.51
N ALA A 433 20.82 -48.10 2.74
CA ALA A 433 19.78 -47.18 2.31
C ALA A 433 19.92 -45.83 3.01
N GLY A 434 20.22 -45.84 4.30
CA GLY A 434 20.43 -44.59 5.02
C GLY A 434 21.62 -43.81 4.48
N GLU A 435 22.71 -44.51 4.18
CA GLU A 435 23.88 -43.85 3.62
C GLU A 435 23.58 -43.25 2.24
N GLN A 436 22.86 -43.99 1.41
CA GLN A 436 22.48 -43.47 0.09
C GLN A 436 21.60 -42.24 0.22
N LEU A 437 20.62 -42.27 1.12
CA LEU A 437 19.75 -41.12 1.31
C LEU A 437 20.53 -39.93 1.84
N SER A 438 21.46 -40.16 2.78
CA SER A 438 22.27 -39.07 3.29
C SER A 438 23.12 -38.46 2.18
N PHE A 439 23.73 -39.29 1.34
CA PHE A 439 24.53 -38.78 0.23
C PHE A 439 23.67 -37.95 -0.72
N ALA A 440 22.49 -38.46 -1.06
CA ALA A 440 21.62 -37.75 -2.00
C ALA A 440 21.18 -36.41 -1.44
N ALA A 441 20.77 -36.41 -0.17
CA ALA A 441 20.34 -35.16 0.46
C ALA A 441 21.47 -34.15 0.50
N GLY A 442 22.67 -34.60 0.89
CA GLY A 442 23.81 -33.70 0.92
C GLY A 442 24.15 -33.15 -0.45
N LEU A 443 24.05 -33.99 -1.48
CA LEU A 443 24.31 -33.54 -2.84
C LEU A 443 23.32 -32.48 -3.27
N VAL A 444 22.03 -32.72 -3.00
CA VAL A 444 21.00 -31.75 -3.36
C VAL A 444 21.23 -30.44 -2.61
N TYR A 445 21.61 -30.54 -1.34
CA TYR A 445 21.88 -29.37 -0.52
C TYR A 445 23.03 -28.54 -1.10
N SER A 446 24.13 -29.22 -1.46
CA SER A 446 25.28 -28.52 -2.03
C SER A 446 24.93 -27.87 -3.36
N LEU A 447 24.15 -28.57 -4.19
CA LEU A 447 23.74 -28.00 -5.47
C LEU A 447 22.86 -26.77 -5.28
N SER A 448 21.97 -26.81 -4.28
CA SER A 448 21.14 -25.64 -3.99
C SER A 448 21.99 -24.46 -3.56
N LEU A 449 23.00 -24.70 -2.72
CA LEU A 449 23.90 -23.64 -2.31
C LEU A 449 24.63 -23.04 -3.51
N LEU A 450 25.13 -23.91 -4.40
CA LEU A 450 25.81 -23.45 -5.60
C LEU A 450 24.88 -22.61 -6.47
N GLN A 451 23.63 -23.06 -6.61
CA GLN A 451 22.66 -22.34 -7.44
C GLN A 451 22.38 -20.96 -6.87
N ALA A 452 22.25 -20.86 -5.54
CA ALA A 452 22.03 -19.55 -4.93
C ALA A 452 23.21 -18.61 -5.21
N THR A 453 24.43 -19.11 -5.06
CA THR A 453 25.60 -18.27 -5.32
C THR A 453 25.63 -17.82 -6.77
N LEU A 454 25.35 -18.73 -7.71
CA LEU A 454 25.39 -18.37 -9.12
C LEU A 454 24.26 -17.42 -9.49
N HIS A 455 23.12 -17.52 -8.82
CA HIS A 455 22.05 -16.55 -9.04
C HIS A 455 22.48 -15.16 -8.62
N ARG A 456 23.17 -15.07 -7.47
CA ARG A 456 23.74 -13.79 -7.08
C ARG A 456 24.68 -13.27 -8.16
N TYR A 457 25.49 -14.16 -8.73
CA TYR A 457 26.41 -13.76 -9.79
C TYR A 457 25.66 -13.19 -10.99
N GLU A 458 24.61 -13.89 -11.42
CA GLU A 458 23.82 -13.43 -12.56
C GLU A 458 23.25 -12.05 -12.31
N HIS A 459 22.64 -11.85 -11.13
CA HIS A 459 22.05 -10.56 -10.83
C HIS A 459 23.10 -9.46 -10.78
N ALA A 460 24.25 -9.73 -10.14
CA ALA A 460 25.29 -8.73 -10.02
C ALA A 460 25.84 -8.34 -11.38
N LEU A 461 26.09 -9.33 -12.25
CA LEU A 461 26.66 -9.05 -13.56
C LEU A 461 25.66 -8.36 -14.49
N SER A 462 24.37 -8.50 -14.23
CA SER A 462 23.41 -7.76 -15.03
C SER A 462 23.37 -6.28 -14.70
N GLN A 463 23.93 -5.86 -13.56
CA GLN A 463 23.79 -4.48 -13.10
C GLN A 463 25.08 -3.82 -12.66
N CYS A 464 26.20 -4.53 -12.62
CA CYS A 464 27.44 -3.98 -12.10
C CYS A 464 27.98 -2.90 -13.04
N SER A 465 29.12 -2.34 -12.67
CA SER A 465 29.80 -1.40 -13.55
C SER A 465 30.60 -2.14 -14.61
N VAL A 466 31.00 -1.41 -15.65
CA VAL A 466 31.77 -2.01 -16.72
C VAL A 466 33.13 -2.48 -16.22
N ASP A 467 33.72 -1.75 -15.27
CA ASP A 467 35.04 -2.12 -14.74
C ASP A 467 34.98 -3.43 -13.97
N VAL A 468 33.99 -3.56 -13.08
CA VAL A 468 33.80 -4.81 -12.35
C VAL A 468 33.52 -5.95 -13.32
N TYR A 469 32.65 -5.69 -14.29
CA TYR A 469 32.37 -6.65 -15.35
C TYR A 469 33.67 -7.09 -16.01
N LYS A 470 34.59 -6.16 -16.21
CA LYS A 470 35.82 -6.48 -16.91
C LYS A 470 36.76 -7.33 -16.06
N LYS A 471 36.94 -7.02 -14.76
CA LYS A 471 37.84 -7.94 -14.04
C LYS A 471 37.19 -9.30 -13.88
N VAL A 472 35.86 -9.34 -13.68
CA VAL A 472 35.21 -10.65 -13.56
C VAL A 472 35.43 -11.46 -14.83
N GLY A 473 35.32 -10.80 -15.99
CA GLY A 473 35.62 -11.47 -17.24
C GLY A 473 37.05 -11.94 -17.32
N SER A 474 37.98 -11.16 -16.75
CA SER A 474 39.38 -11.56 -16.76
C SER A 474 39.63 -12.86 -16.00
N LEU A 475 38.72 -13.24 -15.10
CA LEU A 475 38.85 -14.46 -14.31
C LEU A 475 38.14 -15.64 -14.95
N TYR A 476 37.71 -15.49 -16.21
CA TYR A 476 36.91 -16.55 -16.86
C TYR A 476 37.59 -17.90 -16.89
N PRO A 477 38.86 -18.04 -17.29
CA PRO A 477 39.45 -19.39 -17.31
C PRO A 477 39.37 -20.09 -15.96
N GLU A 478 39.59 -19.33 -14.89
CA GLU A 478 39.59 -19.93 -13.56
C GLU A 478 38.21 -20.43 -13.16
N MET A 479 37.15 -19.63 -13.34
CA MET A 479 35.85 -20.14 -12.91
C MET A 479 35.33 -21.19 -13.89
N SER A 480 35.73 -21.10 -15.17
CA SER A 480 35.33 -22.14 -16.11
C SER A 480 35.96 -23.47 -15.78
N ALA A 481 37.11 -23.47 -15.09
CA ALA A 481 37.71 -24.73 -14.68
C ALA A 481 36.82 -25.53 -13.74
N HIS A 482 36.04 -24.85 -12.89
CA HIS A 482 35.22 -25.54 -11.90
C HIS A 482 33.98 -26.20 -12.49
N GLU A 483 33.67 -25.94 -13.76
CA GLU A 483 32.50 -26.52 -14.40
C GLU A 483 32.58 -28.05 -14.50
N ARG A 484 33.78 -28.61 -14.60
CA ARG A 484 33.82 -30.04 -14.87
C ARG A 484 33.87 -30.90 -13.62
N SER A 485 33.69 -30.30 -12.44
CA SER A 485 33.06 -31.03 -11.34
C SER A 485 31.60 -31.41 -11.68
N LEU A 486 30.81 -30.43 -12.11
CA LEU A 486 29.43 -30.71 -12.52
C LEU A 486 29.40 -31.62 -13.74
N ASP A 487 30.32 -31.42 -14.67
CA ASP A 487 30.40 -32.30 -15.83
C ASP A 487 30.69 -33.74 -15.41
N PHE A 488 31.54 -33.92 -14.39
CA PHE A 488 31.78 -35.26 -13.86
C PHE A 488 30.51 -35.86 -13.28
N LEU A 489 29.75 -35.06 -12.54
CA LEU A 489 28.48 -35.56 -12.01
C LEU A 489 27.52 -35.96 -13.13
N ILE A 490 27.53 -35.20 -14.23
CA ILE A 490 26.64 -35.51 -15.35
C ILE A 490 27.08 -36.79 -16.07
N GLU A 491 28.40 -36.95 -16.28
CA GLU A 491 28.96 -38.28 -16.53
C GLU A 491 28.29 -39.36 -15.70
N LEU A 492 28.37 -39.22 -14.38
CA LEU A 492 27.94 -40.31 -13.51
C LEU A 492 26.45 -40.58 -13.67
N LEU A 493 25.65 -39.53 -13.78
CA LEU A 493 24.21 -39.70 -13.99
C LEU A 493 23.93 -40.39 -15.32
N HIS A 494 24.66 -40.00 -16.37
CA HIS A 494 24.45 -40.60 -17.68
C HIS A 494 24.75 -42.08 -17.67
N LYS A 495 25.79 -42.49 -16.96
CA LYS A 495 26.17 -43.90 -16.86
C LYS A 495 25.44 -44.62 -15.73
N ASP A 496 24.53 -43.94 -15.02
CA ASP A 496 23.82 -44.51 -13.88
C ASP A 496 24.82 -44.99 -12.82
N GLN A 497 25.87 -44.19 -12.59
CA GLN A 497 26.90 -44.52 -11.62
C GLN A 497 26.97 -43.52 -10.47
N LEU A 498 25.95 -42.65 -10.33
CA LEU A 498 25.92 -41.69 -9.23
C LEU A 498 25.43 -42.39 -7.98
N ASP A 499 26.33 -42.61 -7.02
CA ASP A 499 25.98 -43.28 -5.78
C ASP A 499 26.76 -42.64 -4.64
N GLU A 500 26.56 -43.18 -3.44
CA GLU A 500 27.19 -42.65 -2.23
C GLU A 500 28.72 -42.76 -2.25
N THR A 501 29.28 -43.60 -3.12
CA THR A 501 30.73 -43.72 -3.22
C THR A 501 31.36 -42.56 -3.97
N VAL A 502 30.56 -41.70 -4.59
CA VAL A 502 31.10 -40.61 -5.41
C VAL A 502 31.72 -39.55 -4.51
N ASN A 503 32.90 -39.08 -4.90
CA ASN A 503 33.58 -38.01 -4.17
C ASN A 503 33.00 -36.66 -4.59
N VAL A 504 32.45 -35.93 -3.62
CA VAL A 504 31.81 -34.65 -3.89
C VAL A 504 32.70 -33.47 -3.48
N GLU A 505 33.94 -33.73 -3.10
CA GLU A 505 34.86 -32.65 -2.73
C GLU A 505 35.05 -31.62 -3.84
N PRO A 506 35.24 -32.00 -5.11
CA PRO A 506 35.36 -30.96 -6.16
C PRO A 506 34.17 -30.02 -6.19
N LEU A 507 32.96 -30.53 -5.95
CA LEU A 507 31.78 -29.66 -5.95
C LEU A 507 31.80 -28.67 -4.80
N THR A 508 32.02 -29.16 -3.57
CA THR A 508 32.12 -28.26 -2.41
C THR A 508 33.17 -27.20 -2.65
N LYS A 509 34.18 -27.57 -3.43
CA LYS A 509 35.44 -26.86 -3.43
C LYS A 509 35.39 -25.79 -4.52
N ALA A 510 34.64 -26.09 -5.58
CA ALA A 510 34.13 -25.07 -6.51
C ALA A 510 33.17 -24.09 -5.82
N ILE A 511 32.28 -24.61 -4.96
CA ILE A 511 31.34 -23.72 -4.26
C ILE A 511 32.09 -22.69 -3.44
N LYS A 512 33.09 -23.15 -2.68
CA LYS A 512 33.90 -22.24 -1.89
C LYS A 512 34.64 -21.23 -2.77
N TYR A 513 35.15 -21.69 -3.91
CA TYR A 513 35.82 -20.77 -4.84
C TYR A 513 34.87 -19.64 -5.26
N TYR A 514 33.68 -20.00 -5.74
CA TYR A 514 32.73 -18.99 -6.18
C TYR A 514 32.35 -18.07 -5.02
N GLN A 515 32.35 -18.61 -3.80
CA GLN A 515 31.95 -17.80 -2.65
C GLN A 515 32.98 -16.72 -2.31
N HIS A 516 34.30 -17.03 -2.28
CA HIS A 516 35.20 -15.87 -2.40
C HIS A 516 34.85 -15.00 -3.57
N LEU A 517 35.00 -15.52 -4.78
CA LEU A 517 35.11 -14.60 -5.90
C LEU A 517 34.00 -13.57 -5.86
N TYR A 518 32.82 -13.99 -5.39
CA TYR A 518 31.77 -13.04 -5.10
C TYR A 518 32.15 -12.10 -3.95
N SER A 519 32.65 -12.64 -2.84
CA SER A 519 32.97 -11.77 -1.70
C SER A 519 34.04 -10.74 -2.04
N ILE A 520 34.90 -11.04 -3.01
CA ILE A 520 36.00 -10.15 -3.37
C ILE A 520 35.56 -9.12 -4.39
N HIS A 521 34.87 -9.54 -5.46
CA HIS A 521 34.63 -8.63 -6.57
C HIS A 521 33.20 -8.12 -6.65
N LEU A 522 32.24 -8.80 -6.03
CA LEU A 522 30.83 -8.42 -6.15
C LEU A 522 30.19 -8.15 -4.79
N ALA A 523 31.00 -7.84 -3.76
CA ALA A 523 30.47 -7.75 -2.40
C ALA A 523 29.49 -6.59 -2.25
N GLU A 524 29.81 -5.40 -2.76
CA GLU A 524 28.83 -4.33 -2.58
C GLU A 524 27.93 -4.12 -3.79
N GLN A 525 27.68 -5.16 -4.60
CA GLN A 525 26.58 -5.10 -5.55
C GLN A 525 25.25 -5.38 -4.84
N PRO A 526 24.17 -4.70 -5.23
CA PRO A 526 22.88 -4.97 -4.61
C PRO A 526 22.35 -6.35 -4.98
N GLU A 527 21.56 -6.91 -4.07
CA GLU A 527 20.97 -8.23 -4.26
C GLU A 527 19.51 -8.09 -4.66
N ASP A 528 19.04 -9.07 -5.43
CA ASP A 528 17.63 -9.13 -5.80
C ASP A 528 16.86 -9.79 -4.66
N SER A 529 16.02 -9.01 -3.98
CA SER A 529 15.34 -9.50 -2.79
C SER A 529 14.42 -10.67 -3.11
N THR A 530 13.70 -10.60 -4.22
CA THR A 530 12.80 -11.69 -4.59
C THR A 530 13.56 -13.00 -4.71
N MET A 531 14.61 -13.02 -5.51
CA MET A 531 15.14 -14.34 -5.82
C MET A 531 16.19 -14.73 -4.77
N GLN A 532 16.64 -13.77 -3.96
CA GLN A 532 17.27 -14.10 -2.68
C GLN A 532 16.33 -14.90 -1.78
N LEU A 533 15.09 -14.42 -1.63
CA LEU A 533 14.12 -15.14 -0.81
C LEU A 533 13.79 -16.50 -1.39
N ALA A 534 13.64 -16.57 -2.72
CA ALA A 534 13.36 -17.84 -3.37
C ALA A 534 14.50 -18.83 -3.14
N ASP A 535 15.74 -18.37 -3.31
CA ASP A 535 16.89 -19.23 -3.05
C ASP A 535 16.95 -19.65 -1.58
N HIS A 536 16.58 -18.75 -0.67
CA HIS A 536 16.57 -19.10 0.75
C HIS A 536 15.57 -20.22 1.02
N ILE A 537 14.39 -20.14 0.41
CA ILE A 537 13.39 -21.19 0.61
C ILE A 537 13.91 -22.51 0.06
N LYS A 538 14.48 -22.51 -1.14
CA LYS A 538 15.00 -23.74 -1.73
C LYS A 538 16.11 -24.34 -0.87
N PHE A 539 17.04 -23.49 -0.43
CA PHE A 539 18.13 -23.92 0.42
C PHE A 539 17.62 -24.51 1.72
N THR A 540 16.64 -23.84 2.33
CA THR A 540 16.08 -24.32 3.59
C THR A 540 15.42 -25.67 3.40
N GLN A 541 14.70 -25.85 2.30
CA GLN A 541 14.06 -27.15 2.04
C GLN A 541 15.09 -28.26 1.88
N SER A 542 16.17 -27.98 1.14
CA SER A 542 17.21 -29.00 0.98
C SER A 542 17.88 -29.32 2.31
N ALA A 543 18.16 -28.28 3.11
CA ALA A 543 18.75 -28.49 4.42
C ALA A 543 17.83 -29.31 5.31
N LEU A 544 16.53 -29.05 5.23
CA LEU A 544 15.55 -29.81 6.02
C LEU A 544 15.52 -31.27 5.58
N ASP A 545 15.70 -31.52 4.28
CA ASP A 545 15.77 -32.91 3.83
C ASP A 545 16.98 -33.62 4.43
N CYS A 546 18.17 -33.01 4.35
CA CYS A 546 19.35 -33.57 5.00
C CYS A 546 19.08 -33.81 6.48
N MET A 547 18.46 -32.81 7.09
CA MET A 547 18.15 -32.74 8.51
C MET A 547 17.31 -33.94 8.94
N SER A 548 16.20 -34.16 8.20
CA SER A 548 15.30 -35.27 8.48
C SER A 548 15.96 -36.62 8.25
N VAL A 549 16.74 -36.74 7.16
CA VAL A 549 17.39 -38.01 6.87
C VAL A 549 18.34 -38.39 8.01
N GLU A 550 19.14 -37.42 8.46
CA GLU A 550 20.09 -37.71 9.54
C GLU A 550 19.37 -38.02 10.84
N VAL A 551 18.27 -37.33 11.12
CA VAL A 551 17.50 -37.64 12.33
C VAL A 551 16.99 -39.08 12.27
N GLY A 552 16.45 -39.49 11.12
CA GLY A 552 15.98 -40.87 10.99
C GLY A 552 17.09 -41.89 11.16
N ARG A 553 18.25 -41.62 10.56
CA ARG A 553 19.38 -42.55 10.69
C ARG A 553 19.83 -42.66 12.15
N LEU A 554 19.94 -41.52 12.84
CA LEU A 554 20.37 -41.55 14.24
C LEU A 554 19.37 -42.28 15.11
N ARG A 555 18.08 -42.11 14.84
CA ARG A 555 17.07 -42.87 15.57
C ARG A 555 17.22 -44.36 15.30
N ALA A 556 17.49 -44.74 14.05
CA ALA A 556 17.70 -46.14 13.72
C ALA A 556 18.95 -46.71 14.38
N PHE A 557 19.94 -45.87 14.69
CA PHE A 557 21.16 -46.35 15.32
C PHE A 557 21.01 -46.65 16.80
N LEU A 558 19.97 -46.13 17.44
CA LEU A 558 19.86 -46.24 18.89
C LEU A 558 19.48 -47.65 19.33
N GLN A 559 20.06 -48.07 20.45
CA GLN A 559 19.65 -49.28 21.16
C GLN A 559 18.13 -49.33 21.27
N GLY A 560 17.56 -50.52 21.11
CA GLY A 560 16.14 -50.67 21.39
C GLY A 560 15.84 -50.40 22.85
N GLY A 561 14.72 -49.73 23.09
CA GLY A 561 14.27 -49.44 24.45
C GLY A 561 14.79 -48.15 25.05
N GLN A 562 15.58 -47.37 24.32
CA GLN A 562 16.12 -46.11 24.82
C GLN A 562 15.38 -44.92 24.23
N GLU A 563 14.07 -45.07 24.03
CA GLU A 563 13.25 -44.02 23.44
C GLU A 563 12.99 -42.86 24.38
N ALA A 564 13.17 -43.06 25.70
CA ALA A 564 12.90 -42.03 26.69
C ALA A 564 14.16 -41.24 27.07
N SER A 565 15.29 -41.51 26.43
CA SER A 565 16.51 -40.80 26.75
C SER A 565 16.46 -39.38 26.19
N ASP A 566 17.37 -38.54 26.70
CA ASP A 566 17.40 -37.14 26.29
C ASP A 566 17.69 -37.00 24.80
N ILE A 567 18.57 -37.85 24.27
CA ILE A 567 18.96 -37.74 22.87
C ILE A 567 17.80 -38.12 21.96
N ALA A 568 17.03 -39.16 22.33
CA ALA A 568 15.93 -39.60 21.48
C ALA A 568 14.86 -38.53 21.35
N LEU A 569 14.53 -37.87 22.45
CA LEU A 569 13.49 -36.86 22.37
C LEU A 569 14.03 -35.51 21.91
N LEU A 570 15.35 -35.30 21.98
CA LEU A 570 15.95 -34.24 21.17
C LEU A 570 15.76 -34.51 19.68
N LEU A 571 15.95 -35.76 19.26
CA LEU A 571 15.74 -36.12 17.85
C LEU A 571 14.28 -35.90 17.44
N ARG A 572 13.35 -36.28 18.32
CA ARG A 572 11.94 -36.03 18.05
C ARG A 572 11.65 -34.53 17.93
N ASP A 573 12.24 -33.74 18.81
CA ASP A 573 12.08 -32.29 18.74
C ASP A 573 12.61 -31.74 17.42
N LEU A 574 13.75 -32.25 16.96
CA LEU A 574 14.30 -31.82 15.68
C LEU A 574 13.35 -32.17 14.54
N GLU A 575 12.73 -33.35 14.60
CA GLU A 575 11.80 -33.75 13.55
C GLU A 575 10.60 -32.81 13.48
N THR A 576 10.01 -32.48 14.64
CA THR A 576 8.90 -31.52 14.63
C THR A 576 9.34 -30.13 14.18
N SER A 577 10.57 -29.72 14.55
CA SER A 577 11.07 -28.44 14.05
C SER A 577 11.17 -28.46 12.53
N CYS A 578 11.64 -29.57 11.97
CA CYS A 578 11.69 -29.72 10.52
C CYS A 578 10.31 -29.53 9.91
N SER A 579 9.31 -30.22 10.46
CA SER A 579 7.97 -30.13 9.90
C SER A 579 7.43 -28.70 9.96
N ASP A 580 7.64 -28.03 11.10
CA ASP A 580 7.14 -26.66 11.25
C ASP A 580 7.80 -25.71 10.25
N ILE A 581 9.13 -25.81 10.12
CA ILE A 581 9.84 -24.94 9.20
C ILE A 581 9.41 -25.21 7.76
N ARG A 582 9.14 -26.48 7.44
CA ARG A 582 8.65 -26.82 6.11
C ARG A 582 7.30 -26.16 5.85
N GLN A 583 6.42 -26.16 6.84
CA GLN A 583 5.14 -25.50 6.68
C GLN A 583 5.31 -24.01 6.42
N PHE A 584 6.22 -23.37 7.16
CA PHE A 584 6.49 -21.95 6.92
C PHE A 584 7.03 -21.71 5.52
N CYS A 585 7.91 -22.60 5.04
CA CYS A 585 8.44 -22.48 3.69
C CYS A 585 7.34 -22.55 2.66
N LYS A 586 6.40 -23.49 2.83
CA LYS A 586 5.27 -23.57 1.92
C LYS A 586 4.46 -22.29 1.94
N LYS A 587 4.16 -21.78 3.14
CA LYS A 587 3.42 -20.53 3.25
C LYS A 587 4.09 -19.43 2.45
N ILE A 588 5.40 -19.26 2.65
CA ILE A 588 6.12 -18.20 1.96
C ILE A 588 6.08 -18.41 0.46
N ARG A 589 6.29 -19.66 0.01
CA ARG A 589 6.29 -19.95 -1.41
C ARG A 589 4.96 -19.61 -2.06
N ARG A 590 3.87 -19.66 -1.29
CA ARG A 590 2.55 -19.45 -1.87
C ARG A 590 2.37 -18.02 -2.44
N ARG A 591 2.83 -17.01 -1.72
CA ARG A 591 2.69 -15.63 -2.15
C ARG A 591 3.91 -15.13 -2.91
N MET A 592 4.77 -16.05 -3.33
CA MET A 592 6.05 -15.70 -3.89
C MET A 592 5.88 -15.25 -5.35
N PRO A 593 6.60 -14.23 -5.79
CA PRO A 593 6.39 -13.71 -7.16
C PRO A 593 6.69 -14.75 -8.23
N GLY A 594 6.00 -14.63 -9.36
CA GLY A 594 6.22 -15.51 -10.49
C GLY A 594 4.98 -15.90 -11.26
N THR A 595 3.83 -15.88 -10.61
CA THR A 595 2.56 -16.16 -11.27
C THR A 595 1.69 -14.91 -11.26
N ASP A 596 0.89 -14.75 -12.33
CA ASP A 596 -0.02 -13.62 -12.41
C ASP A 596 -1.29 -13.85 -11.62
N ALA A 597 -1.17 -14.29 -10.38
CA ALA A 597 -2.33 -14.52 -9.55
C ALA A 597 -2.60 -13.27 -8.70
N PRO A 598 -3.87 -12.99 -8.43
CA PRO A 598 -4.19 -11.82 -7.60
C PRO A 598 -3.55 -11.91 -6.23
N GLY A 599 -3.05 -10.77 -5.75
CA GLY A 599 -2.41 -10.68 -4.46
C GLY A 599 -0.92 -10.99 -4.47
N ILE A 600 -0.41 -11.59 -5.53
CA ILE A 600 1.01 -11.89 -5.64
C ILE A 600 1.73 -10.67 -6.17
N PRO A 601 2.72 -10.14 -5.45
CA PRO A 601 3.42 -8.95 -5.93
C PRO A 601 4.29 -9.24 -7.14
N ALA A 602 4.55 -8.19 -7.91
CA ALA A 602 5.47 -8.32 -9.04
C ALA A 602 6.90 -8.55 -8.58
N ALA A 603 7.28 -8.00 -7.43
CA ALA A 603 8.63 -8.14 -6.92
C ALA A 603 8.60 -7.96 -5.41
N LEU A 604 9.71 -8.32 -4.77
CA LEU A 604 9.87 -8.18 -3.33
C LEU A 604 11.03 -7.23 -3.03
N ALA A 605 10.90 -6.48 -1.95
CA ALA A 605 11.95 -5.57 -1.49
C ALA A 605 11.93 -5.52 0.03
N PHE A 606 13.08 -5.82 0.64
CA PHE A 606 13.23 -5.72 2.08
C PHE A 606 14.61 -5.14 2.39
N GLY A 607 14.73 -4.58 3.60
CA GLY A 607 15.95 -3.92 4.00
C GLY A 607 17.07 -4.88 4.33
N ALA A 608 18.24 -4.31 4.61
CA ALA A 608 19.41 -5.12 4.92
C ALA A 608 19.25 -5.92 6.20
N GLN A 609 18.39 -5.48 7.12
CA GLN A 609 18.16 -6.23 8.34
C GLN A 609 17.55 -7.60 8.04
N VAL A 610 16.57 -7.64 7.13
CA VAL A 610 15.95 -8.90 6.75
C VAL A 610 16.97 -9.81 6.06
N SER A 611 17.82 -9.23 5.20
CA SER A 611 18.85 -10.01 4.55
C SER A 611 19.81 -10.62 5.56
N ASP A 612 20.20 -9.83 6.57
CA ASP A 612 21.07 -10.34 7.62
C ASP A 612 20.40 -11.46 8.39
N THR A 613 19.10 -11.31 8.67
CA THR A 613 18.37 -12.37 9.36
C THR A 613 18.34 -13.65 8.53
N LEU A 614 18.17 -13.51 7.22
CA LEU A 614 18.20 -14.68 6.33
C LEU A 614 19.58 -15.33 6.36
N LEU A 615 20.65 -14.54 6.35
CA LEU A 615 21.99 -15.10 6.43
C LEU A 615 22.19 -15.85 7.74
N ASP A 616 21.71 -15.29 8.85
CA ASP A 616 21.81 -15.96 10.14
C ASP A 616 21.03 -17.28 10.14
N CYS A 617 19.84 -17.26 9.55
CA CYS A 617 19.05 -18.48 9.41
C CYS A 617 19.83 -19.54 8.64
N ARG A 618 20.44 -19.17 7.52
CA ARG A 618 21.23 -20.12 6.74
C ARG A 618 22.41 -20.64 7.54
N LYS A 619 23.05 -19.77 8.31
CA LYS A 619 24.20 -20.17 9.10
C LYS A 619 23.81 -21.21 10.14
N HIS A 620 22.70 -20.99 10.83
CA HIS A 620 22.22 -21.96 11.81
C HIS A 620 21.82 -23.27 11.14
N LEU A 621 21.16 -23.19 9.98
CA LEU A 621 20.81 -24.39 9.22
C LEU A 621 22.05 -25.20 8.89
N THR A 622 23.09 -24.53 8.39
CA THR A 622 24.33 -25.19 8.04
C THR A 622 24.96 -25.85 9.27
N TRP A 623 24.95 -25.15 10.40
CA TRP A 623 25.52 -25.73 11.62
C TRP A 623 24.80 -27.00 12.02
N VAL A 624 23.47 -26.96 12.05
CA VAL A 624 22.72 -28.13 12.51
C VAL A 624 22.91 -29.30 11.55
N VAL A 625 22.87 -29.02 10.24
CA VAL A 625 23.07 -30.08 9.25
C VAL A 625 24.46 -30.69 9.41
N ALA A 626 25.48 -29.85 9.58
CA ALA A 626 26.84 -30.36 9.73
C ALA A 626 26.98 -31.23 10.98
N VAL A 627 26.40 -30.77 12.10
CA VAL A 627 26.47 -31.54 13.33
C VAL A 627 25.82 -32.91 13.14
N LEU A 628 24.60 -32.90 12.60
CA LEU A 628 23.88 -34.17 12.41
C LEU A 628 24.64 -35.10 11.47
N GLN A 629 25.18 -34.57 10.38
CA GLN A 629 25.90 -35.41 9.43
C GLN A 629 27.16 -36.01 10.04
N GLU A 630 27.92 -35.20 10.79
CA GLU A 630 29.12 -35.72 11.43
C GLU A 630 28.79 -36.80 12.45
N VAL A 631 27.78 -36.55 13.30
CA VAL A 631 27.40 -37.53 14.30
C VAL A 631 26.93 -38.81 13.64
N ALA A 632 26.13 -38.68 12.58
CA ALA A 632 25.60 -39.86 11.91
C ALA A 632 26.71 -40.67 11.23
N ALA A 633 27.69 -39.99 10.64
CA ALA A 633 28.79 -40.73 10.02
C ALA A 633 29.60 -41.50 11.07
N ALA A 634 29.96 -40.83 12.18
CA ALA A 634 30.71 -41.51 13.23
C ALA A 634 29.90 -42.67 13.81
N ALA A 635 28.60 -42.45 14.04
CA ALA A 635 27.74 -43.49 14.59
C ALA A 635 27.59 -44.65 13.61
N ALA A 636 27.53 -44.35 12.30
CA ALA A 636 27.39 -45.40 11.31
C ALA A 636 28.60 -46.32 11.29
N GLN A 637 29.80 -45.75 11.40
CA GLN A 637 30.94 -46.65 11.44
C GLN A 637 31.36 -47.01 12.86
N LEU A 638 30.52 -46.69 13.85
CA LEU A 638 30.51 -47.46 15.10
C LEU A 638 29.51 -48.63 15.07
N ILE A 639 28.41 -48.50 14.33
CA ILE A 639 27.35 -49.51 14.33
C ILE A 639 27.61 -50.62 13.32
N ALA A 640 28.53 -50.41 12.39
CA ALA A 640 28.81 -51.41 11.35
C ALA A 640 29.13 -52.79 11.90
N PRO A 641 29.98 -52.97 12.92
CA PRO A 641 30.25 -54.33 13.42
C PRO A 641 29.15 -54.91 14.28
N LEU A 642 28.17 -54.12 14.69
CA LEU A 642 27.12 -54.62 15.56
C LEU A 642 26.07 -55.38 14.76
N ALA A 643 25.42 -56.33 15.42
CA ALA A 643 24.36 -57.10 14.79
C ALA A 643 23.14 -56.22 14.54
N GLU A 644 22.24 -56.72 13.69
CA GLU A 644 21.06 -55.94 13.33
C GLU A 644 20.17 -55.67 14.53
N ASN A 645 20.12 -56.58 15.49
CA ASN A 645 19.31 -56.40 16.69
C ASN A 645 20.00 -55.55 17.75
N GLU A 646 21.27 -55.23 17.57
CA GLU A 646 22.02 -54.42 18.53
C GLU A 646 22.07 -52.97 18.07
N GLY A 647 22.18 -52.06 19.03
CA GLY A 647 22.20 -50.65 18.75
C GLY A 647 23.27 -49.93 19.55
N LEU A 648 23.39 -48.64 19.29
CA LEU A 648 24.38 -47.86 20.01
C LEU A 648 23.82 -47.39 21.34
N PRO A 649 24.66 -47.22 22.37
CA PRO A 649 24.17 -46.64 23.62
C PRO A 649 24.06 -45.14 23.50
N VAL A 650 23.14 -44.56 24.28
CA VAL A 650 23.01 -43.10 24.30
C VAL A 650 24.29 -42.44 24.77
N ALA A 651 25.07 -43.11 25.61
CA ALA A 651 26.34 -42.53 26.03
C ALA A 651 27.27 -42.30 24.83
N ALA A 652 27.37 -43.29 23.94
CA ALA A 652 28.26 -43.16 22.79
C ALA A 652 27.76 -42.08 21.83
N LEU A 653 26.46 -42.07 21.54
CA LEU A 653 25.92 -41.07 20.62
C LEU A 653 26.02 -39.67 21.20
N GLU A 654 25.82 -39.54 22.51
CA GLU A 654 25.97 -38.26 23.17
C GLU A 654 27.40 -37.76 23.08
N GLU A 655 28.36 -38.65 23.34
CA GLU A 655 29.77 -38.27 23.33
C GLU A 655 30.21 -37.85 21.93
N LEU A 656 29.73 -38.56 20.91
CA LEU A 656 29.91 -38.10 19.52
C LEU A 656 29.26 -36.74 19.29
N ALA A 657 28.03 -36.55 19.79
CA ALA A 657 27.32 -35.29 19.58
C ALA A 657 28.05 -34.12 20.22
N PHE A 658 28.56 -34.34 21.44
CA PHE A 658 29.34 -33.30 22.12
C PHE A 658 30.57 -32.91 21.30
N LYS A 659 31.29 -33.91 20.78
CA LYS A 659 32.48 -33.62 19.98
C LYS A 659 32.13 -32.80 18.74
N ALA A 660 31.13 -33.26 17.98
CA ALA A 660 30.74 -32.55 16.77
C ALA A 660 30.24 -31.13 17.09
N SER A 661 29.48 -30.99 18.17
CA SER A 661 28.93 -29.69 18.52
C SER A 661 30.02 -28.70 18.91
N GLU A 662 31.05 -29.14 19.66
CA GLU A 662 32.16 -28.21 19.85
C GLU A 662 32.80 -27.82 18.54
N GLN A 663 33.15 -28.78 17.69
CA GLN A 663 34.10 -28.32 16.67
C GLN A 663 33.35 -27.74 15.47
N ILE A 664 32.03 -27.74 15.52
CA ILE A 664 31.24 -26.97 14.56
C ILE A 664 30.79 -25.63 15.13
N TYR A 665 30.17 -25.62 16.31
CA TYR A 665 29.71 -24.37 16.90
C TYR A 665 30.85 -23.55 17.49
N GLY A 666 31.98 -24.17 17.82
CA GLY A 666 33.13 -23.45 18.32
C GLY A 666 33.02 -22.98 19.76
N THR A 667 31.91 -23.24 20.43
CA THR A 667 31.74 -22.81 21.81
C THR A 667 32.03 -23.98 22.73
N PRO A 668 33.14 -23.97 23.47
CA PRO A 668 33.48 -25.11 24.33
C PRO A 668 32.50 -25.26 25.47
N SER A 669 32.34 -26.51 25.92
CA SER A 669 31.52 -26.91 27.06
C SER A 669 30.04 -26.65 26.87
N SER A 670 29.60 -26.30 25.66
CA SER A 670 28.18 -26.12 25.41
C SER A 670 27.53 -27.45 25.10
N SER A 671 26.47 -27.76 25.81
CA SER A 671 25.71 -28.98 25.56
C SER A 671 25.16 -28.97 24.14
N PRO A 672 25.34 -30.04 23.38
CA PRO A 672 24.72 -30.10 22.04
C PRO A 672 23.23 -29.94 22.09
N TYR A 673 22.60 -30.32 23.22
CA TYR A 673 21.16 -30.15 23.36
C TYR A 673 20.75 -28.69 23.27
N GLU A 674 21.36 -27.81 24.09
CA GLU A 674 20.98 -26.40 23.92
C GLU A 674 21.36 -25.87 22.56
N CYS A 675 22.53 -26.26 22.03
CA CYS A 675 22.97 -25.70 20.76
C CYS A 675 21.97 -26.00 19.65
N LEU A 676 21.62 -27.28 19.49
CA LEU A 676 20.67 -27.66 18.44
C LEU A 676 19.29 -27.06 18.70
N ARG A 677 18.81 -27.11 19.94
CA ARG A 677 17.48 -26.58 20.23
C ARG A 677 17.42 -25.08 19.99
N GLN A 678 18.46 -24.35 20.39
CA GLN A 678 18.51 -22.91 20.19
C GLN A 678 18.55 -22.56 18.70
N SER A 679 19.35 -23.31 17.93
CA SER A 679 19.39 -23.06 16.50
C SER A 679 18.02 -23.29 15.87
N CYS A 680 17.35 -24.38 16.25
CA CYS A 680 16.02 -24.66 15.71
C CYS A 680 15.01 -23.61 16.13
N ASN A 681 15.11 -23.14 17.37
CA ASN A 681 14.20 -22.09 17.83
C ASN A 681 14.40 -20.80 17.05
N ILE A 682 15.66 -20.43 16.80
CA ILE A 682 15.94 -19.25 15.99
C ILE A 682 15.36 -19.42 14.60
N LEU A 683 15.55 -20.61 14.00
CA LEU A 683 15.02 -20.86 12.66
C LEU A 683 13.50 -20.73 12.65
N ILE A 684 12.83 -21.36 13.62
CA ILE A 684 11.37 -21.34 13.65
C ILE A 684 10.86 -19.91 13.85
N SER A 685 11.46 -19.17 14.78
CA SER A 685 11.00 -17.82 15.07
C SER A 685 11.20 -16.91 13.86
N THR A 686 12.41 -16.92 13.29
CA THR A 686 12.69 -16.12 12.11
C THR A 686 11.76 -16.49 10.97
N MET A 687 11.53 -17.78 10.80
CA MET A 687 10.90 -18.27 9.59
C MET A 687 9.41 -17.99 9.67
N ASN A 688 8.84 -18.09 10.87
CA ASN A 688 7.48 -17.65 11.16
C ASN A 688 7.31 -16.16 10.96
N LYS A 689 8.26 -15.35 11.44
CA LYS A 689 8.18 -13.91 11.25
C LYS A 689 8.17 -13.57 9.77
N LEU A 690 9.04 -14.23 8.99
CA LEU A 690 9.08 -14.02 7.55
C LEU A 690 7.76 -14.41 6.90
N ALA A 691 7.19 -15.56 7.31
CA ALA A 691 5.91 -15.97 6.75
C ALA A 691 4.83 -14.95 7.03
N THR A 692 4.81 -14.39 8.25
CA THR A 692 3.80 -13.40 8.59
C THR A 692 3.99 -12.11 7.78
N ALA A 693 5.21 -11.57 7.74
CA ALA A 693 5.46 -10.36 6.97
C ALA A 693 5.12 -10.56 5.49
N MET A 694 5.37 -11.78 5.00
CA MET A 694 5.01 -12.15 3.64
C MET A 694 3.50 -12.16 3.46
N GLN A 695 2.77 -12.62 4.50
CA GLN A 695 1.32 -12.74 4.41
C GLN A 695 0.59 -11.43 4.56
N GLU A 696 1.12 -10.43 5.27
CA GLU A 696 0.48 -9.13 5.14
C GLU A 696 1.26 -8.13 4.28
N GLY A 697 2.03 -8.60 3.30
CA GLY A 697 2.48 -7.75 2.22
C GLY A 697 3.52 -6.73 2.59
N GLU A 698 4.30 -6.97 3.65
CA GLU A 698 5.31 -6.00 4.07
C GLU A 698 6.42 -5.85 3.04
N TYR A 699 6.66 -6.88 2.23
CA TYR A 699 7.76 -6.87 1.27
C TYR A 699 7.32 -6.61 -0.17
N ASP A 700 6.06 -6.27 -0.39
CA ASP A 700 5.57 -6.06 -1.75
C ASP A 700 6.21 -4.81 -2.37
N ALA A 701 6.57 -4.90 -3.65
CA ALA A 701 7.16 -3.78 -4.39
C ALA A 701 6.94 -4.02 -5.88
N GLU A 702 7.05 -2.95 -6.69
CA GLU A 702 7.10 -3.23 -8.12
C GLU A 702 8.48 -3.73 -8.50
N ARG A 703 8.59 -4.25 -9.72
CA ARG A 703 9.90 -4.59 -10.24
C ARG A 703 10.75 -3.34 -10.43
N PRO A 704 12.03 -3.40 -10.09
CA PRO A 704 12.89 -2.24 -10.24
C PRO A 704 13.11 -1.92 -11.72
N PRO A 705 13.46 -0.68 -12.04
CA PRO A 705 13.70 -0.33 -13.45
C PRO A 705 14.84 -1.14 -14.04
N SER A 706 14.66 -1.54 -15.30
CA SER A 706 15.69 -2.29 -16.01
C SER A 706 16.73 -1.32 -16.54
N LYS A 707 17.90 -1.49 -16.15
CA LYS A 707 18.84 -0.53 -16.67
C LYS A 707 20.04 -1.25 -17.30
N PRO A 708 20.57 -0.69 -18.37
CA PRO A 708 21.27 -1.50 -19.38
C PRO A 708 22.37 -2.32 -18.75
N PRO A 709 22.46 -3.61 -19.10
CA PRO A 709 23.51 -4.44 -18.54
C PRO A 709 24.88 -3.95 -18.97
N PRO A 710 25.91 -4.18 -18.15
CA PRO A 710 27.25 -3.71 -18.51
C PRO A 710 27.72 -4.24 -19.84
N VAL A 711 27.23 -5.41 -20.27
CA VAL A 711 27.63 -5.97 -21.56
C VAL A 711 27.08 -5.11 -22.70
N GLU A 712 25.87 -4.59 -22.51
CA GLU A 712 25.24 -3.80 -23.54
C GLU A 712 26.01 -2.52 -23.77
N LEU A 713 26.27 -1.80 -22.69
CA LEU A 713 27.02 -0.57 -22.81
C LEU A 713 28.34 -0.86 -23.47
N ARG A 714 29.00 -1.92 -23.01
CA ARG A 714 30.30 -2.27 -23.56
C ARG A 714 30.17 -2.60 -25.04
N ALA A 715 29.19 -3.43 -25.38
CA ALA A 715 29.01 -3.80 -26.77
C ALA A 715 28.71 -2.56 -27.58
N ALA A 716 27.82 -1.73 -27.06
CA ALA A 716 27.47 -0.51 -27.76
C ALA A 716 28.72 0.29 -27.94
N ALA A 717 29.49 0.45 -26.88
CA ALA A 717 30.71 1.23 -26.95
C ALA A 717 31.64 0.65 -27.99
N LEU A 718 31.83 -0.67 -27.92
CA LEU A 718 32.76 -1.33 -28.81
C LEU A 718 32.34 -1.05 -30.24
N ARG A 719 31.08 -1.35 -30.55
CA ARG A 719 30.58 -1.11 -31.88
C ARG A 719 30.65 0.38 -32.19
N ALA A 720 30.34 1.20 -31.19
CA ALA A 720 30.34 2.65 -31.40
C ALA A 720 31.70 3.15 -31.84
N GLU A 721 32.73 2.79 -31.09
CA GLU A 721 34.07 3.26 -31.42
C GLU A 721 34.35 2.91 -32.86
N ILE A 722 34.22 1.64 -33.20
CA ILE A 722 34.45 1.17 -34.56
C ILE A 722 34.00 2.23 -35.54
N THR A 723 32.81 2.77 -35.34
CA THR A 723 32.22 3.73 -36.25
C THR A 723 32.96 5.06 -36.26
N ASP A 724 32.98 5.75 -35.12
CA ASP A 724 33.55 7.09 -35.05
C ASP A 724 35.03 7.11 -35.36
N ALA A 725 35.68 5.94 -35.34
CA ALA A 725 37.13 5.87 -35.50
C ALA A 725 37.58 6.42 -36.85
N GLU A 726 36.67 6.54 -37.81
CA GLU A 726 37.01 7.20 -39.08
C GLU A 726 37.30 8.68 -38.87
N GLY A 727 36.40 9.38 -38.18
CA GLY A 727 36.59 10.81 -37.97
C GLY A 727 37.74 11.11 -37.02
N LEU A 728 38.09 10.14 -36.17
CA LEU A 728 39.19 10.35 -35.24
C LEU A 728 40.51 10.60 -35.97
N GLY A 729 40.69 9.95 -37.11
CA GLY A 729 41.92 10.16 -37.87
C GLY A 729 42.07 11.60 -38.35
N LEU A 730 40.99 12.20 -38.82
CA LEU A 730 41.03 13.60 -39.23
C LEU A 730 41.35 14.50 -38.05
N LYS A 731 40.76 14.21 -36.89
CA LYS A 731 41.06 14.97 -35.68
C LYS A 731 42.53 14.84 -35.29
N LEU A 732 43.06 13.61 -35.40
CA LEU A 732 44.46 13.38 -35.06
C LEU A 732 45.39 14.20 -35.96
N GLU A 733 45.03 14.33 -37.24
CA GLU A 733 45.81 15.18 -38.14
C GLU A 733 45.80 16.62 -37.66
N ASP A 734 44.64 17.11 -37.22
CA ASP A 734 44.55 18.47 -36.71
C ASP A 734 45.36 18.63 -35.41
N ARG A 735 45.25 17.65 -34.50
CA ARG A 735 45.98 17.73 -33.24
C ARG A 735 47.48 17.69 -33.47
N GLU A 736 47.94 16.87 -34.42
CA GLU A 736 49.36 16.79 -34.72
C GLU A 736 49.89 18.13 -35.22
N THR A 737 49.12 18.80 -36.08
CA THR A 737 49.52 20.12 -36.55
C THR A 737 49.60 21.12 -35.40
N VAL A 738 48.66 21.04 -34.45
CA VAL A 738 48.68 21.92 -33.28
C VAL A 738 49.91 21.64 -32.43
N ILE A 739 50.23 20.36 -32.22
CA ILE A 739 51.40 20.00 -31.41
C ILE A 739 52.67 20.55 -32.04
N LYS A 740 52.79 20.43 -33.37
CA LYS A 740 53.95 20.94 -34.07
C LYS A 740 54.09 22.44 -33.88
N GLU A 741 52.98 23.18 -34.00
CA GLU A 741 53.01 24.61 -33.78
C GLU A 741 53.36 24.95 -32.34
N LEU A 742 52.75 24.23 -31.38
CA LEU A 742 53.01 24.51 -29.97
C LEU A 742 54.47 24.26 -29.61
N LYS A 743 55.04 23.17 -30.13
CA LYS A 743 56.44 22.87 -29.85
C LYS A 743 57.35 23.95 -30.41
N LYS A 744 57.05 24.44 -31.61
CA LYS A 744 57.86 25.50 -32.22
C LYS A 744 57.82 26.77 -31.39
N SER A 745 56.63 27.16 -30.93
CA SER A 745 56.51 28.33 -30.08
C SER A 745 57.23 28.14 -28.77
N LEU A 746 57.18 26.91 -28.23
CA LEU A 746 57.87 26.62 -26.97
C LEU A 746 59.38 26.80 -27.10
N LYS A 747 59.95 26.35 -28.22
CA LYS A 747 61.39 26.43 -28.37
C LYS A 747 61.88 27.87 -28.39
N ILE A 748 61.22 28.74 -29.15
CA ILE A 748 61.76 30.07 -29.42
C ILE A 748 61.91 30.85 -28.13
N LYS A 749 60.80 31.00 -27.39
CA LYS A 749 60.86 31.68 -26.11
C LYS A 749 61.36 30.76 -25.01
N GLY A 750 61.67 29.50 -25.37
CA GLY A 750 62.62 28.72 -24.58
C GLY A 750 64.03 29.29 -24.54
N GLU A 751 64.60 29.63 -25.70
CA GLU A 751 65.96 30.20 -25.61
C GLU A 751 65.92 31.72 -25.51
N GLU A 752 64.74 32.32 -25.58
CA GLU A 752 64.62 33.69 -25.10
C GLU A 752 64.76 33.74 -23.58
N LEU A 753 64.12 32.79 -22.88
CA LEU A 753 64.24 32.72 -21.43
C LEU A 753 65.67 32.39 -21.01
N SER A 754 66.31 31.46 -21.72
CA SER A 754 67.70 31.13 -21.41
C SER A 754 68.60 32.35 -21.62
N GLU A 755 68.38 33.10 -22.70
CA GLU A 755 69.16 34.30 -22.94
C GLU A 755 68.96 35.32 -21.83
N ALA A 756 67.71 35.51 -21.40
CA ALA A 756 67.45 36.43 -20.29
C ALA A 756 68.15 35.99 -19.02
N ASN A 757 68.12 34.69 -18.75
CA ASN A 757 68.77 34.16 -17.55
C ASN A 757 70.27 34.40 -17.60
N VAL A 758 70.87 34.21 -18.78
CA VAL A 758 72.30 34.50 -18.94
C VAL A 758 72.57 35.97 -18.69
N ARG A 759 71.76 36.85 -19.30
CA ARG A 759 71.92 38.28 -19.10
C ARG A 759 71.71 38.64 -17.63
N LEU A 760 70.74 37.99 -16.99
CA LEU A 760 70.56 38.18 -15.55
C LEU A 760 71.84 37.85 -14.79
N SER A 761 72.41 36.67 -15.02
CA SER A 761 73.60 36.26 -14.30
C SER A 761 74.75 37.22 -14.56
N LEU A 762 74.90 37.67 -15.81
CA LEU A 762 75.98 38.59 -16.14
C LEU A 762 75.79 39.93 -15.46
N LEU A 763 74.57 40.49 -15.53
CA LEU A 763 74.34 41.79 -14.93
C LEU A 763 74.54 41.75 -13.42
N GLU A 764 74.16 40.65 -12.78
CA GLU A 764 74.42 40.54 -11.35
C GLU A 764 75.69 39.74 -11.05
N LYS A 765 76.53 39.51 -12.07
CA LYS A 765 77.98 39.64 -11.84
C LYS A 765 78.35 41.11 -11.67
N LYS A 766 77.90 41.98 -12.60
CA LYS A 766 78.33 43.37 -12.60
C LYS A 766 78.05 44.05 -11.27
N LEU A 767 76.80 43.95 -10.78
CA LEU A 767 76.50 44.54 -9.46
C LEU A 767 77.44 44.03 -8.40
N ASP A 768 77.66 42.72 -8.34
CA ASP A 768 78.49 42.19 -7.26
C ASP A 768 79.88 42.77 -7.32
N SER A 769 80.47 42.84 -8.52
CA SER A 769 81.78 43.48 -8.65
C SER A 769 81.69 44.96 -8.32
N ALA A 770 80.66 45.64 -8.83
CA ALA A 770 80.48 47.05 -8.51
C ALA A 770 80.23 47.24 -7.02
N ALA A 771 79.39 46.38 -6.42
CA ALA A 771 79.15 46.46 -4.99
C ALA A 771 80.43 46.23 -4.20
N LYS A 772 81.22 45.23 -4.62
CA LYS A 772 82.46 44.94 -3.89
C LYS A 772 83.42 46.12 -3.94
N ASP A 773 83.59 46.73 -5.11
CA ASP A 773 84.46 47.90 -5.22
C ASP A 773 83.95 49.03 -4.34
N ALA A 774 82.64 49.28 -4.38
CA ALA A 774 82.06 50.30 -3.51
C ALA A 774 82.27 49.94 -2.05
N ASP A 775 81.99 48.68 -1.69
CA ASP A 775 82.04 48.28 -0.29
C ASP A 775 83.43 48.50 0.31
N GLU A 776 84.48 48.17 -0.45
CA GLU A 776 85.81 48.27 0.11
C GLU A 776 86.48 49.61 -0.17
N ARG A 777 85.75 50.56 -0.77
CA ARG A 777 86.11 51.94 -0.51
C ARG A 777 85.19 52.54 0.56
N ILE A 778 84.05 51.90 0.78
CA ILE A 778 83.16 52.27 1.88
C ILE A 778 83.73 51.77 3.20
N GLU A 779 84.03 50.48 3.27
CA GLU A 779 84.69 49.89 4.45
C GLU A 779 85.89 50.71 4.87
N LYS A 780 86.66 51.17 3.88
CA LYS A 780 87.86 51.93 4.16
C LYS A 780 87.51 53.22 4.88
N VAL A 781 86.32 53.76 4.64
CA VAL A 781 85.89 54.97 5.32
C VAL A 781 85.40 54.67 6.72
N GLN A 782 84.47 53.71 6.88
CA GLN A 782 83.93 53.60 8.24
C GLN A 782 84.88 52.82 9.15
N THR A 783 85.96 52.25 8.61
CA THR A 783 87.07 51.88 9.47
C THR A 783 87.64 53.11 10.17
N ARG A 784 87.87 54.18 9.40
CA ARG A 784 88.32 55.44 10.00
C ARG A 784 87.28 55.97 10.97
N LEU A 785 86.00 55.90 10.60
CA LEU A 785 84.94 56.38 11.46
C LEU A 785 84.89 55.61 12.77
N GLU A 786 85.00 54.28 12.70
CA GLU A 786 84.99 53.47 13.91
C GLU A 786 86.18 53.78 14.79
N GLU A 787 87.36 53.96 14.19
CA GLU A 787 88.54 54.30 14.96
C GLU A 787 88.38 55.64 15.68
N THR A 788 87.85 56.64 14.97
CA THR A 788 87.63 57.94 15.59
C THR A 788 86.62 57.86 16.72
N GLN A 789 85.54 57.10 16.50
CA GLN A 789 84.54 56.92 17.55
C GLN A 789 85.13 56.23 18.76
N ALA A 790 85.91 55.18 18.54
CA ALA A 790 86.55 54.49 19.66
C ALA A 790 87.51 55.41 20.39
N LEU A 791 88.28 56.19 19.63
CA LEU A 791 89.17 57.16 20.25
C LEU A 791 88.39 58.14 21.11
N LEU A 792 87.29 58.66 20.57
CA LEU A 792 86.49 59.64 21.31
C LEU A 792 85.98 59.05 22.62
N ARG A 793 85.47 57.83 22.57
CA ARG A 793 84.93 57.20 23.78
C ARG A 793 86.04 56.86 24.77
N LYS A 794 87.11 56.24 24.30
CA LYS A 794 88.26 55.96 25.16
C LYS A 794 88.74 57.23 25.83
N LYS A 795 88.76 58.31 25.08
CA LYS A 795 89.48 59.48 25.51
C LYS A 795 88.55 60.20 26.48
N GLU A 796 87.30 59.72 26.52
CA GLU A 796 86.25 60.23 27.39
C GLU A 796 86.22 59.57 28.76
N LYS A 797 86.47 58.24 28.89
CA LYS A 797 86.62 57.83 30.29
C LYS A 797 87.78 58.57 30.91
N GLU A 798 88.91 58.58 30.19
CA GLU A 798 90.15 59.08 30.78
C GLU A 798 89.92 60.45 31.38
N PHE A 799 89.12 61.28 30.70
CA PHE A 799 88.72 62.54 31.30
C PHE A 799 87.84 62.33 32.52
N GLU A 800 86.81 61.48 32.40
CA GLU A 800 85.89 61.31 33.52
C GLU A 800 86.59 60.77 34.75
N GLU A 801 87.46 59.77 34.57
CA GLU A 801 88.25 59.27 35.69
C GLU A 801 89.17 60.35 36.24
N THR A 802 89.84 61.07 35.35
CA THR A 802 90.73 62.14 35.79
C THR A 802 89.96 63.20 36.55
N MET A 803 88.75 63.51 36.10
CA MET A 803 88.16 64.75 36.58
C MET A 803 87.32 64.46 37.81
N ASP A 804 86.98 63.18 38.02
CA ASP A 804 86.64 62.69 39.36
C ASP A 804 87.82 62.84 40.31
N ALA A 805 89.02 62.46 39.86
CA ALA A 805 90.20 62.58 40.70
C ALA A 805 90.50 64.02 41.05
N LEU A 806 90.39 64.92 40.07
CA LEU A 806 90.58 66.34 40.34
C LEU A 806 89.54 66.86 41.34
N GLN A 807 88.29 66.41 41.20
CA GLN A 807 87.26 66.83 42.14
C GLN A 807 87.60 66.39 43.55
N ALA A 808 87.98 65.12 43.73
CA ALA A 808 88.41 64.65 45.04
C ALA A 808 89.63 65.42 45.51
N ASP A 809 90.38 65.98 44.57
CA ASP A 809 91.68 66.52 44.88
C ASP A 809 91.52 67.98 45.34
N ILE A 810 90.60 68.70 44.67
CA ILE A 810 90.09 69.97 45.20
C ILE A 810 89.48 69.77 46.57
N ASP A 811 88.80 68.65 46.75
CA ASP A 811 87.86 68.49 47.83
C ASP A 811 88.61 68.13 49.11
N GLN A 812 89.79 67.51 48.96
CA GLN A 812 90.74 67.38 50.05
C GLN A 812 91.37 68.72 50.42
N LEU A 813 91.69 69.54 49.42
CA LEU A 813 92.33 70.83 49.68
C LEU A 813 91.41 71.76 50.47
N GLU A 814 90.12 71.73 50.17
CA GLU A 814 89.16 72.53 50.93
C GLU A 814 89.11 72.08 52.38
N ALA A 815 89.18 70.78 52.64
CA ALA A 815 89.18 70.28 54.00
C ALA A 815 90.41 70.76 54.77
N GLU A 816 91.57 70.71 54.14
CA GLU A 816 92.79 71.23 54.78
C GLU A 816 92.67 72.73 55.03
N LYS A 817 92.10 73.45 54.07
CA LYS A 817 91.88 74.89 54.26
C LYS A 817 90.94 75.16 55.43
N ALA A 818 89.88 74.34 55.55
CA ALA A 818 88.94 74.53 56.65
C ALA A 818 89.60 74.27 58.00
N GLU A 819 90.46 73.26 58.08
CA GLU A 819 91.16 72.98 59.33
C GLU A 819 92.05 74.14 59.75
N LEU A 820 92.78 74.72 58.80
CA LEU A 820 93.61 75.89 59.09
C LEU A 820 92.75 77.07 59.51
N LYS A 821 91.57 77.22 58.90
CA LYS A 821 90.72 78.35 59.22
C LYS A 821 90.20 78.28 60.65
N GLN A 822 89.85 77.09 61.14
CA GLN A 822 89.32 77.04 62.50
C GLN A 822 90.45 77.07 63.52
N ARG A 823 91.67 76.74 63.09
CA ARG A 823 92.84 77.11 63.90
C ARG A 823 93.04 78.61 63.92
N LEU A 824 92.91 79.27 62.76
CA LEU A 824 93.07 80.71 62.68
C LEU A 824 92.00 81.43 63.50
N ASN A 825 90.76 80.92 63.45
CA ASN A 825 89.67 81.54 64.19
C ASN A 825 89.86 81.38 65.69
N SER A 826 90.37 80.23 66.14
CA SER A 826 90.62 80.03 67.56
C SER A 826 91.68 80.99 68.08
N GLN A 827 92.73 81.21 67.29
CA GLN A 827 93.77 82.16 67.68
C GLN A 827 93.25 83.59 67.70
N SER A 828 92.35 83.93 66.77
CA SER A 828 91.81 85.28 66.73
C SER A 828 90.97 85.59 67.96
N LYS A 829 90.22 84.60 68.46
CA LYS A 829 89.39 84.81 69.64
C LYS A 829 90.24 85.05 70.89
N ARG A 830 91.35 84.31 71.02
CA ARG A 830 92.22 84.50 72.18
C ARG A 830 92.86 85.88 72.18
N THR A 831 93.15 86.42 71.00
CA THR A 831 93.73 87.76 70.91
C THR A 831 92.74 88.82 71.41
N ILE A 832 91.46 88.68 71.06
CA ILE A 832 90.48 89.69 71.45
C ILE A 832 90.21 89.64 72.96
N GLU A 833 90.05 88.44 73.52
CA GLU A 833 89.78 88.34 74.95
C GLU A 833 91.01 88.69 75.79
N GLY A 834 92.21 88.54 75.22
CA GLY A 834 93.40 88.95 75.93
C GLY A 834 93.55 90.45 76.02
N ILE A 835 92.85 91.19 75.15
CA ILE A 835 93.02 92.64 75.09
C ILE A 835 92.17 93.41 76.09
N ARG A 836 90.96 92.96 76.45
CA ARG A 836 90.40 93.51 77.69
C ARG A 836 91.01 92.76 78.86
N GLY A 837 91.75 93.50 79.69
CA GLY A 837 92.15 93.01 80.98
C GLY A 837 90.91 92.77 81.82
N PRO A 838 91.02 91.86 82.79
CA PRO A 838 89.87 91.48 83.61
C PRO A 838 89.39 92.61 84.51
N SER B 1 -2.11 18.79 -21.34
CA SER B 1 -3.32 18.26 -21.94
C SER B 1 -4.57 18.91 -21.34
N LYS B 2 -5.58 19.11 -22.17
CA LYS B 2 -6.83 19.70 -21.69
C LYS B 2 -7.54 18.78 -20.69
N GLU B 3 -7.40 17.47 -20.86
CA GLU B 3 -8.04 16.53 -19.96
C GLU B 3 -7.48 16.62 -18.55
N GLU B 4 -6.18 16.90 -18.41
CA GLU B 4 -5.60 17.11 -17.09
C GLU B 4 -6.22 18.32 -16.40
N GLU B 5 -6.42 19.42 -17.15
CA GLU B 5 -7.04 20.60 -16.58
C GLU B 5 -8.49 20.33 -16.16
N GLY B 6 -9.23 19.60 -16.99
CA GLY B 6 -10.59 19.24 -16.61
C GLY B 6 -10.63 18.39 -15.34
N LEU B 7 -9.74 17.40 -15.25
CA LEU B 7 -9.69 16.56 -14.07
C LEU B 7 -9.31 17.38 -12.83
N ARG B 8 -8.38 18.33 -12.97
CA ARG B 8 -8.00 19.16 -11.83
C ARG B 8 -9.16 20.02 -11.36
N ALA B 9 -9.91 20.59 -12.30
CA ALA B 9 -11.10 21.38 -11.93
C ALA B 9 -12.11 20.51 -11.19
N GLN B 10 -12.34 19.29 -11.68
CA GLN B 10 -13.29 18.41 -11.01
C GLN B 10 -12.78 18.00 -9.63
N VAL B 11 -11.46 17.83 -9.48
CA VAL B 11 -10.89 17.52 -8.16
C VAL B 11 -11.17 18.65 -7.19
N ARG B 12 -10.92 19.89 -7.61
CA ARG B 12 -11.18 21.02 -6.72
C ARG B 12 -12.66 21.09 -6.37
N ASP B 13 -13.53 20.86 -7.36
CA ASP B 13 -14.97 20.95 -7.14
C ASP B 13 -15.43 19.91 -6.12
N LEU B 14 -14.94 18.67 -6.25
CA LEU B 14 -15.28 17.61 -5.32
C LEU B 14 -14.75 17.89 -3.91
N GLU B 15 -13.52 18.43 -3.82
CA GLU B 15 -12.97 18.78 -2.51
C GLU B 15 -13.82 19.84 -1.81
N GLU B 16 -14.25 20.84 -2.56
CA GLU B 16 -15.11 21.87 -1.99
C GLU B 16 -16.44 21.30 -1.51
N LYS B 17 -17.04 20.42 -2.32
CA LYS B 17 -18.28 19.76 -1.90
C LYS B 17 -18.05 18.96 -0.62
N LEU B 18 -16.86 18.39 -0.46
CA LEU B 18 -16.58 17.57 0.72
C LEU B 18 -16.41 18.44 1.98
N GLU B 19 -15.71 19.60 1.88
CA GLU B 19 -15.82 20.60 2.96
C GLU B 19 -17.26 20.87 3.33
N THR B 20 -18.05 21.28 2.34
CA THR B 20 -19.36 21.83 2.64
C THR B 20 -20.24 20.77 3.28
N LEU B 21 -20.16 19.53 2.80
CA LEU B 21 -21.07 18.52 3.27
C LEU B 21 -20.60 17.92 4.61
N ARG B 22 -19.29 17.95 4.89
CA ARG B 22 -18.84 17.65 6.25
C ARG B 22 -19.36 18.69 7.25
N LEU B 23 -19.17 19.98 6.92
CA LEU B 23 -19.68 21.04 7.79
C LEU B 23 -21.18 20.91 7.97
N LYS B 24 -21.89 20.53 6.91
CA LYS B 24 -23.33 20.40 6.98
C LYS B 24 -23.73 19.23 7.87
N ARG B 25 -22.97 18.13 7.85
CA ARG B 25 -23.29 17.05 8.76
C ARG B 25 -23.08 17.46 10.21
N ALA B 26 -22.04 18.27 10.48
CA ALA B 26 -21.86 18.77 11.84
C ALA B 26 -23.04 19.63 12.29
N GLU B 27 -23.39 20.63 11.46
CA GLU B 27 -24.58 21.45 11.74
C GLU B 27 -25.79 20.57 11.95
N ASP B 28 -25.86 19.47 11.22
CA ASP B 28 -27.10 18.76 11.06
C ASP B 28 -27.28 17.80 12.23
N LYS B 29 -26.16 17.36 12.81
CA LYS B 29 -26.18 16.72 14.12
C LYS B 29 -26.59 17.68 15.24
N ALA B 30 -26.04 18.90 15.25
CA ALA B 30 -26.50 19.87 16.25
C ALA B 30 -28.00 20.09 16.12
N LYS B 31 -28.48 20.07 14.89
CA LYS B 31 -29.87 20.37 14.63
C LYS B 31 -30.72 19.17 15.10
N LEU B 32 -30.18 17.96 14.99
CA LEU B 32 -30.80 16.78 15.61
C LEU B 32 -30.89 16.92 17.13
N LYS B 33 -29.89 17.51 17.77
CA LYS B 33 -30.01 17.84 19.18
C LYS B 33 -31.25 18.71 19.42
N GLU B 34 -31.48 19.68 18.53
CA GLU B 34 -32.72 20.46 18.60
C GLU B 34 -33.96 19.57 18.43
N LEU B 35 -33.87 18.54 17.57
CA LEU B 35 -34.96 17.56 17.48
C LEU B 35 -35.33 17.02 18.84
N GLU B 36 -34.32 16.56 19.57
CA GLU B 36 -34.62 15.85 20.81
C GLU B 36 -35.15 16.81 21.88
N LYS B 37 -34.65 18.05 21.88
CA LYS B 37 -35.29 19.08 22.70
C LYS B 37 -36.77 19.24 22.33
N HIS B 38 -37.07 19.36 21.04
CA HIS B 38 -38.46 19.53 20.61
C HIS B 38 -39.31 18.31 20.96
N LYS B 39 -38.72 17.13 20.96
CA LYS B 39 -39.44 15.92 21.32
C LYS B 39 -39.83 15.95 22.80
N ILE B 40 -38.89 16.33 23.67
CA ILE B 40 -39.22 16.47 25.10
C ILE B 40 -40.35 17.48 25.27
N GLN B 41 -40.20 18.64 24.64
CA GLN B 41 -41.21 19.68 24.80
C GLN B 41 -42.56 19.24 24.26
N LEU B 42 -42.57 18.50 23.15
CA LEU B 42 -43.82 18.03 22.55
C LEU B 42 -44.49 17.00 23.45
N GLU B 43 -43.71 16.09 24.02
CA GLU B 43 -44.31 15.15 24.96
C GLU B 43 -44.86 15.89 26.19
N GLN B 44 -44.18 16.95 26.63
CA GLN B 44 -44.67 17.74 27.77
C GLN B 44 -45.98 18.43 27.43
N VAL B 45 -46.06 19.02 26.25
CA VAL B 45 -47.26 19.74 25.87
C VAL B 45 -48.39 18.76 25.57
N GLN B 46 -48.07 17.55 25.06
CA GLN B 46 -49.10 16.54 24.85
C GLN B 46 -49.64 15.99 26.17
N GLU B 47 -48.75 15.73 27.13
CA GLU B 47 -49.20 15.26 28.45
C GLU B 47 -50.07 16.31 29.13
N TRP B 48 -49.60 17.56 29.12
CA TRP B 48 -50.41 18.64 29.66
C TRP B 48 -51.70 18.79 28.88
N LYS B 49 -51.66 18.45 27.61
CA LYS B 49 -52.79 18.55 26.71
C LYS B 49 -53.91 17.58 27.09
N SER B 50 -53.57 16.30 27.28
CA SER B 50 -54.59 15.33 27.68
C SER B 50 -55.07 15.60 29.11
N LYS B 51 -54.13 15.81 30.03
CA LYS B 51 -54.54 16.18 31.38
C LYS B 51 -55.43 17.40 31.33
N MET B 52 -55.06 18.36 30.49
CA MET B 52 -55.84 19.56 30.28
C MET B 52 -57.23 19.27 29.77
N GLN B 53 -57.35 18.28 28.90
CA GLN B 53 -58.67 17.95 28.41
C GLN B 53 -59.58 17.48 29.53
N GLU B 54 -59.12 16.58 30.42
CA GLU B 54 -60.14 16.32 31.46
C GLU B 54 -60.14 17.42 32.52
N GLN B 55 -59.07 18.22 32.68
CA GLN B 55 -59.19 19.33 33.62
C GLN B 55 -60.31 20.26 33.20
N GLN B 56 -60.33 20.59 31.91
CA GLN B 56 -61.38 21.42 31.35
C GLN B 56 -62.74 20.74 31.48
N ALA B 57 -62.80 19.43 31.20
CA ALA B 57 -64.06 18.70 31.36
C ALA B 57 -64.52 18.71 32.81
N ASP B 58 -63.58 18.57 33.76
CA ASP B 58 -63.93 18.55 35.17
C ASP B 58 -64.38 19.92 35.65
N LEU B 59 -63.75 20.98 35.17
CA LEU B 59 -64.23 22.32 35.49
C LEU B 59 -65.61 22.57 34.90
N GLN B 60 -65.84 22.08 33.69
CA GLN B 60 -67.17 22.19 33.09
C GLN B 60 -68.20 21.42 33.91
N ARG B 61 -67.82 20.23 34.39
CA ARG B 61 -68.73 19.41 35.18
C ARG B 61 -69.01 20.07 36.54
N ARG B 62 -67.95 20.57 37.19
CA ARG B 62 -68.13 21.30 38.45
C ARG B 62 -68.99 22.54 38.25
N LEU B 63 -68.84 23.21 37.11
CA LEU B 63 -69.63 24.39 36.80
C LEU B 63 -71.10 24.02 36.58
N LYS B 64 -71.35 23.00 35.77
CA LYS B 64 -72.66 22.36 35.70
C LYS B 64 -73.25 22.11 37.09
N GLU B 65 -72.50 21.44 37.95
CA GLU B 65 -73.01 21.07 39.27
C GLU B 65 -73.34 22.31 40.09
N ALA B 66 -72.41 23.28 40.13
CA ALA B 66 -72.59 24.47 40.95
C ALA B 66 -73.76 25.31 40.43
N ARG B 67 -73.87 25.44 39.11
CA ARG B 67 -74.97 26.21 38.54
C ARG B 67 -76.31 25.50 38.73
N LYS B 68 -76.33 24.17 38.60
CA LYS B 68 -77.55 23.41 38.85
C LYS B 68 -77.99 23.56 40.29
N GLU B 69 -77.04 23.52 41.22
CA GLU B 69 -77.39 23.58 42.63
C GLU B 69 -77.78 25.01 43.01
N ALA B 70 -77.17 26.00 42.35
CA ALA B 70 -77.60 27.39 42.51
C ALA B 70 -79.02 27.59 41.98
N LYS B 71 -79.33 27.02 40.82
CA LYS B 71 -80.69 27.14 40.27
C LYS B 71 -81.70 26.45 41.16
N GLU B 72 -81.35 25.30 41.70
CA GLU B 72 -82.28 24.60 42.60
C GLU B 72 -82.48 25.39 43.89
N ALA B 73 -81.41 26.00 44.41
CA ALA B 73 -81.55 26.90 45.56
C ALA B 73 -82.45 28.08 45.21
N LEU B 74 -82.31 28.63 44.01
CA LEU B 74 -83.16 29.74 43.59
C LEU B 74 -84.61 29.30 43.45
N GLU B 75 -84.86 28.11 42.91
CA GLU B 75 -86.22 27.61 42.78
C GLU B 75 -86.87 27.40 44.15
N ALA B 76 -86.14 26.81 45.08
CA ALA B 76 -86.63 26.69 46.44
C ALA B 76 -86.92 28.07 47.02
N LYS B 77 -86.01 29.01 46.80
CA LYS B 77 -86.20 30.36 47.30
C LYS B 77 -87.42 31.01 46.68
N GLU B 78 -87.77 30.65 45.45
CA GLU B 78 -88.88 31.32 44.77
C GLU B 78 -90.23 30.76 45.20
N ARG B 79 -90.40 29.43 45.17
CA ARG B 79 -91.59 28.84 45.78
C ARG B 79 -91.75 29.34 47.21
N TYR B 80 -90.62 29.55 47.85
CA TYR B 80 -90.63 30.06 49.19
C TYR B 80 -90.92 31.56 49.27
N MET B 81 -90.54 32.36 48.28
CA MET B 81 -91.10 33.71 48.20
C MET B 81 -92.60 33.69 48.04
N GLU B 82 -93.14 32.67 47.37
CA GLU B 82 -94.60 32.56 47.30
C GLU B 82 -95.20 32.41 48.69
N GLU B 83 -94.60 31.53 49.49
CA GLU B 83 -95.08 31.36 50.87
C GLU B 83 -94.89 32.67 51.67
N MET B 84 -93.78 33.38 51.41
CA MET B 84 -93.62 34.77 51.86
C MET B 84 -94.76 35.67 51.45
N ALA B 85 -95.17 35.61 50.20
CA ALA B 85 -96.23 36.51 49.75
C ALA B 85 -97.48 36.27 50.57
N ASP B 86 -97.84 34.99 50.76
CA ASP B 86 -99.02 34.68 51.55
C ASP B 86 -98.90 35.24 52.97
N THR B 87 -97.82 34.88 53.67
CA THR B 87 -97.71 35.24 55.07
C THR B 87 -97.52 36.75 55.25
N ALA B 88 -96.77 37.39 54.36
CA ALA B 88 -96.51 38.82 54.48
C ALA B 88 -97.77 39.63 54.20
N ASP B 89 -98.55 39.22 53.18
CA ASP B 89 -99.80 39.92 52.91
C ASP B 89 -100.77 39.74 54.08
N ALA B 90 -100.77 38.54 54.70
CA ALA B 90 -101.50 38.37 55.93
C ALA B 90 -100.99 39.30 57.03
N ILE B 91 -99.68 39.45 57.14
CA ILE B 91 -99.13 40.42 58.09
C ILE B 91 -99.70 41.79 57.83
N GLU B 92 -99.82 42.18 56.57
CA GLU B 92 -100.04 43.61 56.38
C GLU B 92 -101.53 43.96 56.45
N MET B 93 -102.45 43.00 56.23
CA MET B 93 -103.73 43.20 56.97
C MET B 93 -103.46 43.35 58.45
N ALA B 94 -102.93 42.29 59.09
CA ALA B 94 -102.99 42.17 60.55
C ALA B 94 -102.39 43.40 61.22
N THR B 95 -101.36 43.97 60.62
CA THR B 95 -100.75 45.19 61.10
C THR B 95 -101.60 46.39 60.72
N LEU B 96 -102.29 46.35 59.58
CA LEU B 96 -103.26 47.39 59.28
C LEU B 96 -104.36 47.42 60.33
N ASP B 97 -104.86 46.24 60.71
CA ASP B 97 -105.93 46.13 61.70
C ASP B 97 -105.43 46.52 63.09
N LYS B 98 -104.25 46.01 63.46
CA LYS B 98 -103.65 46.38 64.73
C LYS B 98 -103.36 47.87 64.78
N GLU B 99 -103.04 48.46 63.63
CA GLU B 99 -102.71 49.87 63.60
C GLU B 99 -103.94 50.75 63.68
N MET B 100 -105.03 50.37 62.99
CA MET B 100 -106.29 51.09 63.24
C MET B 100 -106.75 50.91 64.67
N ALA B 101 -106.64 49.69 65.22
CA ALA B 101 -107.06 49.49 66.61
C ALA B 101 -106.20 50.30 67.56
N GLU B 102 -104.89 50.37 67.30
CA GLU B 102 -104.00 51.14 68.15
C GLU B 102 -104.21 52.63 67.96
N GLU B 103 -104.43 53.10 66.73
CA GLU B 103 -104.71 54.51 66.51
C GLU B 103 -106.05 54.90 67.11
N ARG B 104 -107.03 54.01 67.04
CA ARG B 104 -108.31 54.23 67.69
C ARG B 104 -108.16 54.31 69.20
N ALA B 105 -107.37 53.39 69.76
CA ALA B 105 -107.11 53.41 71.20
C ALA B 105 -106.34 54.67 71.59
N GLU B 106 -105.39 55.09 70.76
CA GLU B 106 -104.59 56.28 71.07
C GLU B 106 -105.40 57.55 70.90
N SER B 107 -106.30 57.58 69.91
CA SER B 107 -107.22 58.71 69.77
C SER B 107 -108.18 58.77 70.95
N LEU B 108 -108.71 57.62 71.37
CA LEU B 108 -109.59 57.59 72.53
C LEU B 108 -108.83 57.93 73.81
N GLN B 109 -107.55 57.57 73.87
CA GLN B 109 -106.74 57.90 75.05
C GLN B 109 -106.41 59.38 75.08
N GLN B 110 -106.06 59.96 73.94
CA GLN B 110 -105.84 61.40 73.88
C GLN B 110 -107.12 62.15 74.15
N GLU B 111 -108.28 61.59 73.76
CA GLU B 111 -109.54 62.24 74.11
C GLU B 111 -109.87 62.05 75.59
N VAL B 112 -109.51 60.90 76.18
CA VAL B 112 -109.64 60.71 77.62
C VAL B 112 -108.80 61.74 78.37
N GLU B 113 -107.57 61.93 77.93
CA GLU B 113 -106.66 62.83 78.61
C GLU B 113 -107.07 64.28 78.40
N ALA B 114 -107.50 64.61 77.18
CA ALA B 114 -108.04 65.94 76.93
C ALA B 114 -109.35 66.17 77.67
N LEU B 115 -110.11 65.11 77.94
CA LEU B 115 -111.35 65.25 78.70
C LEU B 115 -111.07 65.43 80.19
N LYS B 116 -110.06 64.73 80.72
CA LYS B 116 -109.62 65.00 82.09
C LYS B 116 -109.11 66.43 82.22
N GLU B 117 -108.30 66.84 81.24
CA GLU B 117 -107.84 68.22 81.20
C GLU B 117 -109.00 69.18 81.02
N ARG B 118 -110.07 68.76 80.34
CA ARG B 118 -111.25 69.60 80.16
C ARG B 118 -112.09 69.67 81.43
N VAL B 119 -112.08 68.61 82.22
CA VAL B 119 -112.68 68.65 83.55
C VAL B 119 -111.98 69.71 84.40
N ASP B 120 -110.64 69.64 84.44
CA ASP B 120 -109.88 70.70 85.11
C ASP B 120 -110.10 72.06 84.43
N GLU B 121 -110.27 72.06 83.11
CA GLU B 121 -110.51 73.28 82.36
C GLU B 121 -111.82 73.92 82.75
N LEU B 122 -112.84 73.10 83.04
CA LEU B 122 -114.12 73.64 83.48
C LEU B 122 -114.02 74.20 84.89
N THR B 123 -113.30 73.50 85.76
CA THR B 123 -113.04 74.09 87.07
C THR B 123 -112.39 75.46 86.91
N THR B 124 -111.49 75.61 85.93
CA THR B 124 -110.94 76.94 85.67
C THR B 124 -111.90 77.83 84.86
N ASP B 125 -112.82 77.23 84.10
CA ASP B 125 -113.82 77.99 83.36
C ASP B 125 -114.76 78.69 84.30
N LEU B 126 -114.73 78.30 85.57
CA LEU B 126 -115.24 79.19 86.61
C LEU B 126 -114.67 80.61 86.49
N GLU B 127 -113.62 80.80 85.69
CA GLU B 127 -113.10 82.15 85.43
C GLU B 127 -114.16 83.03 84.78
N ILE B 128 -115.04 82.42 83.97
CA ILE B 128 -116.14 83.13 83.32
C ILE B 128 -116.97 83.87 84.36
N LEU B 129 -117.01 83.35 85.58
CA LEU B 129 -117.83 83.92 86.64
C LEU B 129 -117.39 85.33 87.01
N LYS B 130 -116.19 85.73 86.57
CA LYS B 130 -115.73 87.11 86.71
C LYS B 130 -116.81 88.12 86.35
N ALA B 131 -117.46 87.90 85.22
CA ALA B 131 -118.42 88.88 84.69
C ALA B 131 -119.56 89.10 85.67
N GLU B 132 -120.15 88.02 86.16
CA GLU B 132 -121.17 88.16 87.18
C GLU B 132 -120.57 88.67 88.49
N ILE B 133 -119.27 88.44 88.69
CA ILE B 133 -118.71 88.52 90.03
C ILE B 133 -118.37 89.97 90.37
N GLU B 134 -117.64 90.67 89.50
CA GLU B 134 -117.15 91.98 89.93
C GLU B 134 -118.20 93.07 89.75
N GLU B 135 -119.34 92.75 89.14
CA GLU B 135 -120.45 93.69 89.02
C GLU B 135 -121.25 93.81 90.31
N LYS B 136 -120.89 93.07 91.36
CA LYS B 136 -121.72 92.95 92.56
C LYS B 136 -121.25 93.78 93.74
N GLY B 137 -119.97 94.07 93.85
CA GLY B 137 -119.46 94.75 95.02
C GLY B 137 -117.95 94.58 95.10
N SER B 138 -117.45 94.38 96.32
CA SER B 138 -116.00 94.31 96.51
C SER B 138 -115.48 93.19 97.41
N ASP B 139 -116.29 92.58 98.29
CA ASP B 139 -115.70 91.70 99.30
C ASP B 139 -115.38 90.29 98.79
N GLY B 140 -116.41 89.51 98.46
CA GLY B 140 -116.17 88.14 98.05
C GLY B 140 -116.14 88.00 96.54
N ALA B 141 -117.06 88.70 95.87
CA ALA B 141 -117.12 88.64 94.42
C ALA B 141 -115.91 89.30 93.77
N ALA B 142 -115.60 90.54 94.18
CA ALA B 142 -114.44 91.19 93.58
C ALA B 142 -113.14 90.51 93.99
N SER B 143 -113.11 89.86 95.15
CA SER B 143 -111.98 89.00 95.49
C SER B 143 -111.87 87.85 94.50
N SER B 144 -113.02 87.27 94.14
CA SER B 144 -113.04 86.25 93.10
C SER B 144 -112.52 86.78 91.78
N TYR B 145 -112.57 88.10 91.57
CA TYR B 145 -111.99 88.63 90.32
C TYR B 145 -110.48 88.31 90.23
N GLN B 146 -109.71 88.61 91.28
CA GLN B 146 -108.29 88.25 91.28
C GLN B 146 -108.10 86.74 91.26
N LEU B 147 -108.95 86.04 92.02
CA LEU B 147 -109.03 84.59 91.93
C LEU B 147 -109.07 84.14 90.47
N LYS B 148 -109.90 84.81 89.68
CA LYS B 148 -110.13 84.40 88.31
C LYS B 148 -108.95 84.76 87.43
N GLN B 149 -108.25 85.86 87.73
CA GLN B 149 -107.03 86.13 86.98
C GLN B 149 -106.01 85.00 87.16
N LEU B 150 -105.86 84.53 88.40
CA LEU B 150 -105.00 83.38 88.64
C LEU B 150 -105.54 82.14 87.89
N GLU B 151 -106.87 82.02 87.84
CA GLU B 151 -107.50 80.86 87.21
C GLU B 151 -107.23 80.86 85.70
N GLU B 152 -107.16 82.05 85.11
CA GLU B 152 -106.81 82.18 83.70
C GLU B 152 -105.35 81.83 83.47
N GLN B 153 -104.45 82.25 84.37
CA GLN B 153 -103.06 81.80 84.27
C GLN B 153 -102.97 80.27 84.26
N ASN B 154 -103.80 79.63 85.08
CA ASN B 154 -103.87 78.17 85.11
C ASN B 154 -104.28 77.60 83.76
N ALA B 155 -105.38 78.13 83.20
CA ALA B 155 -105.84 77.68 81.89
C ALA B 155 -104.76 77.87 80.84
N ARG B 156 -103.94 78.91 80.97
CA ARG B 156 -102.84 79.12 80.04
C ARG B 156 -101.82 77.98 80.13
N LEU B 157 -101.45 77.59 81.36
CA LEU B 157 -100.43 76.56 81.52
C LEU B 157 -100.92 75.18 81.00
N LYS B 158 -102.21 74.89 81.19
CA LYS B 158 -102.72 73.55 80.89
C LYS B 158 -102.49 73.16 79.42
N ASP B 159 -102.65 74.12 78.51
CA ASP B 159 -102.51 73.82 77.08
C ASP B 159 -101.08 73.38 76.75
N ALA B 160 -100.09 74.05 77.32
CA ALA B 160 -98.71 73.63 77.13
C ALA B 160 -98.50 72.22 77.67
N LEU B 161 -99.10 71.92 78.82
CA LEU B 161 -99.06 70.54 79.31
C LEU B 161 -99.51 69.56 78.22
N VAL B 162 -100.66 69.83 77.60
CA VAL B 162 -101.20 68.91 76.59
C VAL B 162 -100.22 68.76 75.43
N ARG B 163 -99.67 69.89 74.96
CA ARG B 163 -98.78 69.85 73.81
C ARG B 163 -97.56 68.98 74.08
N MET B 164 -96.92 69.15 75.23
CA MET B 164 -95.75 68.33 75.49
C MET B 164 -96.12 66.88 75.79
N ARG B 165 -97.36 66.61 76.21
CA ARG B 165 -97.75 65.20 76.29
C ARG B 165 -97.78 64.57 74.90
N ASP B 166 -98.35 65.29 73.93
CA ASP B 166 -98.38 64.78 72.56
C ASP B 166 -96.98 64.58 72.02
N LEU B 167 -96.10 65.55 72.27
CA LEU B 167 -94.72 65.44 71.81
C LEU B 167 -94.01 64.24 72.44
N SER B 168 -94.25 64.00 73.74
CA SER B 168 -93.67 62.83 74.39
C SER B 168 -94.17 61.54 73.77
N SER B 169 -95.45 61.49 73.40
CA SER B 169 -95.96 60.31 72.71
C SER B 169 -95.21 60.06 71.40
N SER B 170 -95.01 61.12 70.62
CA SER B 170 -94.25 60.98 69.38
C SER B 170 -92.84 60.46 69.65
N GLU B 171 -92.19 61.02 70.68
CA GLU B 171 -90.83 60.60 71.01
C GLU B 171 -90.80 59.14 71.45
N LYS B 172 -91.82 58.68 72.18
CA LYS B 172 -91.89 57.28 72.56
C LYS B 172 -92.00 56.37 71.35
N GLN B 173 -92.83 56.76 70.39
CA GLN B 173 -92.97 55.95 69.18
C GLN B 173 -91.63 55.84 68.44
N GLU B 174 -90.93 56.97 68.32
CA GLU B 174 -89.60 56.95 67.70
C GLU B 174 -88.64 56.07 68.49
N HIS B 175 -88.72 56.12 69.81
CA HIS B 175 -87.88 55.32 70.69
C HIS B 175 -88.04 53.83 70.41
N VAL B 176 -89.30 53.38 70.35
CA VAL B 176 -89.58 51.97 70.09
C VAL B 176 -89.05 51.56 68.73
N LYS B 177 -89.34 52.39 67.71
CA LYS B 177 -88.86 52.10 66.36
C LYS B 177 -87.34 52.00 66.33
N LEU B 178 -86.66 52.89 67.05
CA LEU B 178 -85.21 52.88 67.10
C LEU B 178 -84.68 51.60 67.74
N GLN B 179 -85.23 51.18 68.87
CA GLN B 179 -84.62 50.07 69.59
C GLN B 179 -84.85 48.76 68.84
N LYS B 180 -85.89 48.73 68.03
CA LYS B 180 -86.20 47.48 67.36
C LYS B 180 -85.62 47.44 65.93
N LEU B 181 -85.31 48.61 65.37
CA LEU B 181 -84.24 48.69 64.36
C LEU B 181 -82.89 48.21 64.91
N MET B 182 -82.56 48.55 66.16
CA MET B 182 -81.25 48.18 66.68
C MET B 182 -81.13 46.68 66.85
N GLU B 183 -82.20 46.06 67.32
CA GLU B 183 -82.21 44.61 67.35
C GLU B 183 -81.94 44.05 65.96
N LYS B 184 -82.56 44.64 64.94
CA LYS B 184 -82.23 44.21 63.58
C LYS B 184 -80.74 44.36 63.26
N LYS B 185 -80.15 45.50 63.65
CA LYS B 185 -78.74 45.74 63.34
C LYS B 185 -77.82 44.80 64.10
N ASN B 186 -78.19 44.43 65.33
CA ASN B 186 -77.43 43.42 66.06
C ASN B 186 -77.47 42.08 65.33
N GLN B 187 -78.63 41.70 64.81
CA GLN B 187 -78.71 40.46 64.05
C GLN B 187 -77.81 40.52 62.81
N GLU B 188 -77.85 41.65 62.10
CA GLU B 188 -77.00 41.81 60.91
C GLU B 188 -75.53 41.75 61.29
N LEU B 189 -75.14 42.41 62.38
CA LEU B 189 -73.75 42.41 62.82
C LEU B 189 -73.29 41.00 63.17
N GLU B 190 -74.15 40.22 63.85
CA GLU B 190 -73.80 38.84 64.15
C GLU B 190 -73.64 38.02 62.88
N VAL B 191 -74.53 38.19 61.92
CA VAL B 191 -74.42 37.44 60.66
C VAL B 191 -73.13 37.80 59.94
N VAL B 192 -72.81 39.09 59.87
CA VAL B 192 -71.61 39.52 59.16
C VAL B 192 -70.35 39.03 59.89
N ARG B 193 -70.39 38.99 61.23
CA ARG B 193 -69.25 38.46 61.96
C ARG B 193 -69.08 36.96 61.73
N GLN B 194 -70.19 36.22 61.68
CA GLN B 194 -70.12 34.81 61.34
C GLN B 194 -69.58 34.61 59.92
N GLN B 195 -70.03 35.45 58.98
CA GLN B 195 -69.54 35.37 57.62
C GLN B 195 -68.06 35.71 57.53
N ARG B 196 -67.61 36.68 58.33
CA ARG B 196 -66.20 37.03 58.40
C ARG B 196 -65.38 35.86 58.94
N GLU B 197 -65.89 35.19 59.97
CA GLU B 197 -65.18 34.03 60.52
C GLU B 197 -65.18 32.87 59.54
N ARG B 198 -66.28 32.69 58.79
CA ARG B 198 -66.32 31.68 57.74
C ARG B 198 -65.31 32.00 56.64
N LEU B 199 -65.21 33.28 56.27
CA LEU B 199 -64.25 33.69 55.26
C LEU B 199 -62.82 33.51 55.74
N GLN B 200 -62.58 33.77 57.03
CA GLN B 200 -61.26 33.51 57.60
C GLN B 200 -60.92 32.03 57.57
N GLU B 201 -61.90 31.17 57.89
CA GLU B 201 -61.68 29.73 57.80
C GLU B 201 -61.45 29.29 56.36
N GLU B 202 -62.22 29.84 55.41
CA GLU B 202 -62.06 29.46 54.02
C GLU B 202 -60.74 29.97 53.46
N LEU B 203 -60.30 31.14 53.91
CA LEU B 203 -58.98 31.65 53.52
C LEU B 203 -57.88 30.76 54.10
N SER B 204 -58.03 30.36 55.36
CA SER B 204 -57.06 29.44 55.96
C SER B 204 -57.03 28.12 55.21
N GLN B 205 -58.20 27.63 54.78
CA GLN B 205 -58.25 26.41 53.99
C GLN B 205 -57.59 26.60 52.63
N ALA B 206 -57.90 27.69 51.93
CA ALA B 206 -57.28 27.96 50.64
C ALA B 206 -55.78 28.13 50.78
N GLU B 207 -55.35 28.51 51.96
CA GLU B 207 -54.00 29.02 52.18
C GLU B 207 -53.10 27.85 52.62
N SER B 208 -53.67 26.96 53.42
CA SER B 208 -53.18 25.58 53.54
C SER B 208 -53.19 24.85 52.20
N THR B 209 -54.22 25.08 51.37
CA THR B 209 -54.29 24.43 50.07
C THR B 209 -53.15 24.88 49.16
N ILE B 210 -52.82 26.16 49.21
CA ILE B 210 -51.67 26.69 48.47
C ILE B 210 -50.39 26.00 48.94
N ASP B 211 -50.22 25.86 50.26
CA ASP B 211 -49.03 25.18 50.76
C ASP B 211 -48.97 23.73 50.30
N GLU B 212 -50.09 23.01 50.38
CA GLU B 212 -50.13 21.61 49.97
C GLU B 212 -49.88 21.45 48.48
N LEU B 213 -50.43 22.37 47.68
CA LEU B 213 -50.21 22.34 46.23
C LEU B 213 -48.75 22.63 45.91
N LYS B 214 -48.11 23.51 46.67
CA LYS B 214 -46.67 23.73 46.50
C LYS B 214 -45.88 22.45 46.77
N GLU B 215 -46.25 21.73 47.83
CA GLU B 215 -45.58 20.46 48.12
C GLU B 215 -45.77 19.45 46.99
N GLN B 216 -47.00 19.34 46.47
CA GLN B 216 -47.26 18.41 45.38
C GLN B 216 -46.50 18.81 44.11
N VAL B 217 -46.43 20.11 43.83
CA VAL B 217 -45.64 20.59 42.69
C VAL B 217 -44.17 20.22 42.88
N ASP B 218 -43.67 20.28 44.11
CA ASP B 218 -42.28 19.88 44.35
C ASP B 218 -42.04 18.41 44.00
N ALA B 219 -42.92 17.52 44.47
CA ALA B 219 -42.77 16.11 44.12
C ALA B 219 -42.86 15.90 42.61
N ALA B 220 -43.77 16.61 41.96
CA ALA B 220 -43.95 16.45 40.53
C ALA B 220 -42.81 17.07 39.74
N LEU B 221 -42.13 18.07 40.32
CA LEU B 221 -40.87 18.55 39.74
C LEU B 221 -39.78 17.51 39.88
N GLY B 222 -39.80 16.74 40.96
CA GLY B 222 -38.95 15.56 41.02
C GLY B 222 -39.23 14.62 39.86
N ALA B 223 -40.50 14.48 39.50
CA ALA B 223 -40.85 13.69 38.32
C ALA B 223 -40.31 14.31 37.03
N GLU B 224 -40.40 15.64 36.88
CA GLU B 224 -39.87 16.29 35.67
C GLU B 224 -38.36 16.14 35.55
N GLU B 225 -37.66 16.30 36.67
CA GLU B 225 -36.22 16.07 36.75
C GLU B 225 -35.87 14.62 36.42
N MET B 226 -36.69 13.70 36.90
CA MET B 226 -36.64 12.29 36.57
C MET B 226 -36.75 12.11 35.04
N VAL B 227 -37.71 12.82 34.43
CA VAL B 227 -37.91 12.80 32.97
C VAL B 227 -36.67 13.30 32.23
N GLU B 228 -36.11 14.43 32.66
CA GLU B 228 -35.02 15.05 31.91
C GLU B 228 -33.79 14.14 31.90
N MET B 229 -33.46 13.55 33.05
CA MET B 229 -32.28 12.70 33.11
C MET B 229 -32.51 11.33 32.48
N LEU B 230 -33.75 10.80 32.57
CA LEU B 230 -34.11 9.64 31.75
C LEU B 230 -33.98 9.95 30.26
N THR B 231 -34.40 11.15 29.83
CA THR B 231 -34.37 11.47 28.40
C THR B 231 -32.94 11.61 27.91
N ASP B 232 -32.07 12.28 28.68
CA ASP B 232 -30.67 12.37 28.25
C ASP B 232 -30.09 10.99 28.01
N ARG B 233 -30.30 10.08 28.97
CA ARG B 233 -29.86 8.69 28.80
C ARG B 233 -30.47 8.07 27.55
N ASN B 234 -31.76 8.35 27.32
CA ASN B 234 -32.50 7.69 26.26
C ASN B 234 -32.04 8.17 24.88
N LEU B 235 -31.71 9.46 24.77
CA LEU B 235 -31.18 10.01 23.53
C LEU B 235 -29.81 9.44 23.21
N ASN B 236 -28.94 9.34 24.22
CA ASN B 236 -27.65 8.70 24.00
C ASN B 236 -27.84 7.28 23.47
N LEU B 237 -28.77 6.54 24.08
CA LEU B 237 -29.00 5.17 23.65
C LEU B 237 -29.59 5.09 22.25
N GLU B 238 -30.48 6.04 21.89
CA GLU B 238 -31.03 6.05 20.54
C GLU B 238 -29.94 6.26 19.50
N GLU B 239 -29.05 7.22 19.76
CA GLU B 239 -27.92 7.45 18.87
C GLU B 239 -27.07 6.19 18.72
N LYS B 240 -26.80 5.52 19.85
CA LYS B 240 -25.96 4.32 19.80
C LYS B 240 -26.64 3.18 19.05
N VAL B 241 -27.95 2.99 19.26
CA VAL B 241 -28.69 1.94 18.56
C VAL B 241 -28.64 2.18 17.06
N ARG B 242 -28.86 3.43 16.64
CA ARG B 242 -28.80 3.82 15.24
C ARG B 242 -27.45 3.50 14.61
N GLU B 243 -26.38 3.93 15.28
CA GLU B 243 -25.03 3.68 14.78
C GLU B 243 -24.74 2.18 14.69
N LEU B 244 -25.15 1.43 15.72
CA LEU B 244 -24.92 -0.01 15.72
C LEU B 244 -25.69 -0.70 14.60
N ARG B 245 -26.91 -0.23 14.30
CA ARG B 245 -27.66 -0.76 13.18
C ARG B 245 -26.87 -0.60 11.87
N GLU B 246 -26.32 0.60 11.66
CA GLU B 246 -25.55 0.83 10.44
C GLU B 246 -24.35 -0.12 10.36
N THR B 247 -23.63 -0.26 11.48
CA THR B 247 -22.47 -1.14 11.49
C THR B 247 -22.86 -2.58 11.23
N VAL B 248 -24.01 -3.01 11.76
CA VAL B 248 -24.50 -4.37 11.54
C VAL B 248 -24.75 -4.60 10.07
N GLY B 249 -25.40 -3.64 9.39
CA GLY B 249 -25.61 -3.79 7.96
C GLY B 249 -24.32 -3.95 7.18
N ASP B 250 -23.33 -3.10 7.51
CA ASP B 250 -22.04 -3.19 6.82
C ASP B 250 -21.39 -4.57 7.03
N LEU B 251 -21.42 -5.06 8.26
CA LEU B 251 -20.81 -6.36 8.56
C LEU B 251 -21.53 -7.48 7.84
N GLU B 252 -22.86 -7.42 7.76
CA GLU B 252 -23.61 -8.43 7.01
C GLU B 252 -23.18 -8.45 5.55
N ALA B 253 -22.94 -7.27 4.97
CA ALA B 253 -22.49 -7.20 3.58
C ALA B 253 -21.12 -7.85 3.39
N MET B 254 -20.15 -7.53 4.26
CA MET B 254 -18.87 -8.24 4.18
C MET B 254 -19.04 -9.75 4.31
N ASN B 255 -19.86 -10.19 5.27
CA ASN B 255 -20.02 -11.62 5.47
C ASN B 255 -20.57 -12.28 4.22
N GLU B 256 -21.43 -11.58 3.48
CA GLU B 256 -22.00 -12.16 2.27
C GLU B 256 -20.96 -12.27 1.15
N MET B 257 -20.07 -11.26 1.00
CA MET B 257 -18.99 -11.55 0.03
C MET B 257 -18.21 -12.76 0.46
N ASN B 258 -17.86 -12.83 1.75
CA ASN B 258 -16.98 -13.91 2.20
C ASN B 258 -17.63 -15.26 1.92
N ASP B 259 -18.96 -15.31 1.99
CA ASP B 259 -19.64 -16.56 1.64
C ASP B 259 -19.54 -16.89 0.14
N GLU B 260 -19.72 -15.91 -0.79
CA GLU B 260 -19.35 -16.33 -2.16
C GLU B 260 -17.89 -16.73 -2.28
N LEU B 261 -17.00 -15.98 -1.64
CA LEU B 261 -15.58 -16.21 -1.90
C LEU B 261 -15.20 -17.61 -1.44
N GLN B 262 -15.76 -18.04 -0.31
CA GLN B 262 -15.60 -19.42 0.13
C GLN B 262 -16.22 -20.39 -0.86
N GLU B 263 -17.41 -20.07 -1.38
CA GLU B 263 -18.04 -20.98 -2.34
C GLU B 263 -17.19 -21.12 -3.60
N ASN B 264 -16.64 -20.02 -4.10
CA ASN B 264 -15.79 -20.04 -5.28
C ASN B 264 -14.50 -20.81 -5.01
N ALA B 265 -13.91 -20.60 -3.84
CA ALA B 265 -12.72 -21.36 -3.46
C ALA B 265 -13.02 -22.85 -3.36
N ARG B 266 -14.19 -23.19 -2.82
CA ARG B 266 -14.61 -24.58 -2.71
C ARG B 266 -14.83 -25.21 -4.07
N GLU B 267 -15.42 -24.46 -5.00
CA GLU B 267 -15.60 -24.95 -6.37
C GLU B 267 -14.24 -25.16 -7.04
N THR B 268 -13.30 -24.25 -6.81
CA THR B 268 -11.96 -24.42 -7.37
C THR B 268 -11.24 -25.60 -6.73
N GLU B 269 -11.43 -25.81 -5.43
CA GLU B 269 -10.85 -26.98 -4.77
C GLU B 269 -11.43 -28.26 -5.32
N LEU B 270 -12.74 -28.27 -5.59
CA LEU B 270 -13.37 -29.42 -6.23
C LEU B 270 -12.80 -29.63 -7.63
N GLU B 271 -12.63 -28.56 -8.40
CA GLU B 271 -12.07 -28.69 -9.74
C GLU B 271 -10.64 -29.17 -9.70
N LEU B 272 -9.83 -28.66 -8.78
CA LEU B 272 -8.47 -29.15 -8.60
C LEU B 272 -8.48 -30.59 -8.09
N ARG B 273 -9.50 -30.97 -7.33
CA ARG B 273 -9.53 -32.33 -6.82
C ARG B 273 -9.88 -33.32 -7.91
N GLU B 274 -10.82 -33.02 -8.81
CA GLU B 274 -10.91 -34.02 -9.87
C GLU B 274 -9.97 -33.70 -11.00
N GLN B 275 -9.24 -32.59 -10.94
CA GLN B 275 -8.07 -32.47 -11.82
C GLN B 275 -6.96 -33.38 -11.32
N LEU B 276 -6.86 -33.57 -10.00
CA LEU B 276 -5.97 -34.58 -9.45
C LEU B 276 -6.51 -35.99 -9.69
N ASP B 277 -7.84 -36.15 -9.70
CA ASP B 277 -8.41 -37.42 -10.09
C ASP B 277 -8.20 -37.68 -11.57
N MET B 278 -8.25 -36.63 -12.38
CA MET B 278 -7.82 -36.71 -13.78
C MET B 278 -6.37 -37.12 -13.84
N ALA B 279 -5.53 -36.47 -13.03
CA ALA B 279 -4.10 -36.47 -13.24
C ALA B 279 -3.43 -37.68 -12.60
N GLY B 280 -4.05 -38.28 -11.60
CA GLY B 280 -3.61 -39.60 -11.17
C GLY B 280 -3.88 -40.63 -12.25
N ALA B 281 -5.04 -40.52 -12.90
CA ALA B 281 -5.31 -41.37 -14.07
C ALA B 281 -4.40 -40.99 -15.23
N ARG B 282 -4.04 -39.71 -15.33
CA ARG B 282 -3.14 -39.26 -16.39
C ARG B 282 -1.71 -39.68 -16.11
N VAL B 283 -1.32 -39.72 -14.84
CA VAL B 283 -0.02 -40.24 -14.45
C VAL B 283 -0.01 -41.76 -14.58
N ARG B 284 -1.14 -42.39 -14.27
CA ARG B 284 -1.25 -43.83 -14.42
C ARG B 284 -1.38 -44.22 -15.89
N GLU B 285 -1.85 -43.29 -16.70
CA GLU B 285 -2.15 -43.57 -18.10
C GLU B 285 -1.04 -43.06 -18.98
N ALA B 286 -0.31 -42.06 -18.49
CA ALA B 286 1.00 -41.72 -19.02
C ALA B 286 2.07 -42.64 -18.44
N GLN B 287 1.80 -43.24 -17.28
CA GLN B 287 2.71 -44.24 -16.73
C GLN B 287 2.40 -45.59 -17.34
N LYS B 288 1.16 -45.80 -17.76
CA LYS B 288 0.82 -46.93 -18.59
C LYS B 288 1.32 -46.71 -19.99
N ARG B 289 1.36 -45.45 -20.43
CA ARG B 289 2.09 -45.10 -21.64
C ARG B 289 3.59 -45.26 -21.42
N VAL B 290 4.05 -45.07 -20.18
CA VAL B 290 5.45 -45.28 -19.85
C VAL B 290 5.76 -46.77 -19.76
N GLU B 291 4.92 -47.56 -19.09
CA GLU B 291 5.14 -49.00 -19.20
C GLU B 291 4.76 -49.51 -20.57
N ALA B 292 4.09 -48.72 -21.40
CA ALA B 292 3.74 -49.18 -22.74
C ALA B 292 4.86 -48.89 -23.72
N ALA B 293 5.44 -47.69 -23.64
CA ALA B 293 6.68 -47.41 -24.35
C ALA B 293 7.83 -48.14 -23.69
N GLN B 294 7.65 -48.58 -22.45
CA GLN B 294 8.67 -49.41 -21.79
C GLN B 294 8.41 -50.88 -22.05
N GLU B 295 7.18 -51.24 -22.45
CA GLU B 295 6.96 -52.51 -23.11
C GLU B 295 7.31 -52.46 -24.58
N THR B 296 7.32 -51.29 -25.17
CA THR B 296 7.79 -51.18 -26.55
C THR B 296 9.31 -51.15 -26.57
N VAL B 297 9.90 -50.38 -25.68
CA VAL B 297 11.30 -50.53 -25.33
C VAL B 297 11.56 -51.93 -24.80
N ALA B 298 10.56 -52.53 -24.18
CA ALA B 298 10.67 -53.91 -23.72
C ALA B 298 10.81 -54.86 -24.86
N ASP B 299 9.92 -54.73 -25.80
CA ASP B 299 9.84 -55.68 -26.88
C ASP B 299 10.88 -55.34 -27.94
N TYR B 300 11.10 -54.04 -28.20
CA TYR B 300 12.32 -53.60 -28.87
C TYR B 300 13.56 -54.08 -28.18
N GLN B 301 13.51 -54.25 -26.88
CA GLN B 301 14.72 -54.68 -26.23
C GLN B 301 14.81 -56.17 -26.13
N GLN B 302 13.67 -56.84 -26.07
CA GLN B 302 13.52 -58.28 -26.05
C GLN B 302 13.71 -58.74 -27.48
N THR B 303 13.62 -57.78 -28.39
CA THR B 303 13.76 -58.05 -29.81
C THR B 303 15.08 -57.50 -30.31
N ILE B 304 15.71 -56.61 -29.57
CA ILE B 304 17.13 -56.40 -29.77
C ILE B 304 17.89 -57.52 -29.08
N LYS B 305 17.30 -58.11 -28.04
CA LYS B 305 17.75 -59.41 -27.55
C LYS B 305 17.42 -60.51 -28.53
N LYS B 306 16.27 -60.46 -29.19
CA LYS B 306 15.93 -61.52 -30.13
C LYS B 306 16.69 -61.36 -31.42
N TYR B 307 16.94 -60.13 -31.85
CA TYR B 307 17.87 -59.90 -32.94
C TYR B 307 19.31 -60.02 -32.47
N ARG B 308 19.54 -59.99 -31.16
CA ARG B 308 20.89 -60.10 -30.64
C ARG B 308 21.25 -61.57 -30.52
N GLN B 309 20.29 -62.38 -30.08
CA GLN B 309 20.36 -63.83 -30.06
C GLN B 309 20.23 -64.38 -31.47
N LEU B 310 19.44 -63.73 -32.32
CA LEU B 310 19.29 -64.11 -33.71
C LEU B 310 20.51 -63.69 -34.52
N THR B 311 21.04 -62.49 -34.30
CA THR B 311 22.26 -62.07 -34.96
C THR B 311 23.45 -62.80 -34.40
N ALA B 312 23.44 -63.08 -33.09
CA ALA B 312 24.46 -63.90 -32.46
C ALA B 312 24.37 -65.32 -32.95
N HIS B 313 23.16 -65.84 -33.14
CA HIS B 313 22.95 -67.20 -33.59
C HIS B 313 23.22 -67.31 -35.08
N LEU B 314 22.88 -66.27 -35.84
CA LEU B 314 23.20 -66.24 -37.27
C LEU B 314 24.68 -66.03 -37.48
N GLN B 315 25.32 -65.25 -36.60
CA GLN B 315 26.77 -65.11 -36.61
C GLN B 315 27.44 -66.38 -36.14
N ASP B 316 26.83 -67.09 -35.19
CA ASP B 316 27.37 -68.35 -34.72
C ASP B 316 27.15 -69.45 -35.74
N VAL B 317 26.03 -69.39 -36.47
CA VAL B 317 25.78 -70.34 -37.55
C VAL B 317 26.66 -70.01 -38.73
N ASN B 318 26.88 -68.74 -39.02
CA ASN B 318 27.82 -68.34 -40.06
C ASN B 318 29.24 -68.70 -39.67
N ARG B 319 29.59 -68.48 -38.41
CA ARG B 319 30.94 -68.76 -37.93
C ARG B 319 31.13 -70.26 -37.76
N GLU B 320 30.03 -70.98 -37.56
CA GLU B 320 30.04 -72.45 -37.57
C GLU B 320 30.15 -72.97 -38.99
N LEU B 321 29.43 -72.36 -39.92
CA LEU B 321 29.52 -72.71 -41.33
C LEU B 321 30.87 -72.32 -41.91
N THR B 322 31.57 -71.37 -41.28
CA THR B 322 32.93 -71.05 -41.72
C THR B 322 33.98 -71.83 -40.93
N ASN B 323 33.78 -72.01 -39.62
CA ASN B 323 34.63 -72.89 -38.83
C ASN B 323 34.48 -74.33 -39.29
N GLN B 324 33.59 -74.59 -40.25
CA GLN B 324 33.43 -75.90 -40.87
C GLN B 324 34.59 -76.30 -41.78
N GLN B 325 35.68 -75.55 -41.81
CA GLN B 325 36.83 -75.90 -42.66
C GLN B 325 37.27 -77.33 -42.35
N GLU B 326 37.10 -77.74 -41.10
CA GLU B 326 37.23 -79.14 -40.71
C GLU B 326 35.86 -79.68 -40.31
N ALA B 327 35.74 -81.01 -40.29
CA ALA B 327 34.45 -81.68 -40.11
C ALA B 327 33.74 -81.30 -38.81
N SER B 328 34.51 -80.89 -37.79
CA SER B 328 34.00 -80.63 -36.45
C SER B 328 32.73 -79.78 -36.43
N VAL B 329 32.85 -78.53 -36.87
CA VAL B 329 31.76 -77.61 -37.18
C VAL B 329 30.82 -77.50 -35.97
N GLU B 330 31.32 -77.04 -34.82
CA GLU B 330 30.47 -77.06 -33.64
C GLU B 330 30.62 -75.90 -32.65
N ARG B 331 30.98 -74.69 -33.09
CA ARG B 331 31.36 -73.66 -32.12
C ARG B 331 30.51 -72.39 -32.24
N GLN B 332 29.69 -72.15 -31.22
CA GLN B 332 28.93 -70.90 -31.06
C GLN B 332 29.58 -70.10 -29.93
N GLN B 333 30.34 -69.07 -30.29
CA GLN B 333 31.15 -68.34 -29.31
C GLN B 333 30.36 -67.23 -28.63
N GLN B 334 29.21 -67.56 -28.05
CA GLN B 334 28.45 -66.56 -27.31
C GLN B 334 27.40 -67.22 -26.40
N PRO B 335 27.34 -66.83 -25.13
CA PRO B 335 26.29 -67.32 -24.25
C PRO B 335 24.96 -66.66 -24.57
N PRO B 336 23.88 -67.43 -24.64
CA PRO B 336 22.58 -66.84 -24.97
C PRO B 336 22.07 -65.95 -23.85
N PRO B 337 21.74 -64.71 -24.15
CA PRO B 337 21.03 -63.87 -23.17
C PRO B 337 19.58 -64.31 -23.09
N GLU B 338 18.68 -63.58 -22.43
CA GLU B 338 17.35 -64.16 -22.38
C GLU B 338 16.28 -63.40 -23.17
N THR B 339 15.79 -62.28 -22.64
CA THR B 339 14.62 -61.59 -23.20
C THR B 339 14.48 -60.25 -22.50
N PHE B 340 14.56 -59.13 -23.25
CA PHE B 340 14.41 -57.83 -22.61
C PHE B 340 15.38 -57.87 -21.42
N ASP B 341 14.94 -58.16 -20.19
CA ASP B 341 15.78 -58.54 -19.03
C ASP B 341 16.91 -57.58 -18.66
N PHE B 342 18.18 -57.99 -18.78
CA PHE B 342 19.28 -57.05 -18.62
C PHE B 342 19.14 -55.93 -19.63
N LYS B 343 18.64 -56.26 -20.81
CA LYS B 343 18.38 -55.26 -21.80
C LYS B 343 17.31 -54.29 -21.28
N ILE B 344 16.32 -54.76 -20.48
CA ILE B 344 15.36 -53.84 -19.83
C ILE B 344 16.10 -52.70 -19.19
N LYS B 345 16.94 -53.06 -18.23
CA LYS B 345 17.68 -52.10 -17.47
C LYS B 345 18.57 -51.26 -18.37
N PHE B 346 19.07 -51.88 -19.44
CA PHE B 346 19.87 -51.13 -20.41
C PHE B 346 19.05 -50.01 -21.05
N ALA B 347 17.79 -50.26 -21.36
CA ALA B 347 17.02 -49.23 -22.04
C ALA B 347 16.44 -48.22 -21.10
N GLU B 348 16.04 -48.66 -19.91
CA GLU B 348 15.65 -47.67 -18.92
C GLU B 348 16.83 -46.75 -18.63
N THR B 349 18.03 -47.32 -18.58
CA THR B 349 19.25 -46.54 -18.45
C THR B 349 19.48 -45.65 -19.67
N LYS B 350 19.23 -46.17 -20.88
CA LYS B 350 19.47 -45.40 -22.08
C LYS B 350 18.43 -44.30 -22.23
N ALA B 351 17.20 -44.56 -21.80
CA ALA B 351 16.17 -43.53 -21.78
C ALA B 351 16.52 -42.45 -20.77
N HIS B 352 17.00 -42.84 -19.61
CA HIS B 352 17.45 -41.85 -18.62
C HIS B 352 18.62 -41.03 -19.19
N ALA B 353 19.59 -41.71 -19.80
CA ALA B 353 20.74 -41.02 -20.37
C ALA B 353 20.34 -40.11 -21.51
N LYS B 354 19.39 -40.55 -22.34
CA LYS B 354 18.92 -39.75 -23.46
C LYS B 354 18.11 -38.55 -22.98
N ALA B 355 17.32 -38.71 -21.91
CA ALA B 355 16.64 -37.57 -21.32
C ALA B 355 17.65 -36.53 -20.83
N ILE B 356 18.69 -37.00 -20.14
CA ILE B 356 19.76 -36.10 -19.70
C ILE B 356 20.40 -35.43 -20.90
N GLU B 357 20.66 -36.21 -21.96
CA GLU B 357 21.30 -35.67 -23.15
C GLU B 357 20.43 -34.62 -23.83
N MET B 358 19.12 -34.83 -23.85
CA MET B 358 18.24 -33.88 -24.53
C MET B 358 18.10 -32.61 -23.72
N GLU B 359 18.05 -32.72 -22.39
CA GLU B 359 18.07 -31.52 -21.57
C GLU B 359 19.38 -30.75 -21.77
N LEU B 360 20.49 -31.48 -21.84
CA LEU B 360 21.78 -30.84 -22.08
C LEU B 360 21.83 -30.17 -23.44
N ARG B 361 21.23 -30.81 -24.46
CA ARG B 361 21.24 -30.23 -25.80
C ARG B 361 20.37 -28.99 -25.88
N GLN B 362 19.22 -29.01 -25.20
CA GLN B 362 18.40 -27.81 -25.10
C GLN B 362 19.16 -26.68 -24.42
N MET B 363 19.84 -27.00 -23.33
CA MET B 363 20.67 -26.01 -22.64
C MET B 363 21.79 -25.50 -23.54
N GLU B 364 22.39 -26.39 -24.32
CA GLU B 364 23.42 -25.96 -25.28
C GLU B 364 22.85 -25.05 -26.35
N VAL B 365 21.67 -25.37 -26.85
CA VAL B 365 21.05 -24.55 -27.90
C VAL B 365 20.74 -23.16 -27.36
N ALA B 366 20.17 -23.10 -26.15
CA ALA B 366 19.91 -21.81 -25.53
C ALA B 366 21.20 -21.03 -25.30
N GLN B 367 22.25 -21.73 -24.84
CA GLN B 367 23.53 -21.08 -24.64
C GLN B 367 24.11 -20.55 -25.95
N ALA B 368 24.00 -21.34 -27.02
CA ALA B 368 24.52 -20.90 -28.31
C ALA B 368 23.77 -19.67 -28.80
N ASN B 369 22.44 -19.66 -28.64
CA ASN B 369 21.65 -18.51 -29.05
C ASN B 369 22.00 -17.27 -28.23
N ARG B 370 22.21 -17.45 -26.91
CA ARG B 370 22.58 -16.31 -26.07
C ARG B 370 23.96 -15.77 -26.41
N HIS B 371 24.95 -16.66 -26.56
CA HIS B 371 26.26 -16.27 -27.03
C HIS B 371 26.17 -15.54 -28.35
N MET B 372 25.30 -16.05 -29.21
CA MET B 372 25.03 -15.48 -30.51
C MET B 372 24.56 -14.04 -30.43
N SER B 373 23.58 -13.80 -29.57
CA SER B 373 23.06 -12.45 -29.40
C SER B 373 24.13 -11.52 -28.84
N LEU B 374 24.88 -12.02 -27.86
CA LEU B 374 25.91 -11.20 -27.23
C LEU B 374 26.99 -10.83 -28.24
N LEU B 375 27.41 -11.78 -29.08
CA LEU B 375 28.41 -11.47 -30.10
C LEU B 375 27.86 -10.49 -31.12
N THR B 376 26.61 -10.68 -31.55
CA THR B 376 26.00 -9.76 -32.50
C THR B 376 25.96 -8.34 -31.94
N ALA B 377 25.79 -8.21 -30.61
CA ALA B 377 25.83 -6.90 -30.00
C ALA B 377 27.17 -6.19 -30.20
N PHE B 378 28.26 -6.93 -30.36
CA PHE B 378 29.58 -6.30 -30.49
C PHE B 378 29.99 -6.02 -31.93
N MET B 379 29.42 -6.73 -32.93
CA MET B 379 30.08 -6.08 -34.07
C MET B 379 29.15 -5.08 -34.79
N PRO B 380 29.72 -4.17 -35.56
CA PRO B 380 29.04 -2.90 -35.85
C PRO B 380 27.84 -3.04 -36.77
N ASP B 381 27.16 -1.90 -36.97
CA ASP B 381 25.98 -1.90 -37.83
C ASP B 381 26.33 -2.10 -39.30
N SER B 382 27.52 -1.65 -39.72
CA SER B 382 27.94 -1.90 -41.09
C SER B 382 27.98 -3.39 -41.38
N PHE B 383 28.35 -4.20 -40.39
CA PHE B 383 28.31 -5.64 -40.53
C PHE B 383 26.89 -6.16 -40.63
N LEU B 384 25.96 -5.61 -39.84
CA LEU B 384 24.62 -6.16 -39.73
C LEU B 384 23.63 -5.57 -40.74
N ARG B 385 24.02 -4.54 -41.49
CA ARG B 385 23.11 -3.92 -42.43
C ARG B 385 22.78 -4.87 -43.57
N PRO B 386 21.63 -4.69 -44.22
CA PRO B 386 21.28 -5.55 -45.35
C PRO B 386 22.33 -5.47 -46.46
N GLY B 387 22.72 -6.63 -46.97
CA GLY B 387 23.78 -6.71 -47.95
C GLY B 387 25.18 -6.61 -47.38
N GLY B 388 25.30 -6.55 -46.05
CA GLY B 388 26.60 -6.45 -45.42
C GLY B 388 27.29 -7.79 -45.32
N ASP B 389 28.36 -7.81 -44.51
CA ASP B 389 29.14 -9.03 -44.35
C ASP B 389 28.35 -10.13 -43.64
N HIS B 390 27.39 -9.74 -42.79
CA HIS B 390 26.56 -10.73 -42.10
C HIS B 390 25.78 -11.58 -43.10
N ASP B 391 25.21 -10.94 -44.13
CA ASP B 391 24.46 -11.68 -45.14
C ASP B 391 25.36 -12.67 -45.86
N CYS B 392 26.60 -12.27 -46.13
CA CYS B 392 27.55 -13.17 -46.77
C CYS B 392 27.84 -14.40 -45.91
N VAL B 393 28.07 -14.17 -44.61
CA VAL B 393 28.25 -15.29 -43.68
C VAL B 393 27.02 -16.20 -43.69
N LEU B 394 25.84 -15.59 -43.71
CA LEU B 394 24.60 -16.34 -43.71
C LEU B 394 24.47 -17.20 -44.96
N VAL B 395 24.91 -16.69 -46.11
CA VAL B 395 24.94 -17.49 -47.34
C VAL B 395 25.85 -18.71 -47.18
N LEU B 396 27.06 -18.47 -46.64
CA LEU B 396 28.00 -19.56 -46.41
C LEU B 396 27.42 -20.63 -45.52
N LEU B 397 26.55 -20.24 -44.59
CA LEU B 397 25.86 -21.24 -43.78
C LEU B 397 24.68 -21.87 -44.52
N LEU B 398 24.02 -21.11 -45.38
CA LEU B 398 22.79 -21.55 -46.00
C LEU B 398 23.02 -22.78 -46.87
N MET B 399 24.06 -22.77 -47.69
CA MET B 399 24.31 -23.95 -48.52
C MET B 399 24.56 -25.27 -47.78
N PRO B 400 25.45 -25.36 -46.79
CA PRO B 400 25.51 -26.64 -46.06
C PRO B 400 24.19 -27.02 -45.43
N ARG B 401 23.44 -26.04 -44.93
CA ARG B 401 22.13 -26.31 -44.35
C ARG B 401 21.16 -26.89 -45.39
N LEU B 402 21.12 -26.28 -46.58
CA LEU B 402 20.25 -26.76 -47.64
C LEU B 402 20.66 -28.16 -48.09
N ILE B 403 21.97 -28.39 -48.22
CA ILE B 403 22.45 -29.71 -48.61
C ILE B 403 22.03 -30.75 -47.59
N CYS B 404 22.18 -30.44 -46.30
CA CYS B 404 21.80 -31.38 -45.26
C CYS B 404 20.29 -31.66 -45.29
N LYS B 405 19.48 -30.62 -45.46
CA LYS B 405 18.03 -30.83 -45.51
C LYS B 405 17.64 -31.69 -46.72
N ALA B 406 18.25 -31.42 -47.87
CA ALA B 406 17.96 -32.20 -49.06
C ALA B 406 18.37 -33.66 -48.87
N GLU B 407 19.52 -33.89 -48.24
CA GLU B 407 19.97 -35.25 -47.99
C GLU B 407 19.03 -35.97 -47.03
N LEU B 408 18.56 -35.28 -46.00
CA LEU B 408 17.60 -35.88 -45.08
C LEU B 408 16.34 -36.31 -45.81
N ILE B 409 15.79 -35.40 -46.62
CA ILE B 409 14.56 -35.72 -47.36
C ILE B 409 14.80 -36.87 -48.32
N ARG B 410 15.95 -36.87 -49.00
CA ARG B 410 16.26 -37.94 -49.96
C ARG B 410 16.33 -39.29 -49.27
N LYS B 411 17.08 -39.37 -48.16
CA LYS B 411 17.20 -40.64 -47.45
C LYS B 411 15.85 -41.12 -46.93
N GLN B 412 15.08 -40.21 -46.34
CA GLN B 412 13.78 -40.60 -45.79
C GLN B 412 12.81 -41.03 -46.89
N ALA B 413 12.83 -40.36 -48.04
CA ALA B 413 11.96 -40.74 -49.15
C ALA B 413 12.38 -42.09 -49.72
N GLN B 414 13.68 -42.34 -49.84
CA GLN B 414 14.13 -43.64 -50.33
C GLN B 414 13.69 -44.75 -49.39
N GLU B 415 13.79 -44.53 -48.08
CA GLU B 415 13.40 -45.57 -47.14
C GLU B 415 11.88 -45.76 -47.10
N LYS B 416 11.12 -44.66 -47.10
CA LYS B 416 9.67 -44.75 -46.97
C LYS B 416 9.04 -45.48 -48.16
N PHE B 417 9.48 -45.17 -49.37
CA PHE B 417 8.91 -45.76 -50.57
C PHE B 417 9.70 -46.96 -51.06
N ASP B 418 10.74 -47.37 -50.34
CA ASP B 418 11.54 -48.54 -50.68
C ASP B 418 12.06 -48.48 -52.10
N LEU B 419 12.57 -47.30 -52.47
CA LEU B 419 13.17 -47.13 -53.79
C LEU B 419 14.43 -48.00 -53.88
N SER B 420 14.35 -49.07 -54.66
CA SER B 420 15.45 -49.99 -54.82
C SER B 420 15.74 -50.16 -56.30
N GLU B 421 16.83 -50.87 -56.60
CA GLU B 421 17.22 -51.11 -57.98
C GLU B 421 16.22 -51.98 -58.72
N ASN B 422 15.43 -52.78 -58.01
CA ASN B 422 14.47 -53.69 -58.61
C ASN B 422 13.04 -53.14 -58.58
N CYS B 423 12.89 -51.82 -58.65
CA CYS B 423 11.56 -51.22 -58.61
C CYS B 423 10.75 -51.52 -59.87
N SER B 424 11.42 -51.83 -60.99
CA SER B 424 10.70 -52.11 -62.23
C SER B 424 9.92 -53.41 -62.16
N GLU B 425 10.31 -54.34 -61.28
CA GLU B 425 9.64 -55.62 -61.16
C GLU B 425 8.62 -55.65 -60.02
N ARG B 426 8.40 -54.52 -59.37
CA ARG B 426 7.43 -54.48 -58.28
C ARG B 426 6.02 -54.69 -58.82
N PRO B 427 5.19 -55.44 -58.13
CA PRO B 427 3.81 -55.63 -58.58
C PRO B 427 2.97 -54.37 -58.39
N GLY B 428 1.90 -54.28 -59.17
CA GLY B 428 0.97 -53.18 -59.04
C GLY B 428 1.44 -51.85 -59.59
N LEU B 429 2.42 -51.86 -60.51
CA LEU B 429 2.90 -50.63 -61.10
C LEU B 429 1.85 -49.94 -61.96
N ARG B 430 0.80 -50.64 -62.35
CA ARG B 430 -0.27 -50.03 -63.14
C ARG B 430 -1.10 -49.06 -62.32
N GLY B 431 -1.26 -49.33 -61.03
CA GLY B 431 -2.17 -48.56 -60.17
C GLY B 431 -1.45 -47.55 -59.31
N ALA B 432 -1.91 -47.42 -58.07
CA ALA B 432 -1.40 -46.38 -57.18
C ALA B 432 0.04 -46.62 -56.79
N ALA B 433 0.47 -47.88 -56.71
CA ALA B 433 1.85 -48.18 -56.35
C ALA B 433 2.82 -47.60 -57.37
N GLY B 434 2.49 -47.72 -58.66
CA GLY B 434 3.34 -47.15 -59.68
C GLY B 434 3.43 -45.63 -59.59
N GLU B 435 2.31 -44.97 -59.32
CA GLU B 435 2.32 -43.52 -59.17
C GLU B 435 3.15 -43.09 -57.96
N GLN B 436 3.02 -43.83 -56.85
CA GLN B 436 3.81 -43.52 -55.66
C GLN B 436 5.30 -43.68 -55.94
N LEU B 437 5.67 -44.77 -56.61
CA LEU B 437 7.09 -44.99 -56.93
C LEU B 437 7.61 -43.93 -57.89
N SER B 438 6.81 -43.54 -58.88
CA SER B 438 7.23 -42.48 -59.79
C SER B 438 7.44 -41.17 -59.05
N PHE B 439 6.51 -40.83 -58.15
CA PHE B 439 6.66 -39.61 -57.37
C PHE B 439 7.92 -39.65 -56.52
N ALA B 440 8.17 -40.78 -55.85
CA ALA B 440 9.33 -40.89 -54.97
C ALA B 440 10.63 -40.79 -55.78
N ALA B 441 10.69 -41.48 -56.91
CA ALA B 441 11.88 -41.42 -57.74
C ALA B 441 12.11 -40.01 -58.25
N GLY B 442 11.05 -39.33 -58.71
CA GLY B 442 11.21 -37.97 -59.17
C GLY B 442 11.67 -37.03 -58.07
N LEU B 443 11.15 -37.22 -56.86
CA LEU B 443 11.55 -36.39 -55.73
C LEU B 443 13.03 -36.59 -55.41
N VAL B 444 13.48 -37.85 -55.37
CA VAL B 444 14.88 -38.14 -55.08
C VAL B 444 15.77 -37.55 -56.17
N TYR B 445 15.32 -37.65 -57.43
CA TYR B 445 16.06 -37.10 -58.56
C TYR B 445 16.22 -35.59 -58.42
N SER B 446 15.12 -34.89 -58.12
CA SER B 446 15.16 -33.44 -57.97
C SER B 446 16.07 -33.05 -56.82
N LEU B 447 16.00 -33.78 -55.71
CA LEU B 447 16.86 -33.49 -54.57
C LEU B 447 18.33 -33.69 -54.91
N SER B 448 18.65 -34.73 -55.67
CA SER B 448 20.03 -34.95 -56.09
C SER B 448 20.52 -33.80 -56.96
N LEU B 449 19.67 -33.33 -57.88
CA LEU B 449 20.04 -32.18 -58.70
C LEU B 449 20.31 -30.95 -57.83
N LEU B 450 19.44 -30.70 -56.86
CA LEU B 450 19.62 -29.56 -55.97
C LEU B 450 20.93 -29.68 -55.19
N GLN B 451 21.22 -30.89 -54.70
CA GLN B 451 22.45 -31.10 -53.94
C GLN B 451 23.69 -30.85 -54.79
N ALA B 452 23.67 -31.31 -56.05
CA ALA B 452 24.80 -31.04 -56.92
C ALA B 452 25.01 -29.55 -57.13
N THR B 453 23.92 -28.81 -57.39
CA THR B 453 24.03 -27.37 -57.58
C THR B 453 24.59 -26.69 -56.32
N LEU B 454 24.10 -27.09 -55.16
CA LEU B 454 24.56 -26.46 -53.92
C LEU B 454 26.00 -26.83 -53.60
N HIS B 455 26.44 -28.03 -53.99
CA HIS B 455 27.85 -28.37 -53.84
C HIS B 455 28.73 -27.46 -54.68
N ARG B 456 28.30 -27.19 -55.91
CA ARG B 456 29.00 -26.22 -56.74
C ARG B 456 29.07 -24.87 -56.03
N TYR B 457 27.97 -24.45 -55.42
CA TYR B 457 27.96 -23.19 -54.68
C TYR B 457 28.98 -23.20 -53.55
N GLU B 458 29.02 -24.29 -52.77
CA GLU B 458 29.94 -24.38 -51.65
C GLU B 458 31.38 -24.25 -52.11
N HIS B 459 31.75 -24.99 -53.15
CA HIS B 459 33.12 -24.92 -53.66
C HIS B 459 33.46 -23.53 -54.17
N ALA B 460 32.57 -22.95 -55.00
CA ALA B 460 32.83 -21.65 -55.59
C ALA B 460 33.01 -20.58 -54.52
N LEU B 461 32.13 -20.57 -53.51
CA LEU B 461 32.25 -19.58 -52.45
C LEU B 461 33.46 -19.83 -51.55
N SER B 462 33.94 -21.07 -51.47
CA SER B 462 35.18 -21.30 -50.77
C SER B 462 36.39 -20.78 -51.53
N GLN B 463 36.30 -20.63 -52.87
CA GLN B 463 37.45 -20.18 -53.62
C GLN B 463 37.27 -18.89 -54.43
N CYS B 464 36.09 -18.27 -54.42
CA CYS B 464 35.86 -17.12 -55.29
C CYS B 464 36.62 -15.89 -54.77
N SER B 465 36.44 -14.78 -55.47
CA SER B 465 36.99 -13.51 -55.03
C SER B 465 36.10 -12.87 -53.99
N VAL B 466 36.65 -11.90 -53.26
CA VAL B 466 35.88 -11.21 -52.24
C VAL B 466 34.73 -10.44 -52.87
N ASP B 467 34.94 -9.88 -54.07
CA ASP B 467 33.88 -9.14 -54.74
C ASP B 467 32.70 -10.03 -55.10
N VAL B 468 32.98 -11.19 -55.70
CA VAL B 468 31.92 -12.14 -56.02
C VAL B 468 31.25 -12.63 -54.74
N TYR B 469 32.05 -12.84 -53.70
CA TYR B 469 31.51 -13.27 -52.41
C TYR B 469 30.51 -12.25 -51.86
N LYS B 470 30.88 -10.96 -51.90
CA LYS B 470 29.97 -9.92 -51.44
C LYS B 470 28.73 -9.82 -52.32
N LYS B 471 28.90 -9.98 -53.63
CA LYS B 471 27.77 -9.92 -54.55
C LYS B 471 26.77 -11.03 -54.24
N VAL B 472 27.27 -12.25 -54.00
CA VAL B 472 26.39 -13.36 -53.66
C VAL B 472 25.75 -13.12 -52.30
N GLY B 473 26.51 -12.56 -51.35
CA GLY B 473 25.94 -12.28 -50.04
C GLY B 473 24.82 -11.28 -50.09
N SER B 474 24.90 -10.31 -51.00
CA SER B 474 23.83 -9.32 -51.14
C SER B 474 22.51 -9.95 -51.56
N LEU B 475 22.54 -11.15 -52.14
CA LEU B 475 21.34 -11.83 -52.60
C LEU B 475 20.77 -12.78 -51.54
N TYR B 476 21.29 -12.73 -50.31
CA TYR B 476 20.92 -13.70 -49.29
C TYR B 476 19.41 -13.76 -49.01
N PRO B 477 18.67 -12.64 -48.90
CA PRO B 477 17.24 -12.78 -48.60
C PRO B 477 16.48 -13.59 -49.64
N GLU B 478 16.68 -13.27 -50.92
CA GLU B 478 15.99 -13.97 -51.99
C GLU B 478 16.32 -15.45 -51.99
N MET B 479 17.59 -15.78 -51.82
CA MET B 479 18.03 -17.14 -52.02
C MET B 479 18.06 -17.92 -50.69
N SER B 480 17.63 -17.26 -49.62
CA SER B 480 17.17 -17.96 -48.41
C SER B 480 15.67 -18.22 -48.43
N ALA B 481 14.92 -17.46 -49.23
CA ALA B 481 13.48 -17.70 -49.33
C ALA B 481 13.15 -19.11 -49.85
N HIS B 482 14.04 -19.71 -50.65
CA HIS B 482 13.75 -21.00 -51.27
C HIS B 482 13.95 -22.19 -50.33
N GLU B 483 14.61 -21.99 -49.19
CA GLU B 483 14.75 -23.05 -48.18
C GLU B 483 13.40 -23.57 -47.69
N ARG B 484 12.37 -22.76 -47.85
CA ARG B 484 11.11 -22.97 -47.16
C ARG B 484 10.15 -23.84 -47.99
N SER B 485 10.56 -24.17 -49.22
CA SER B 485 10.08 -25.40 -49.88
C SER B 485 10.61 -26.67 -49.19
N LEU B 486 11.92 -26.74 -48.94
CA LEU B 486 12.48 -27.91 -48.27
C LEU B 486 11.91 -28.05 -46.86
N ASP B 487 11.71 -26.93 -46.17
CA ASP B 487 11.08 -26.97 -44.87
C ASP B 487 9.67 -27.54 -44.95
N PHE B 488 8.92 -27.17 -45.99
CA PHE B 488 7.61 -27.78 -46.20
C PHE B 488 7.71 -29.30 -46.33
N LEU B 489 8.68 -29.77 -47.13
CA LEU B 489 8.83 -31.22 -47.31
C LEU B 489 9.20 -31.91 -46.00
N ILE B 490 10.10 -31.30 -45.22
CA ILE B 490 10.49 -31.90 -43.94
C ILE B 490 9.30 -31.97 -43.00
N GLU B 491 8.47 -30.94 -42.99
CA GLU B 491 7.26 -30.98 -42.17
C GLU B 491 6.35 -32.11 -42.60
N LEU B 492 6.20 -32.31 -43.92
CA LEU B 492 5.38 -33.42 -44.40
C LEU B 492 5.96 -34.76 -43.94
N LEU B 493 7.28 -34.91 -44.00
CA LEU B 493 7.92 -36.13 -43.53
C LEU B 493 7.68 -36.33 -42.04
N HIS B 494 7.73 -35.24 -41.26
CA HIS B 494 7.52 -35.32 -39.83
C HIS B 494 6.12 -35.81 -39.51
N LYS B 495 5.14 -35.43 -40.32
CA LYS B 495 3.75 -35.82 -40.12
C LYS B 495 3.38 -37.10 -40.87
N ASP B 496 4.33 -37.73 -41.56
CA ASP B 496 4.07 -38.92 -42.37
C ASP B 496 2.99 -38.65 -43.42
N GLN B 497 3.04 -37.45 -44.01
CA GLN B 497 2.10 -37.05 -45.04
C GLN B 497 2.75 -36.84 -46.40
N LEU B 498 4.00 -37.27 -46.57
CA LEU B 498 4.69 -37.15 -47.84
C LEU B 498 4.20 -38.26 -48.77
N ASP B 499 3.43 -37.88 -49.80
CA ASP B 499 2.91 -38.86 -50.74
C ASP B 499 2.86 -38.22 -52.12
N GLU B 500 2.35 -38.99 -53.09
CA GLU B 500 2.31 -38.56 -54.48
C GLU B 500 1.41 -37.35 -54.71
N THR B 501 0.52 -37.02 -53.77
CA THR B 501 -0.34 -35.85 -53.92
C THR B 501 0.40 -34.55 -53.61
N VAL B 502 1.61 -34.65 -53.06
CA VAL B 502 2.35 -33.46 -52.66
C VAL B 502 2.79 -32.68 -53.90
N ASN B 503 2.68 -31.36 -53.83
CA ASN B 503 3.08 -30.49 -54.92
C ASN B 503 4.57 -30.19 -54.84
N VAL B 504 5.31 -30.54 -55.89
CA VAL B 504 6.75 -30.32 -55.95
C VAL B 504 7.11 -29.13 -56.84
N GLU B 505 6.11 -28.38 -57.31
CA GLU B 505 6.35 -27.08 -57.95
C GLU B 505 7.42 -26.26 -57.24
N PRO B 506 7.30 -25.94 -55.93
CA PRO B 506 8.28 -25.03 -55.31
C PRO B 506 9.70 -25.56 -55.33
N LEU B 507 9.88 -26.87 -55.17
CA LEU B 507 11.23 -27.44 -55.20
C LEU B 507 11.86 -27.27 -56.58
N THR B 508 11.09 -27.52 -57.64
CA THR B 508 11.61 -27.32 -58.99
C THR B 508 11.95 -25.86 -59.23
N LYS B 509 11.10 -24.95 -58.74
CA LYS B 509 11.39 -23.53 -58.87
C LYS B 509 12.68 -23.15 -58.15
N ALA B 510 12.89 -23.68 -56.95
CA ALA B 510 14.11 -23.39 -56.21
C ALA B 510 15.34 -23.91 -56.94
N ILE B 511 15.25 -25.12 -57.50
CA ILE B 511 16.37 -25.69 -58.24
C ILE B 511 16.72 -24.80 -59.43
N LYS B 512 15.69 -24.39 -60.19
CA LYS B 512 15.93 -23.53 -61.35
C LYS B 512 16.54 -22.21 -60.92
N TYR B 513 16.05 -21.64 -59.81
CA TYR B 513 16.58 -20.38 -59.32
C TYR B 513 18.07 -20.49 -58.98
N TYR B 514 18.43 -21.54 -58.24
CA TYR B 514 19.83 -21.69 -57.85
C TYR B 514 20.73 -21.92 -59.06
N GLN B 515 20.26 -22.74 -60.01
CA GLN B 515 21.04 -22.96 -61.23
C GLN B 515 21.23 -21.66 -62.00
N HIS B 516 20.17 -20.87 -62.14
CA HIS B 516 20.25 -19.60 -62.86
C HIS B 516 21.20 -18.64 -62.17
N LEU B 517 21.09 -18.52 -60.86
CA LEU B 517 21.97 -17.62 -60.11
C LEU B 517 23.43 -18.04 -60.23
N TYR B 518 23.68 -19.34 -60.17
CA TYR B 518 25.04 -19.84 -60.38
C TYR B 518 25.55 -19.46 -61.76
N SER B 519 24.71 -19.63 -62.79
CA SER B 519 25.11 -19.27 -64.14
C SER B 519 25.43 -17.79 -64.26
N ILE B 520 24.76 -16.94 -63.49
CA ILE B 520 25.02 -15.51 -63.58
C ILE B 520 26.30 -15.11 -62.83
N HIS B 521 26.47 -15.54 -61.59
CA HIS B 521 27.55 -14.99 -60.77
C HIS B 521 28.72 -15.93 -60.52
N LEU B 522 28.57 -17.23 -60.75
CA LEU B 522 29.63 -18.17 -60.43
C LEU B 522 30.04 -19.02 -61.63
N ALA B 523 29.76 -18.56 -62.85
CA ALA B 523 29.95 -19.41 -64.02
C ALA B 523 31.42 -19.71 -64.29
N GLU B 524 32.29 -18.71 -64.33
CA GLU B 524 33.68 -19.05 -64.55
C GLU B 524 34.49 -19.32 -63.28
N GLN B 525 33.83 -19.63 -62.12
CA GLN B 525 34.56 -20.24 -61.01
C GLN B 525 34.93 -21.69 -61.34
N PRO B 526 36.10 -22.15 -60.92
CA PRO B 526 36.49 -23.54 -61.18
C PRO B 526 35.66 -24.51 -60.35
N GLU B 527 35.52 -25.73 -60.88
CA GLU B 527 34.75 -26.77 -60.22
C GLU B 527 35.69 -27.80 -59.60
N ASP B 528 35.22 -28.42 -58.51
CA ASP B 528 35.93 -29.52 -57.87
C ASP B 528 35.63 -30.81 -58.64
N SER B 529 36.65 -31.34 -59.31
CA SER B 529 36.46 -32.50 -60.16
C SER B 529 35.98 -33.71 -59.35
N THR B 530 36.54 -33.91 -58.17
CA THR B 530 36.21 -35.09 -57.38
C THR B 530 34.71 -35.17 -57.11
N MET B 531 34.12 -34.10 -56.57
CA MET B 531 32.75 -34.32 -56.16
C MET B 531 31.79 -33.72 -57.19
N GLN B 532 32.32 -33.09 -58.23
CA GLN B 532 31.57 -33.04 -59.50
C GLN B 532 31.28 -34.45 -59.99
N LEU B 533 32.29 -35.31 -60.02
CA LEU B 533 32.08 -36.69 -60.45
C LEU B 533 31.21 -37.45 -59.47
N ALA B 534 31.41 -37.23 -58.16
CA ALA B 534 30.55 -37.87 -57.17
C ALA B 534 29.08 -37.47 -57.35
N ASP B 535 28.84 -36.17 -57.55
CA ASP B 535 27.49 -35.68 -57.80
C ASP B 535 26.94 -36.25 -59.10
N HIS B 536 27.78 -36.39 -60.12
CA HIS B 536 27.34 -36.98 -61.37
C HIS B 536 26.88 -38.41 -61.18
N ILE B 537 27.64 -39.19 -60.40
CA ILE B 537 27.25 -40.57 -60.14
C ILE B 537 25.93 -40.62 -59.38
N LYS B 538 25.79 -39.80 -58.34
CA LYS B 538 24.55 -39.78 -57.57
C LYS B 538 23.36 -39.39 -58.45
N PHE B 539 23.54 -38.34 -59.27
CA PHE B 539 22.50 -37.88 -60.17
C PHE B 539 22.11 -38.97 -61.16
N THR B 540 23.11 -39.65 -61.73
CA THR B 540 22.85 -40.70 -62.69
C THR B 540 22.08 -41.84 -62.06
N GLN B 541 22.45 -42.21 -60.83
CA GLN B 541 21.73 -43.30 -60.15
C GLN B 541 20.27 -42.91 -59.89
N SER B 542 20.02 -41.68 -59.46
CA SER B 542 18.65 -41.23 -59.25
C SER B 542 17.86 -41.22 -60.56
N ALA B 543 18.49 -40.74 -61.64
CA ALA B 543 17.83 -40.71 -62.94
C ALA B 543 17.53 -42.13 -63.42
N LEU B 544 18.44 -43.06 -63.16
CA LEU B 544 18.21 -44.45 -63.55
C LEU B 544 17.06 -45.06 -62.76
N ASP B 545 16.94 -44.70 -61.48
CA ASP B 545 15.78 -45.16 -60.70
C ASP B 545 14.49 -44.65 -61.32
N CYS B 546 14.44 -43.37 -61.66
CA CYS B 546 13.25 -42.82 -62.32
C CYS B 546 12.97 -43.56 -63.62
N MET B 547 14.02 -43.80 -64.40
CA MET B 547 13.88 -44.39 -65.72
C MET B 547 13.36 -45.82 -65.61
N SER B 548 13.89 -46.59 -64.65
CA SER B 548 13.44 -47.96 -64.42
C SER B 548 11.98 -47.99 -63.97
N VAL B 549 11.60 -47.09 -63.06
CA VAL B 549 10.22 -47.06 -62.59
C VAL B 549 9.28 -46.78 -63.75
N GLU B 550 9.62 -45.79 -64.58
CA GLU B 550 8.73 -45.45 -65.68
C GLU B 550 8.67 -46.55 -66.73
N VAL B 551 9.79 -47.23 -66.97
CA VAL B 551 9.78 -48.36 -67.91
C VAL B 551 8.85 -49.46 -67.39
N GLY B 552 8.95 -49.77 -66.09
CA GLY B 552 8.05 -50.77 -65.52
C GLY B 552 6.59 -50.39 -65.63
N ARG B 553 6.29 -49.12 -65.35
CA ARG B 553 4.91 -48.66 -65.44
C ARG B 553 4.38 -48.75 -66.86
N LEU B 554 5.19 -48.31 -67.84
CA LEU B 554 4.77 -48.38 -69.23
C LEU B 554 4.57 -49.80 -69.69
N ARG B 555 5.44 -50.72 -69.24
CA ARG B 555 5.23 -52.13 -69.57
C ARG B 555 3.93 -52.65 -68.96
N ALA B 556 3.63 -52.25 -67.73
CA ALA B 556 2.37 -52.65 -67.10
C ALA B 556 1.16 -52.07 -67.82
N PHE B 557 1.32 -50.91 -68.47
CA PHE B 557 0.21 -50.30 -69.18
C PHE B 557 -0.12 -51.00 -70.50
N LEU B 558 0.84 -51.72 -71.08
CA LEU B 558 0.63 -52.36 -72.37
C LEU B 558 -0.37 -53.51 -72.26
N GLN B 559 -1.23 -53.62 -73.26
CA GLN B 559 -2.19 -54.73 -73.31
C GLN B 559 -1.44 -56.04 -73.48
N GLY B 560 -1.98 -57.10 -72.87
CA GLY B 560 -1.31 -58.39 -72.95
C GLY B 560 -1.22 -58.89 -74.38
N GLY B 561 -0.13 -59.60 -74.67
CA GLY B 561 0.10 -60.16 -75.98
C GLY B 561 0.86 -59.28 -76.94
N GLN B 562 1.23 -58.07 -76.55
CA GLN B 562 1.94 -57.13 -77.40
C GLN B 562 3.40 -56.99 -76.98
N GLU B 563 3.98 -58.10 -76.48
CA GLU B 563 5.36 -58.11 -76.04
C GLU B 563 6.36 -58.07 -77.18
N ALA B 564 5.98 -58.52 -78.37
CA ALA B 564 6.84 -58.47 -79.54
C ALA B 564 6.72 -57.16 -80.28
N SER B 565 5.89 -56.24 -79.78
CA SER B 565 5.73 -54.95 -80.44
C SER B 565 7.01 -54.13 -80.31
N ASP B 566 7.05 -53.07 -81.09
CA ASP B 566 8.30 -52.38 -81.33
C ASP B 566 8.64 -51.52 -80.10
N ILE B 567 7.59 -50.97 -79.47
CA ILE B 567 7.72 -50.20 -78.23
C ILE B 567 8.13 -51.10 -77.07
N ALA B 568 7.61 -52.34 -77.03
CA ALA B 568 7.98 -53.25 -75.95
C ALA B 568 9.46 -53.60 -76.02
N LEU B 569 9.97 -53.82 -77.23
CA LEU B 569 11.40 -54.04 -77.42
C LEU B 569 12.19 -52.81 -77.00
N LEU B 570 11.68 -51.60 -77.31
CA LEU B 570 12.35 -50.39 -76.84
C LEU B 570 12.43 -50.34 -75.33
N LEU B 571 11.33 -50.69 -74.65
CA LEU B 571 11.31 -50.67 -73.18
C LEU B 571 12.31 -51.67 -72.61
N ARG B 572 12.37 -52.87 -73.18
CA ARG B 572 13.35 -53.85 -72.73
C ARG B 572 14.78 -53.35 -72.93
N ASP B 573 15.03 -52.70 -74.07
CA ASP B 573 16.35 -52.12 -74.32
C ASP B 573 16.69 -51.05 -73.29
N LEU B 574 15.70 -50.22 -72.94
CA LEU B 574 15.93 -49.18 -71.93
C LEU B 574 16.26 -49.79 -70.58
N GLU B 575 15.58 -50.88 -70.21
CA GLU B 575 15.89 -51.56 -68.95
C GLU B 575 17.31 -52.10 -68.96
N THR B 576 17.73 -52.73 -70.07
CA THR B 576 19.09 -53.24 -70.16
C THR B 576 20.11 -52.12 -70.07
N SER B 577 19.83 -50.99 -70.73
CA SER B 577 20.72 -49.84 -70.64
C SER B 577 20.82 -49.34 -69.21
N CYS B 578 19.70 -49.31 -68.49
CA CYS B 578 19.72 -48.92 -67.08
C CYS B 578 20.65 -49.81 -66.29
N SER B 579 20.53 -51.12 -66.47
CA SER B 579 21.40 -52.04 -65.74
C SER B 579 22.88 -51.81 -66.07
N ASP B 580 23.20 -51.62 -67.35
CA ASP B 580 24.58 -51.43 -67.76
C ASP B 580 25.16 -50.14 -67.16
N ILE B 581 24.39 -49.04 -67.24
CA ILE B 581 24.87 -47.77 -66.72
C ILE B 581 25.05 -47.86 -65.21
N ARG B 582 24.15 -48.59 -64.53
CA ARG B 582 24.30 -48.77 -63.09
C ARG B 582 25.59 -49.51 -62.76
N GLN B 583 25.92 -50.54 -63.54
CA GLN B 583 27.16 -51.27 -63.32
C GLN B 583 28.37 -50.35 -63.49
N PHE B 584 28.34 -49.50 -64.52
CA PHE B 584 29.44 -48.54 -64.70
C PHE B 584 29.52 -47.57 -63.53
N CYS B 585 28.37 -47.13 -63.01
CA CYS B 585 28.37 -46.25 -61.86
C CYS B 585 29.01 -46.91 -60.65
N LYS B 586 28.69 -48.18 -60.41
CA LYS B 586 29.32 -48.90 -59.29
C LYS B 586 30.83 -48.99 -59.49
N LYS B 587 31.27 -49.29 -60.71
CA LYS B 587 32.70 -49.37 -60.98
C LYS B 587 33.40 -48.06 -60.68
N ILE B 588 32.81 -46.94 -61.11
CA ILE B 588 33.42 -45.65 -60.84
C ILE B 588 33.41 -45.34 -59.35
N ARG B 589 32.32 -45.66 -58.66
CA ARG B 589 32.20 -45.37 -57.23
C ARG B 589 33.26 -46.10 -56.42
N ARG B 590 33.65 -47.30 -56.87
CA ARG B 590 34.66 -48.05 -56.12
C ARG B 590 36.01 -47.34 -56.06
N ARG B 591 36.38 -46.63 -57.13
CA ARG B 591 37.66 -45.93 -57.19
C ARG B 591 37.54 -44.47 -56.77
N MET B 592 36.37 -44.04 -56.30
CA MET B 592 36.16 -42.65 -55.92
C MET B 592 36.92 -42.33 -54.63
N PRO B 593 37.48 -41.12 -54.52
CA PRO B 593 38.20 -40.76 -53.28
C PRO B 593 37.27 -40.69 -52.07
N GLY B 594 37.87 -40.86 -50.89
CA GLY B 594 37.14 -40.78 -49.65
C GLY B 594 37.55 -41.76 -48.58
N THR B 595 38.02 -42.94 -48.99
CA THR B 595 38.53 -43.94 -48.06
C THR B 595 40.03 -44.12 -48.27
N ASP B 596 40.74 -44.38 -47.18
CA ASP B 596 42.19 -44.59 -47.24
C ASP B 596 42.54 -46.01 -47.68
N ALA B 597 41.94 -46.48 -48.76
CA ALA B 597 42.22 -47.80 -49.27
C ALA B 597 43.29 -47.73 -50.36
N PRO B 598 44.11 -48.76 -50.47
CA PRO B 598 45.15 -48.77 -51.51
C PRO B 598 44.54 -48.63 -52.90
N GLY B 599 45.17 -47.78 -53.73
CA GLY B 599 44.75 -47.56 -55.08
C GLY B 599 43.76 -46.44 -55.28
N ILE B 600 43.19 -45.91 -54.20
CA ILE B 600 42.20 -44.83 -54.27
C ILE B 600 42.94 -43.51 -54.19
N PRO B 601 42.80 -42.62 -55.16
CA PRO B 601 43.53 -41.35 -55.13
C PRO B 601 42.96 -40.42 -54.06
N ALA B 602 43.80 -39.45 -53.67
CA ALA B 602 43.35 -38.43 -52.74
C ALA B 602 42.36 -37.47 -53.38
N ALA B 603 42.50 -37.22 -54.69
CA ALA B 603 41.53 -36.40 -55.40
C ALA B 603 41.57 -36.75 -56.88
N LEU B 604 40.63 -36.15 -57.61
CA LEU B 604 40.50 -36.33 -59.04
C LEU B 604 40.67 -34.99 -59.73
N ALA B 605 41.24 -35.02 -60.92
CA ALA B 605 41.37 -33.84 -61.76
C ALA B 605 41.27 -34.25 -63.22
N PHE B 606 40.35 -33.62 -63.94
CA PHE B 606 40.18 -33.87 -65.37
C PHE B 606 39.93 -32.54 -66.07
N GLY B 607 40.17 -32.53 -67.38
CA GLY B 607 40.06 -31.32 -68.16
C GLY B 607 38.61 -30.91 -68.41
N ALA B 608 38.47 -29.77 -69.09
CA ALA B 608 37.14 -29.23 -69.35
C ALA B 608 36.34 -30.11 -70.31
N GLN B 609 37.02 -30.89 -71.15
CA GLN B 609 36.30 -31.74 -72.09
C GLN B 609 35.58 -32.88 -71.36
N VAL B 610 36.21 -33.43 -70.31
CA VAL B 610 35.53 -34.43 -69.50
C VAL B 610 34.31 -33.81 -68.81
N SER B 611 34.45 -32.59 -68.31
CA SER B 611 33.33 -31.91 -67.67
C SER B 611 32.19 -31.69 -68.66
N ASP B 612 32.53 -31.27 -69.88
CA ASP B 612 31.51 -31.07 -70.91
C ASP B 612 30.81 -32.38 -71.26
N THR B 613 31.58 -33.47 -71.34
CA THR B 613 30.98 -34.78 -71.58
C THR B 613 30.02 -35.16 -70.46
N LEU B 614 30.39 -34.86 -69.22
CA LEU B 614 29.49 -35.12 -68.09
C LEU B 614 28.22 -34.30 -68.20
N LEU B 615 28.33 -33.03 -68.59
CA LEU B 615 27.14 -32.20 -68.79
C LEU B 615 26.25 -32.77 -69.89
N ASP B 616 26.85 -33.23 -70.99
CA ASP B 616 26.08 -33.83 -72.07
C ASP B 616 25.36 -35.09 -71.61
N CYS B 617 26.07 -35.92 -70.84
CA CYS B 617 25.46 -37.11 -70.26
C CYS B 617 24.26 -36.75 -69.40
N ARG B 618 24.40 -35.72 -68.56
CA ARG B 618 23.30 -35.30 -67.71
C ARG B 618 22.12 -34.80 -68.54
N LYS B 619 22.40 -34.06 -69.62
CA LYS B 619 21.33 -33.54 -70.47
C LYS B 619 20.56 -34.69 -71.12
N HIS B 620 21.27 -35.69 -71.63
CA HIS B 620 20.59 -36.83 -72.26
C HIS B 620 19.77 -37.61 -71.25
N LEU B 621 20.33 -37.82 -70.04
CA LEU B 621 19.57 -38.50 -68.99
C LEU B 621 18.31 -37.73 -68.64
N THR B 622 18.42 -36.40 -68.53
CA THR B 622 17.26 -35.58 -68.24
C THR B 622 16.20 -35.70 -69.34
N TRP B 623 16.64 -35.70 -70.60
CA TRP B 623 15.69 -35.83 -71.70
C TRP B 623 14.95 -37.16 -71.64
N VAL B 624 15.69 -38.26 -71.44
CA VAL B 624 15.06 -39.58 -71.42
C VAL B 624 14.08 -39.67 -70.26
N VAL B 625 14.49 -39.20 -69.08
CA VAL B 625 13.62 -39.26 -67.90
C VAL B 625 12.36 -38.43 -68.14
N ALA B 626 12.51 -37.23 -68.71
CA ALA B 626 11.35 -36.38 -68.96
C ALA B 626 10.39 -37.02 -69.95
N VAL B 627 10.93 -37.61 -71.02
CA VAL B 627 10.07 -38.27 -72.01
C VAL B 627 9.30 -39.41 -71.37
N LEU B 628 10.00 -40.27 -70.63
CA LEU B 628 9.35 -41.42 -70.01
C LEU B 628 8.29 -40.98 -69.02
N GLN B 629 8.59 -39.95 -68.21
CA GLN B 629 7.63 -39.48 -67.21
C GLN B 629 6.39 -38.90 -67.88
N GLU B 630 6.57 -38.10 -68.94
CA GLU B 630 5.42 -37.52 -69.62
C GLU B 630 4.56 -38.60 -70.25
N VAL B 631 5.19 -39.55 -70.95
CA VAL B 631 4.44 -40.63 -71.58
C VAL B 631 3.68 -41.44 -70.54
N ALA B 632 4.35 -41.74 -69.43
CA ALA B 632 3.71 -42.54 -68.39
C ALA B 632 2.53 -41.80 -67.75
N ALA B 633 2.67 -40.49 -67.54
CA ALA B 633 1.56 -39.72 -66.97
C ALA B 633 0.35 -39.74 -67.90
N ALA B 634 0.57 -39.47 -69.19
CA ALA B 634 -0.54 -39.50 -70.13
C ALA B 634 -1.15 -40.89 -70.24
N ALA B 635 -0.32 -41.92 -70.26
CA ALA B 635 -0.81 -43.29 -70.36
C ALA B 635 -1.59 -43.69 -69.12
N ALA B 636 -1.16 -43.22 -67.94
CA ALA B 636 -1.90 -43.48 -66.72
C ALA B 636 -3.27 -42.83 -66.77
N GLN B 637 -3.36 -41.63 -67.32
CA GLN B 637 -4.68 -41.03 -67.53
C GLN B 637 -5.54 -41.88 -68.46
N LEU B 638 -4.95 -42.41 -69.53
CA LEU B 638 -5.74 -43.19 -70.48
C LEU B 638 -6.16 -44.54 -69.92
N ILE B 639 -5.35 -45.14 -69.04
CA ILE B 639 -5.64 -46.48 -68.53
C ILE B 639 -6.59 -46.48 -67.34
N ALA B 640 -6.81 -45.33 -66.70
CA ALA B 640 -7.67 -45.27 -65.53
C ALA B 640 -9.07 -45.82 -65.76
N PRO B 641 -9.79 -45.49 -66.84
CA PRO B 641 -11.13 -46.06 -67.02
C PRO B 641 -11.14 -47.51 -67.48
N LEU B 642 -9.98 -48.05 -67.86
CA LEU B 642 -9.92 -49.40 -68.38
C LEU B 642 -9.92 -50.43 -67.24
N ALA B 643 -10.44 -51.61 -67.54
CA ALA B 643 -10.44 -52.69 -66.57
C ALA B 643 -9.02 -53.19 -66.32
N GLU B 644 -8.86 -53.95 -65.23
CA GLU B 644 -7.54 -54.45 -64.86
C GLU B 644 -6.98 -55.39 -65.90
N ASN B 645 -7.83 -56.17 -66.56
CA ASN B 645 -7.39 -57.11 -67.60
C ASN B 645 -7.22 -56.45 -68.95
N GLU B 646 -7.61 -55.18 -69.10
CA GLU B 646 -7.44 -54.46 -70.35
C GLU B 646 -6.20 -53.59 -70.29
N GLY B 647 -5.62 -53.32 -71.46
CA GLY B 647 -4.41 -52.52 -71.54
C GLY B 647 -4.50 -51.53 -72.68
N LEU B 648 -3.45 -50.72 -72.79
CA LEU B 648 -3.42 -49.72 -73.85
C LEU B 648 -2.83 -50.30 -75.13
N PRO B 649 -3.26 -49.82 -76.29
CA PRO B 649 -2.66 -50.30 -77.53
C PRO B 649 -1.31 -49.65 -77.78
N VAL B 650 -0.44 -50.37 -78.48
CA VAL B 650 0.86 -49.79 -78.85
C VAL B 650 0.67 -48.54 -79.70
N ALA B 651 -0.41 -48.46 -80.46
CA ALA B 651 -0.65 -47.24 -81.24
C ALA B 651 -0.79 -46.03 -80.33
N ALA B 652 -1.53 -46.18 -79.21
CA ALA B 652 -1.73 -45.06 -78.30
C ALA B 652 -0.43 -44.66 -77.61
N LEU B 653 0.32 -45.63 -77.08
CA LEU B 653 1.60 -45.31 -76.44
C LEU B 653 2.57 -44.71 -77.45
N GLU B 654 2.55 -45.19 -78.68
CA GLU B 654 3.42 -44.64 -79.71
C GLU B 654 3.08 -43.20 -80.01
N GLU B 655 1.79 -42.88 -80.09
CA GLU B 655 1.40 -41.48 -80.30
C GLU B 655 1.86 -40.61 -79.13
N LEU B 656 1.68 -41.10 -77.91
CA LEU B 656 2.12 -40.34 -76.73
C LEU B 656 3.63 -40.14 -76.75
N ALA B 657 4.38 -41.17 -77.09
CA ALA B 657 5.83 -41.08 -77.17
C ALA B 657 6.27 -40.12 -78.27
N PHE B 658 5.59 -40.16 -79.42
CA PHE B 658 5.83 -39.19 -80.49
C PHE B 658 5.73 -37.77 -79.94
N LYS B 659 4.60 -37.48 -79.28
CA LYS B 659 4.35 -36.12 -78.80
C LYS B 659 5.39 -35.71 -77.77
N ALA B 660 5.65 -36.58 -76.79
CA ALA B 660 6.60 -36.24 -75.72
C ALA B 660 8.00 -36.04 -76.26
N SER B 661 8.46 -36.94 -77.15
CA SER B 661 9.79 -36.82 -77.71
C SER B 661 9.94 -35.56 -78.54
N GLU B 662 8.92 -35.23 -79.33
CA GLU B 662 8.99 -34.00 -80.12
C GLU B 662 9.07 -32.78 -79.21
N GLN B 663 8.30 -32.77 -78.12
CA GLN B 663 8.31 -31.61 -77.23
C GLN B 663 9.64 -31.47 -76.51
N ILE B 664 10.21 -32.57 -76.03
CA ILE B 664 11.39 -32.49 -75.17
C ILE B 664 12.67 -32.39 -75.97
N TYR B 665 12.84 -33.23 -77.00
CA TYR B 665 14.05 -33.17 -77.81
C TYR B 665 14.04 -32.00 -78.78
N GLY B 666 12.87 -31.45 -79.09
CA GLY B 666 12.76 -30.32 -79.99
C GLY B 666 12.96 -30.62 -81.45
N THR B 667 13.23 -31.89 -81.79
CA THR B 667 13.48 -32.26 -83.17
C THR B 667 12.19 -32.76 -83.80
N PRO B 668 11.59 -32.03 -84.74
CA PRO B 668 10.34 -32.50 -85.35
C PRO B 668 10.57 -33.75 -86.20
N SER B 669 9.55 -34.59 -86.25
CA SER B 669 9.50 -35.82 -87.05
C SER B 669 10.62 -36.80 -86.72
N SER B 670 11.24 -36.70 -85.55
CA SER B 670 12.24 -37.67 -85.14
C SER B 670 11.56 -38.81 -84.38
N SER B 671 11.91 -40.04 -84.72
CA SER B 671 11.30 -41.19 -84.08
C SER B 671 11.70 -41.25 -82.61
N PRO B 672 10.77 -41.37 -81.68
CA PRO B 672 11.14 -41.51 -80.27
C PRO B 672 12.00 -42.73 -80.01
N TYR B 673 11.80 -43.81 -80.76
CA TYR B 673 12.62 -45.00 -80.60
C TYR B 673 14.09 -44.66 -80.73
N GLU B 674 14.47 -44.03 -81.84
CA GLU B 674 15.89 -43.86 -82.08
C GLU B 674 16.44 -42.54 -81.52
N CYS B 675 15.56 -41.63 -81.09
CA CYS B 675 15.99 -40.59 -80.15
C CYS B 675 16.41 -41.20 -78.81
N LEU B 676 15.53 -42.01 -78.21
CA LEU B 676 15.82 -42.61 -76.90
C LEU B 676 17.00 -43.56 -76.98
N ARG B 677 17.07 -44.36 -78.06
CA ARG B 677 18.19 -45.28 -78.24
C ARG B 677 19.50 -44.53 -78.41
N GLN B 678 19.49 -43.43 -79.17
CA GLN B 678 20.70 -42.64 -79.32
C GLN B 678 21.15 -42.06 -77.99
N SER B 679 20.20 -41.55 -77.20
CA SER B 679 20.56 -41.00 -75.90
C SER B 679 21.17 -42.07 -74.99
N CYS B 680 20.56 -43.25 -74.95
CA CYS B 680 21.07 -44.32 -74.11
C CYS B 680 22.43 -44.81 -74.59
N ASN B 681 22.64 -44.87 -75.90
CA ASN B 681 23.93 -45.26 -76.44
C ASN B 681 25.01 -44.27 -76.04
N ILE B 682 24.70 -42.97 -76.12
CA ILE B 682 25.65 -41.95 -75.70
C ILE B 682 25.97 -42.12 -74.22
N LEU B 683 24.96 -42.35 -73.39
CA LEU B 683 25.19 -42.53 -71.95
C LEU B 683 26.08 -43.75 -71.69
N ILE B 684 25.78 -44.87 -72.35
CA ILE B 684 26.54 -46.09 -72.13
C ILE B 684 28.00 -45.90 -72.55
N SER B 685 28.21 -45.31 -73.72
CA SER B 685 29.57 -45.08 -74.19
C SER B 685 30.32 -44.15 -73.24
N THR B 686 29.66 -43.08 -72.78
CA THR B 686 30.32 -42.10 -71.94
C THR B 686 30.72 -42.70 -70.59
N MET B 687 29.78 -43.37 -69.90
CA MET B 687 30.15 -44.06 -68.66
C MET B 687 31.17 -45.17 -68.87
N ASN B 688 31.12 -45.89 -70.00
CA ASN B 688 32.14 -46.91 -70.20
C ASN B 688 33.53 -46.27 -70.29
N LYS B 689 33.63 -45.18 -71.05
CA LYS B 689 34.91 -44.47 -71.14
C LYS B 689 35.35 -43.93 -69.80
N LEU B 690 34.40 -43.35 -69.04
CA LEU B 690 34.73 -42.78 -67.74
C LEU B 690 35.20 -43.85 -66.77
N ALA B 691 34.50 -45.00 -66.75
CA ALA B 691 34.89 -46.09 -65.86
C ALA B 691 36.27 -46.62 -66.22
N THR B 692 36.55 -46.76 -67.52
CA THR B 692 37.88 -47.21 -67.92
C THR B 692 38.96 -46.21 -67.51
N ALA B 693 38.72 -44.92 -67.75
CA ALA B 693 39.70 -43.91 -67.38
C ALA B 693 39.93 -43.89 -65.88
N MET B 694 38.86 -44.03 -65.09
CA MET B 694 38.99 -44.09 -63.65
C MET B 694 39.76 -45.33 -63.19
N GLN B 695 39.48 -46.48 -63.81
CA GLN B 695 40.20 -47.71 -63.44
C GLN B 695 41.68 -47.61 -63.79
N GLU B 696 42.01 -46.89 -64.86
CA GLU B 696 43.39 -46.72 -65.28
C GLU B 696 44.11 -45.61 -64.53
N GLY B 697 43.41 -44.86 -63.68
CA GLY B 697 44.04 -43.78 -62.94
C GLY B 697 44.33 -42.54 -63.74
N GLU B 698 43.62 -42.32 -64.84
CA GLU B 698 43.87 -41.16 -65.68
C GLU B 698 43.52 -39.86 -64.96
N TYR B 699 42.56 -39.91 -64.03
CA TYR B 699 42.11 -38.72 -63.32
C TYR B 699 42.72 -38.59 -61.94
N ASP B 700 43.62 -39.50 -61.55
CA ASP B 700 44.24 -39.41 -60.23
C ASP B 700 45.01 -38.11 -60.10
N ALA B 701 44.82 -37.42 -58.97
CA ALA B 701 45.46 -36.15 -58.72
C ALA B 701 45.69 -35.99 -57.22
N GLU B 702 46.58 -35.06 -56.89
CA GLU B 702 46.78 -34.64 -55.51
C GLU B 702 45.75 -33.56 -55.19
N ARG B 703 45.39 -33.44 -53.91
CA ARG B 703 44.12 -32.80 -53.61
C ARG B 703 44.25 -31.30 -53.31
N PRO B 704 43.47 -30.48 -54.03
CA PRO B 704 43.65 -29.02 -54.10
C PRO B 704 42.80 -28.28 -53.09
N PRO B 705 43.27 -28.14 -51.87
CA PRO B 705 42.49 -27.41 -50.86
C PRO B 705 42.27 -25.96 -51.26
N SER B 706 41.13 -25.41 -50.84
CA SER B 706 40.83 -24.02 -51.14
C SER B 706 41.90 -23.10 -50.56
N LYS B 707 42.29 -22.08 -51.33
CA LYS B 707 43.09 -20.96 -50.83
C LYS B 707 42.33 -20.31 -49.68
N PRO B 708 42.94 -19.45 -48.87
CA PRO B 708 42.19 -18.82 -47.77
C PRO B 708 40.86 -18.29 -48.26
N PRO B 709 39.76 -18.78 -47.71
CA PRO B 709 38.46 -18.49 -48.31
C PRO B 709 38.18 -17.00 -48.28
N PRO B 710 37.34 -16.52 -49.20
CA PRO B 710 37.06 -15.07 -49.25
C PRO B 710 36.55 -14.52 -47.94
N VAL B 711 35.84 -15.33 -47.16
CA VAL B 711 35.35 -14.88 -45.86
C VAL B 711 36.50 -14.53 -44.93
N GLU B 712 37.56 -15.34 -44.94
CA GLU B 712 38.71 -15.05 -44.09
C GLU B 712 39.44 -13.79 -44.54
N LEU B 713 39.58 -13.60 -45.85
CA LEU B 713 40.19 -12.38 -46.37
C LEU B 713 39.37 -11.15 -45.99
N ARG B 714 38.05 -11.25 -46.12
CA ARG B 714 37.18 -10.14 -45.76
C ARG B 714 37.24 -9.87 -44.25
N ALA B 715 37.31 -10.92 -43.44
CA ALA B 715 37.41 -10.74 -42.00
C ALA B 715 38.73 -10.09 -41.59
N ALA B 716 39.82 -10.49 -42.22
CA ALA B 716 41.11 -9.85 -41.98
C ALA B 716 41.10 -8.39 -42.39
N ALA B 717 40.47 -8.07 -43.52
CA ALA B 717 40.32 -6.67 -43.92
C ALA B 717 39.47 -5.90 -42.91
N LEU B 718 38.35 -6.47 -42.47
CA LEU B 718 37.50 -5.76 -41.52
C LEU B 718 38.22 -5.52 -40.21
N ARG B 719 38.96 -6.54 -39.72
CA ARG B 719 39.71 -6.38 -38.48
C ARG B 719 40.79 -5.31 -38.63
N ALA B 720 41.49 -5.29 -39.78
CA ALA B 720 42.49 -4.25 -40.00
C ALA B 720 41.84 -2.88 -40.01
N GLU B 721 40.71 -2.74 -40.72
CA GLU B 721 40.00 -1.47 -40.77
C GLU B 721 39.60 -1.02 -39.37
N ILE B 722 39.10 -1.96 -38.55
CA ILE B 722 38.71 -1.63 -37.19
C ILE B 722 39.91 -1.19 -36.38
N THR B 723 41.03 -1.93 -36.48
CA THR B 723 42.14 -1.72 -35.56
C THR B 723 42.89 -0.43 -35.85
N ASP B 724 43.23 -0.18 -37.12
CA ASP B 724 44.08 1.00 -37.30
C ASP B 724 43.24 2.27 -37.36
N ALA B 725 42.00 2.19 -36.88
CA ALA B 725 41.21 3.34 -36.45
C ALA B 725 40.83 3.26 -34.97
N GLU B 726 40.77 2.06 -34.39
CA GLU B 726 40.53 1.91 -32.95
C GLU B 726 41.73 2.36 -32.15
N GLY B 727 42.95 2.15 -32.66
CA GLY B 727 44.12 2.70 -32.02
C GLY B 727 44.22 4.20 -32.16
N LEU B 728 43.59 4.76 -33.20
CA LEU B 728 43.60 6.20 -33.38
C LEU B 728 42.92 6.92 -32.22
N GLY B 729 41.92 6.30 -31.60
CA GLY B 729 41.29 6.91 -30.45
C GLY B 729 42.23 7.06 -29.27
N LEU B 730 43.00 6.00 -28.98
CA LEU B 730 44.01 6.09 -27.92
C LEU B 730 45.07 7.12 -28.27
N LYS B 731 45.50 7.15 -29.54
CA LYS B 731 46.44 8.18 -29.96
C LYS B 731 45.88 9.57 -29.75
N LEU B 732 44.60 9.76 -30.05
CA LEU B 732 43.96 11.06 -29.87
C LEU B 732 43.91 11.45 -28.41
N GLU B 733 43.65 10.49 -27.52
CA GLU B 733 43.71 10.78 -26.09
C GLU B 733 45.10 11.24 -25.67
N ASP B 734 46.13 10.54 -26.16
CA ASP B 734 47.50 10.92 -25.84
C ASP B 734 47.82 12.32 -26.38
N ARG B 735 47.33 12.64 -27.59
CA ARG B 735 47.62 13.94 -28.19
C ARG B 735 46.88 15.07 -27.48
N GLU B 736 45.62 14.84 -27.07
CA GLU B 736 44.98 15.67 -26.06
C GLU B 736 45.92 16.01 -24.92
N THR B 737 46.43 14.99 -24.24
CA THR B 737 47.26 15.23 -23.07
C THR B 737 48.49 16.05 -23.43
N VAL B 738 49.13 15.72 -24.55
CA VAL B 738 50.33 16.43 -24.99
C VAL B 738 50.02 17.89 -25.24
N ILE B 739 48.91 18.17 -25.93
CA ILE B 739 48.54 19.55 -26.25
C ILE B 739 48.28 20.35 -24.98
N LYS B 740 47.55 19.76 -24.05
CA LYS B 740 47.27 20.44 -22.78
C LYS B 740 48.58 20.78 -22.08
N GLU B 741 49.47 19.79 -21.95
CA GLU B 741 50.76 20.03 -21.30
C GLU B 741 51.56 21.10 -22.03
N LEU B 742 51.54 21.09 -23.36
CA LEU B 742 52.36 22.01 -24.14
C LEU B 742 51.90 23.45 -23.98
N LYS B 743 50.59 23.72 -24.13
CA LYS B 743 50.19 25.12 -24.01
C LYS B 743 50.23 25.60 -22.56
N LYS B 744 50.04 24.69 -21.61
CA LYS B 744 50.34 25.03 -20.24
C LYS B 744 51.79 25.49 -20.10
N SER B 745 52.71 24.73 -20.71
CA SER B 745 54.11 25.08 -20.68
C SER B 745 54.35 26.44 -21.34
N LEU B 746 53.63 26.72 -22.43
CA LEU B 746 53.76 28.06 -23.01
C LEU B 746 53.40 29.16 -22.04
N LYS B 747 52.22 29.14 -21.39
CA LYS B 747 52.00 30.33 -20.56
C LYS B 747 53.05 30.35 -19.46
N ILE B 748 53.35 29.19 -18.88
CA ILE B 748 54.23 29.16 -17.74
C ILE B 748 55.55 29.81 -18.09
N LYS B 749 56.09 29.47 -19.26
CA LYS B 749 57.44 29.89 -19.58
C LYS B 749 57.44 31.28 -20.21
N GLY B 750 56.30 31.70 -20.78
CA GLY B 750 56.15 33.10 -21.17
C GLY B 750 56.11 34.05 -20.00
N GLU B 751 55.38 33.69 -18.95
CA GLU B 751 55.31 34.57 -17.78
C GLU B 751 56.51 34.36 -16.84
N GLU B 752 57.26 33.29 -17.03
CA GLU B 752 58.65 33.27 -16.56
C GLU B 752 59.52 34.29 -17.30
N LEU B 753 59.41 34.36 -18.64
CA LEU B 753 60.09 35.43 -19.37
C LEU B 753 59.72 36.80 -18.84
N SER B 754 58.43 37.05 -18.67
CA SER B 754 57.99 38.37 -18.24
C SER B 754 58.63 38.73 -16.91
N GLU B 755 58.65 37.78 -15.97
CA GLU B 755 59.30 38.05 -14.69
C GLU B 755 60.79 38.33 -14.85
N ALA B 756 61.50 37.45 -15.57
CA ALA B 756 62.94 37.64 -15.76
C ALA B 756 63.21 38.97 -16.43
N ASN B 757 62.28 39.43 -17.25
CA ASN B 757 62.54 40.55 -18.14
C ASN B 757 62.34 41.84 -17.35
N VAL B 758 61.35 41.84 -16.45
CA VAL B 758 61.23 42.86 -15.41
C VAL B 758 62.50 42.90 -14.57
N ARG B 759 63.04 41.73 -14.20
CA ARG B 759 64.23 41.70 -13.36
C ARG B 759 65.43 42.31 -14.06
N LEU B 760 65.60 42.00 -15.35
CA LEU B 760 66.59 42.70 -16.17
C LEU B 760 66.44 44.21 -16.09
N SER B 761 65.23 44.71 -16.32
CA SER B 761 65.05 46.16 -16.28
C SER B 761 65.44 46.70 -14.91
N LEU B 762 64.96 46.03 -13.86
CA LEU B 762 65.20 46.50 -12.51
C LEU B 762 66.67 46.56 -12.19
N LEU B 763 67.43 45.51 -12.52
CA LEU B 763 68.82 45.50 -12.06
C LEU B 763 69.77 46.18 -13.04
N GLU B 764 69.33 46.48 -14.26
CA GLU B 764 70.03 47.51 -15.03
C GLU B 764 69.91 48.86 -14.32
N LYS B 765 68.69 49.25 -13.98
CA LYS B 765 68.52 50.49 -13.22
C LYS B 765 69.27 50.41 -11.91
N LYS B 766 69.33 49.22 -11.31
CA LYS B 766 70.00 49.04 -10.03
C LYS B 766 71.51 49.18 -10.17
N LEU B 767 72.08 48.72 -11.28
CA LEU B 767 73.51 48.94 -11.50
C LEU B 767 73.81 50.44 -11.58
N ASP B 768 73.02 51.16 -12.38
CA ASP B 768 73.25 52.60 -12.49
C ASP B 768 73.06 53.31 -11.14
N SER B 769 71.93 53.04 -10.49
CA SER B 769 71.66 53.71 -9.23
C SER B 769 72.53 53.16 -8.12
N ALA B 770 73.19 52.02 -8.35
CA ALA B 770 74.14 51.50 -7.38
C ALA B 770 75.44 52.28 -7.46
N ALA B 771 75.85 52.67 -8.66
CA ALA B 771 76.92 53.65 -8.76
C ALA B 771 76.54 54.93 -8.03
N LYS B 772 75.35 55.45 -8.33
CA LYS B 772 74.83 56.64 -7.66
C LYS B 772 74.84 56.46 -6.13
N ASP B 773 74.31 55.33 -5.66
CA ASP B 773 74.09 55.09 -4.24
C ASP B 773 75.39 54.81 -3.51
N ALA B 774 76.35 54.18 -4.19
CA ALA B 774 77.67 54.02 -3.61
C ALA B 774 78.30 55.37 -3.35
N ASP B 775 78.25 56.24 -4.36
CA ASP B 775 78.72 57.61 -4.14
C ASP B 775 78.03 58.23 -2.93
N GLU B 776 76.71 58.03 -2.81
CA GLU B 776 76.01 58.83 -1.83
C GLU B 776 76.00 58.18 -0.44
N ARG B 777 76.20 56.85 -0.29
CA ARG B 777 76.56 56.45 1.07
C ARG B 777 77.98 56.87 1.39
N ILE B 778 78.89 56.88 0.42
CA ILE B 778 80.24 57.29 0.76
C ILE B 778 80.20 58.69 1.35
N GLU B 779 79.43 59.57 0.70
CA GLU B 779 79.22 60.91 1.22
C GLU B 779 78.50 60.91 2.57
N LYS B 780 77.56 59.99 2.78
CA LYS B 780 76.90 59.91 4.09
C LYS B 780 77.86 59.51 5.21
N VAL B 781 78.55 58.38 5.04
CA VAL B 781 79.49 57.89 6.05
C VAL B 781 80.57 58.91 6.29
N GLN B 782 80.88 59.69 5.27
CA GLN B 782 82.10 60.46 5.27
C GLN B 782 81.80 61.85 5.83
N THR B 783 80.53 62.27 5.67
CA THR B 783 79.93 63.30 6.53
C THR B 783 79.89 62.88 7.99
N ARG B 784 79.49 61.64 8.26
CA ARG B 784 79.44 61.16 9.65
C ARG B 784 80.82 61.19 10.27
N LEU B 785 81.82 60.76 9.53
CA LEU B 785 83.20 60.81 10.00
C LEU B 785 83.62 62.24 10.29
N GLU B 786 83.26 63.18 9.41
CA GLU B 786 83.56 64.58 9.66
C GLU B 786 82.89 65.06 10.93
N GLU B 787 81.62 64.70 11.14
CA GLU B 787 80.90 65.15 12.32
C GLU B 787 81.51 64.58 13.59
N THR B 788 81.90 63.30 13.56
CA THR B 788 82.52 62.69 14.73
C THR B 788 83.87 63.33 15.04
N GLN B 789 84.66 63.62 14.00
CA GLN B 789 85.93 64.31 14.22
C GLN B 789 85.69 65.71 14.77
N ALA B 790 84.64 66.37 14.29
CA ALA B 790 84.30 67.69 14.81
C ALA B 790 83.92 67.64 16.27
N LEU B 791 83.11 66.65 16.68
CA LEU B 791 82.89 66.44 18.10
C LEU B 791 84.17 66.15 18.84
N LEU B 792 85.05 65.35 18.26
CA LEU B 792 86.28 65.02 18.97
C LEU B 792 87.07 66.28 19.27
N ARG B 793 87.16 67.18 18.30
CA ARG B 793 87.90 68.43 18.49
C ARG B 793 87.18 69.39 19.43
N LYS B 794 85.87 69.51 19.25
CA LYS B 794 84.96 70.18 20.18
C LYS B 794 85.23 69.76 21.63
N LYS B 795 85.08 68.46 21.89
CA LYS B 795 85.27 67.92 23.22
C LYS B 795 86.72 68.09 23.66
N GLU B 796 87.65 68.09 22.72
CA GLU B 796 89.04 68.26 23.10
C GLU B 796 89.32 69.67 23.61
N LYS B 797 88.81 70.71 22.95
CA LYS B 797 89.05 72.00 23.59
C LYS B 797 88.28 72.07 24.91
N GLU B 798 87.02 71.63 24.91
CA GLU B 798 86.24 71.73 26.15
C GLU B 798 86.95 71.03 27.30
N PHE B 799 87.47 69.83 27.05
CA PHE B 799 88.36 69.14 27.97
C PHE B 799 89.50 70.05 28.40
N GLU B 800 90.09 70.78 27.46
CA GLU B 800 91.30 71.52 27.77
C GLU B 800 90.97 72.74 28.64
N GLU B 801 89.90 73.49 28.33
CA GLU B 801 89.49 74.53 29.26
C GLU B 801 89.15 73.94 30.62
N THR B 802 88.56 72.75 30.66
CA THR B 802 88.15 72.23 31.96
C THR B 802 89.34 71.83 32.81
N MET B 803 90.28 71.06 32.24
CA MET B 803 91.63 70.94 32.80
C MET B 803 92.18 72.26 33.31
N ASP B 804 92.20 73.29 32.47
CA ASP B 804 92.85 74.53 32.86
C ASP B 804 92.15 75.17 34.04
N ALA B 805 90.81 75.20 34.01
CA ALA B 805 90.06 75.80 35.10
C ALA B 805 90.23 75.05 36.40
N LEU B 806 90.18 73.71 36.34
CA LEU B 806 90.33 72.92 37.55
C LEU B 806 91.74 73.02 38.10
N GLN B 807 92.74 73.04 37.21
CA GLN B 807 94.11 73.22 37.64
C GLN B 807 94.30 74.59 38.29
N ALA B 808 93.66 75.62 37.72
CA ALA B 808 93.72 76.94 38.34
C ALA B 808 93.06 76.94 39.71
N ASP B 809 91.95 76.23 39.85
CA ASP B 809 91.30 76.11 41.15
C ASP B 809 92.21 75.41 42.15
N ILE B 810 92.87 74.34 41.72
CA ILE B 810 93.80 73.62 42.60
C ILE B 810 94.96 74.52 43.01
N ASP B 811 95.52 75.26 42.05
CA ASP B 811 96.61 76.19 42.36
C ASP B 811 96.15 77.27 43.32
N GLN B 812 94.95 77.81 43.10
CA GLN B 812 94.42 78.83 43.99
C GLN B 812 94.20 78.27 45.38
N LEU B 813 93.70 77.03 45.48
CA LEU B 813 93.50 76.42 46.78
C LEU B 813 94.82 76.15 47.50
N GLU B 814 95.84 75.71 46.77
CA GLU B 814 97.15 75.52 47.37
C GLU B 814 97.73 76.85 47.84
N ALA B 815 97.61 77.88 47.02
CA ALA B 815 98.09 79.20 47.40
C ALA B 815 97.31 79.72 48.60
N GLU B 816 96.02 79.46 48.66
CA GLU B 816 95.21 79.90 49.79
C GLU B 816 95.56 79.15 51.06
N LYS B 817 95.87 77.85 50.95
CA LYS B 817 96.33 77.10 52.11
C LYS B 817 97.66 77.64 52.62
N ALA B 818 98.60 77.91 51.70
CA ALA B 818 99.88 78.50 52.11
C ALA B 818 99.67 79.88 52.72
N GLU B 819 98.75 80.66 52.15
CA GLU B 819 98.45 81.99 52.67
C GLU B 819 97.82 81.90 54.05
N LEU B 820 96.98 80.88 54.29
CA LEU B 820 96.40 80.71 55.61
C LEU B 820 97.46 80.33 56.64
N LYS B 821 98.40 79.47 56.26
CA LYS B 821 99.52 79.17 57.16
C LYS B 821 100.32 80.42 57.47
N GLN B 822 100.60 81.21 56.43
CA GLN B 822 101.32 82.46 56.62
C GLN B 822 100.53 83.43 57.50
N ARG B 823 99.21 83.50 57.31
CA ARG B 823 98.37 84.39 58.12
C ARG B 823 98.34 83.95 59.57
N LEU B 824 98.29 82.64 59.81
CA LEU B 824 98.36 82.13 61.19
C LEU B 824 99.64 82.57 61.86
N ASN B 825 100.77 82.33 61.20
CA ASN B 825 102.07 82.74 61.75
C ASN B 825 102.12 84.26 61.94
N SER B 826 101.57 85.01 60.98
CA SER B 826 101.65 86.46 61.01
C SER B 826 100.79 87.05 62.12
N GLN B 827 99.60 86.48 62.36
CA GLN B 827 98.79 86.92 63.48
C GLN B 827 99.51 86.68 64.80
N SER B 828 100.12 85.49 64.94
CA SER B 828 100.88 85.20 66.16
C SER B 828 102.00 86.20 66.35
N LYS B 829 102.69 86.58 65.26
CA LYS B 829 103.80 87.50 65.39
C LYS B 829 103.33 88.94 65.63
N ARG B 830 102.20 89.34 65.03
CA ARG B 830 101.70 90.69 65.23
C ARG B 830 101.23 90.91 66.66
N THR B 831 100.77 89.85 67.32
CA THR B 831 100.37 90.02 68.72
C THR B 831 101.55 90.43 69.60
N ILE B 832 102.71 89.79 69.44
CA ILE B 832 103.87 90.13 70.27
C ILE B 832 104.67 91.28 69.67
N GLU B 833 104.43 91.63 68.41
CA GLU B 833 105.08 92.81 67.85
C GLU B 833 104.26 94.07 68.06
N GLY B 834 103.00 93.94 68.50
CA GLY B 834 102.21 95.11 68.83
C GLY B 834 102.39 95.56 70.26
N ILE B 835 102.85 94.65 71.14
CA ILE B 835 103.09 95.00 72.54
C ILE B 835 104.44 95.68 72.74
N ARG B 836 105.44 95.34 71.95
CA ARG B 836 106.76 95.98 72.05
C ARG B 836 106.70 97.32 71.32
N GLY B 837 106.78 98.41 72.09
CA GLY B 837 106.90 99.72 71.50
C GLY B 837 108.20 99.81 70.73
N PRO B 838 108.24 100.66 69.69
CA PRO B 838 109.42 100.72 68.82
C PRO B 838 110.66 101.22 69.56
#